data_8E5N
#
_entry.id   8E5N
#
_cell.length_a   53.423
_cell.length_b   287.535
_cell.length_c   67.351
_cell.angle_alpha   90.000
_cell.angle_beta   90.200
_cell.angle_gamma   90.000
#
_symmetry.space_group_name_H-M   'P 1 21 1'
#
loop_
_entity.id
_entity.type
_entity.pdbx_description
1 polymer Arginase-1
2 non-polymer 'MANGANESE (II) ION'
3 non-polymer '1-{[(3S,4S)-3-(3-fluorophenyl)-4-{[4-(1,3,4-triethyl-1H-pyrazol-5-yl)piperidin-1-yl]methyl}pyrrolidin-1-yl]methyl}cyclopentane-1-carboxylic acid'
4 water water
#
_entity_poly.entity_id   1
_entity_poly.type   'polypeptide(L)'
_entity_poly.pdbx_seq_one_letter_code
;MSAKSRTIGIIGAPFSKGQPRGGVEEGPTVLRKAGLLEKLKEQECDVKDYGDLPFADIPNDSPFQIVKNPRSVGKASEQL
AGKVAEVKKNGRISLVLGGDHSLAIGSISGHARVHPDLGVIWVDAHTDINTPLTTTSGNLHGQPVSFLLKELKGKIPDVP
GFSWVTPCISAKDIVYIGLRDVDPGEHYILKTLGIKYFSMTEVDRLGIGKVMEETLSYLLGRKKRPIHLSFDVDGLDPSF
TPATGTPVVGGLTYREGLYITEEIYKTGLLSGLDIMEVNPSLGKTPEEVTRTVNTAVAITLACFGLAREGNHKPIDYLNP
PK
;
_entity_poly.pdbx_strand_id   A,B,C,D,E,F
#
# COMPACT_ATOMS: atom_id res chain seq x y z
N ALA A 3 -12.64 -31.68 -35.31
CA ALA A 3 -11.71 -31.61 -34.18
C ALA A 3 -12.43 -31.11 -32.89
N LYS A 4 -11.77 -31.20 -31.70
CA LYS A 4 -12.36 -30.74 -30.44
C LYS A 4 -12.75 -29.23 -30.46
N SER A 5 -12.33 -28.50 -31.50
CA SER A 5 -12.62 -27.08 -31.69
C SER A 5 -13.71 -26.83 -32.76
N ARG A 6 -13.97 -27.82 -33.62
CA ARG A 6 -15.00 -27.75 -34.64
C ARG A 6 -16.08 -28.83 -34.44
N THR A 7 -16.31 -29.30 -33.19
CA THR A 7 -17.35 -30.29 -32.87
C THR A 7 -18.39 -29.55 -32.08
N ILE A 8 -19.58 -29.33 -32.66
CA ILE A 8 -20.57 -28.43 -32.05
C ILE A 8 -21.93 -29.08 -31.65
N GLY A 9 -22.49 -28.60 -30.55
CA GLY A 9 -23.82 -28.98 -30.09
C GLY A 9 -24.74 -27.77 -30.08
N ILE A 10 -25.48 -27.55 -31.18
CA ILE A 10 -26.39 -26.43 -31.38
C ILE A 10 -27.63 -26.41 -30.49
N ILE A 11 -27.63 -25.54 -29.50
CA ILE A 11 -28.77 -25.34 -28.64
C ILE A 11 -29.50 -24.06 -29.04
N GLY A 12 -30.81 -24.13 -29.11
CA GLY A 12 -31.64 -22.96 -29.35
C GLY A 12 -32.29 -22.57 -28.04
N ALA A 13 -32.40 -21.27 -27.78
CA ALA A 13 -33.02 -20.79 -26.55
C ALA A 13 -34.04 -19.70 -26.85
N PRO A 14 -35.28 -20.06 -27.22
CA PRO A 14 -36.29 -19.01 -27.50
C PRO A 14 -36.90 -18.47 -26.21
N PHE A 15 -36.23 -17.51 -25.53
CA PHE A 15 -36.75 -16.96 -24.27
C PHE A 15 -36.38 -15.47 -24.09
N SER A 16 -37.38 -14.61 -23.79
CA SER A 16 -37.18 -13.17 -23.63
C SER A 16 -37.66 -12.58 -22.30
N LYS A 17 -38.19 -13.40 -21.40
CA LYS A 17 -38.77 -12.90 -20.15
C LYS A 17 -37.74 -12.38 -19.11
N GLY A 18 -36.49 -12.25 -19.53
CA GLY A 18 -35.41 -11.69 -18.70
C GLY A 18 -35.26 -10.17 -18.85
N GLN A 19 -36.01 -9.56 -19.78
CA GLN A 19 -35.97 -8.14 -20.02
C GLN A 19 -37.35 -7.58 -20.51
N PRO A 20 -37.58 -6.24 -20.51
CA PRO A 20 -38.89 -5.73 -20.91
C PRO A 20 -39.15 -5.48 -22.41
N ARG A 21 -38.30 -5.96 -23.33
CA ARG A 21 -38.52 -5.74 -24.78
C ARG A 21 -38.69 -7.06 -25.60
N GLY A 22 -39.89 -7.29 -26.12
CA GLY A 22 -40.27 -8.46 -26.91
C GLY A 22 -39.67 -8.56 -28.31
N GLY A 23 -39.46 -9.80 -28.76
CA GLY A 23 -38.84 -10.11 -30.04
C GLY A 23 -37.47 -10.78 -29.91
N VAL A 24 -36.89 -10.79 -28.68
CA VAL A 24 -35.58 -11.42 -28.45
C VAL A 24 -35.72 -12.96 -28.34
N GLU A 25 -36.95 -13.47 -28.12
CA GLU A 25 -37.25 -14.89 -28.17
C GLU A 25 -37.24 -15.38 -29.66
N GLU A 26 -37.11 -14.47 -30.66
CA GLU A 26 -37.02 -14.81 -32.08
C GLU A 26 -35.58 -14.69 -32.63
N GLY A 27 -34.60 -14.79 -31.75
CA GLY A 27 -33.18 -14.84 -32.07
C GLY A 27 -32.78 -16.22 -32.59
N PRO A 28 -33.18 -17.34 -31.93
CA PRO A 28 -32.84 -18.67 -32.49
C PRO A 28 -33.50 -18.97 -33.84
N THR A 29 -34.60 -18.29 -34.15
CA THR A 29 -35.32 -18.48 -35.40
C THR A 29 -34.47 -17.88 -36.54
N VAL A 30 -34.25 -16.55 -36.52
CA VAL A 30 -33.59 -15.74 -37.52
C VAL A 30 -32.13 -16.10 -37.81
N LEU A 31 -31.35 -16.46 -36.77
CA LEU A 31 -29.95 -16.90 -36.95
C LEU A 31 -29.91 -18.21 -37.77
N ARG A 32 -30.89 -19.10 -37.53
CA ARG A 32 -31.04 -20.35 -38.27
C ARG A 32 -31.52 -20.05 -39.71
N LYS A 33 -32.36 -19.03 -39.91
CA LYS A 33 -32.84 -18.67 -41.25
C LYS A 33 -31.66 -18.24 -42.12
N ALA A 34 -30.74 -17.46 -41.54
CA ALA A 34 -29.53 -16.99 -42.22
C ALA A 34 -28.46 -18.09 -42.39
N GLY A 35 -28.90 -19.35 -42.39
CA GLY A 35 -28.10 -20.56 -42.58
C GLY A 35 -26.90 -20.72 -41.69
N LEU A 36 -27.04 -20.60 -40.35
CA LEU A 36 -25.90 -20.74 -39.45
C LEU A 36 -25.34 -22.16 -39.46
N LEU A 37 -26.22 -23.17 -39.45
CA LEU A 37 -25.81 -24.58 -39.46
C LEU A 37 -25.20 -25.06 -40.79
N GLU A 38 -25.84 -24.73 -41.93
CA GLU A 38 -25.35 -25.06 -43.27
C GLU A 38 -23.89 -24.60 -43.44
N LYS A 39 -23.60 -23.34 -43.03
CA LYS A 39 -22.29 -22.69 -43.06
C LYS A 39 -21.21 -23.35 -42.19
N LEU A 40 -21.56 -23.79 -40.97
CA LEU A 40 -20.59 -24.44 -40.09
C LEU A 40 -20.10 -25.76 -40.66
N LYS A 41 -21.01 -26.62 -41.17
CA LYS A 41 -20.67 -27.90 -41.81
C LYS A 41 -19.71 -27.71 -43.02
N GLU A 42 -19.78 -26.53 -43.67
CA GLU A 42 -18.90 -26.16 -44.79
C GLU A 42 -17.50 -25.85 -44.25
N GLN A 43 -17.41 -25.16 -43.12
CA GLN A 43 -16.13 -24.88 -42.46
C GLN A 43 -15.51 -26.12 -41.78
N GLU A 44 -15.98 -27.33 -42.15
CA GLU A 44 -15.55 -28.64 -41.65
C GLU A 44 -15.88 -28.82 -40.18
N CYS A 45 -17.12 -28.49 -39.83
CA CYS A 45 -17.57 -28.64 -38.47
C CYS A 45 -18.55 -29.81 -38.31
N ASP A 46 -18.24 -30.76 -37.41
CA ASP A 46 -19.14 -31.88 -37.09
C ASP A 46 -20.24 -31.21 -36.23
N VAL A 47 -21.45 -31.05 -36.80
CA VAL A 47 -22.54 -30.34 -36.14
C VAL A 47 -23.73 -31.24 -35.80
N LYS A 48 -24.35 -31.02 -34.62
CA LYS A 48 -25.53 -31.75 -34.16
C LYS A 48 -26.55 -30.74 -33.65
N ASP A 49 -27.82 -30.96 -33.96
CA ASP A 49 -28.89 -30.06 -33.54
C ASP A 49 -29.71 -30.64 -32.41
N TYR A 50 -29.43 -30.23 -31.18
CA TYR A 50 -30.22 -30.68 -30.03
C TYR A 50 -31.63 -30.09 -30.07
N GLY A 51 -31.76 -28.86 -30.57
CA GLY A 51 -33.05 -28.20 -30.76
C GLY A 51 -33.22 -26.87 -30.06
N ASP A 52 -34.29 -26.15 -30.40
CA ASP A 52 -34.65 -24.88 -29.75
C ASP A 52 -35.52 -25.28 -28.56
N LEU A 53 -35.03 -25.07 -27.32
CA LEU A 53 -35.68 -25.48 -26.07
C LEU A 53 -37.12 -24.97 -25.83
N PRO A 54 -38.10 -25.84 -25.53
CA PRO A 54 -39.47 -25.35 -25.27
C PRO A 54 -39.59 -24.74 -23.86
N PHE A 55 -40.23 -23.56 -23.72
CA PHE A 55 -40.32 -22.91 -22.41
C PHE A 55 -41.71 -22.87 -21.81
N ALA A 56 -41.85 -23.64 -20.73
CA ALA A 56 -43.04 -23.84 -19.89
C ALA A 56 -43.58 -22.52 -19.47
N ASP A 57 -44.83 -22.24 -19.85
CA ASP A 57 -45.47 -20.96 -19.54
C ASP A 57 -46.03 -20.96 -18.15
N ILE A 58 -45.35 -20.21 -17.25
CA ILE A 58 -45.74 -20.07 -15.85
C ILE A 58 -46.88 -19.07 -15.73
N PRO A 59 -48.06 -19.54 -15.32
CA PRO A 59 -49.20 -18.63 -15.13
C PRO A 59 -49.02 -17.82 -13.84
N ASN A 60 -49.32 -16.51 -13.89
CA ASN A 60 -49.17 -15.58 -12.77
C ASN A 60 -47.75 -15.59 -12.17
N ASP A 61 -46.78 -14.94 -12.82
CA ASP A 61 -45.41 -14.90 -12.28
C ASP A 61 -45.22 -13.66 -11.45
N SER A 62 -45.54 -13.78 -10.16
CA SER A 62 -45.41 -12.72 -9.18
C SER A 62 -43.95 -12.31 -9.07
N PRO A 63 -43.67 -11.02 -8.99
CA PRO A 63 -42.28 -10.59 -8.91
C PRO A 63 -41.65 -10.84 -7.54
N PHE A 64 -40.31 -10.80 -7.50
CA PHE A 64 -39.60 -10.88 -6.25
C PHE A 64 -39.07 -9.48 -6.06
N GLN A 65 -39.79 -8.66 -5.29
CA GLN A 65 -39.48 -7.26 -5.07
C GLN A 65 -39.68 -6.51 -6.41
N ILE A 66 -38.68 -5.80 -6.95
CA ILE A 66 -38.82 -5.08 -8.23
C ILE A 66 -38.42 -5.97 -9.45
N VAL A 67 -37.91 -7.22 -9.21
CA VAL A 67 -37.50 -8.24 -10.20
C VAL A 67 -38.71 -8.91 -10.90
N LYS A 68 -38.86 -8.70 -12.22
CA LYS A 68 -40.01 -9.25 -12.96
C LYS A 68 -39.77 -10.66 -13.57
N ASN A 69 -40.75 -11.55 -13.39
CA ASN A 69 -40.76 -12.94 -13.85
C ASN A 69 -39.60 -13.82 -13.29
N PRO A 70 -39.52 -14.03 -11.98
CA PRO A 70 -38.42 -14.83 -11.42
C PRO A 70 -38.50 -16.34 -11.66
N ARG A 71 -39.71 -16.92 -11.62
CA ARG A 71 -39.88 -18.36 -11.84
C ARG A 71 -39.66 -18.74 -13.30
N SER A 72 -39.99 -17.85 -14.24
CA SER A 72 -39.81 -18.11 -15.67
C SER A 72 -38.31 -18.15 -15.99
N VAL A 73 -37.55 -17.13 -15.56
CA VAL A 73 -36.10 -17.08 -15.73
C VAL A 73 -35.41 -18.22 -14.97
N GLY A 74 -35.90 -18.47 -13.77
CA GLY A 74 -35.41 -19.54 -12.91
C GLY A 74 -35.55 -20.93 -13.47
N LYS A 75 -36.62 -21.21 -14.22
CA LYS A 75 -36.81 -22.55 -14.82
C LYS A 75 -36.31 -22.60 -16.26
N ALA A 76 -36.29 -21.46 -16.98
CA ALA A 76 -35.76 -21.45 -18.34
C ALA A 76 -34.25 -21.71 -18.28
N SER A 77 -33.55 -21.09 -17.30
CA SER A 77 -32.13 -21.31 -17.10
C SER A 77 -31.86 -22.70 -16.56
N GLU A 78 -32.78 -23.25 -15.72
CA GLU A 78 -32.68 -24.62 -15.22
C GLU A 78 -32.86 -25.65 -16.34
N GLN A 79 -33.70 -25.34 -17.33
CA GLN A 79 -33.92 -26.18 -18.51
C GLN A 79 -32.66 -26.14 -19.39
N LEU A 80 -32.02 -24.97 -19.49
CA LEU A 80 -30.80 -24.83 -20.28
C LEU A 80 -29.67 -25.57 -19.65
N ALA A 81 -29.47 -25.44 -18.34
CA ALA A 81 -28.40 -26.13 -17.61
C ALA A 81 -28.35 -27.63 -17.85
N GLY A 82 -29.53 -28.27 -17.92
CA GLY A 82 -29.63 -29.71 -18.14
C GLY A 82 -29.21 -30.14 -19.53
N LYS A 83 -29.53 -29.32 -20.53
CA LYS A 83 -29.18 -29.55 -21.93
C LYS A 83 -27.73 -29.12 -22.24
N VAL A 84 -27.20 -28.11 -21.51
CA VAL A 84 -25.81 -27.68 -21.70
C VAL A 84 -24.92 -28.81 -21.16
N ALA A 85 -25.24 -29.35 -19.97
CA ALA A 85 -24.47 -30.46 -19.37
C ALA A 85 -24.47 -31.67 -20.30
N GLU A 86 -25.64 -32.02 -20.89
CA GLU A 86 -25.82 -33.09 -21.86
C GLU A 86 -24.91 -32.91 -23.08
N VAL A 87 -24.99 -31.77 -23.77
CA VAL A 87 -24.15 -31.45 -24.94
C VAL A 87 -22.67 -31.54 -24.59
N LYS A 88 -22.27 -30.93 -23.45
CA LYS A 88 -20.87 -30.94 -23.01
C LYS A 88 -20.38 -32.33 -22.66
N LYS A 89 -21.26 -33.19 -22.17
CA LYS A 89 -20.93 -34.57 -21.85
C LYS A 89 -20.90 -35.45 -23.11
N ASN A 90 -21.62 -35.07 -24.17
CA ASN A 90 -21.60 -35.78 -25.43
C ASN A 90 -20.33 -35.47 -26.29
N GLY A 91 -19.28 -34.97 -25.63
CA GLY A 91 -18.01 -34.60 -26.25
C GLY A 91 -18.18 -33.55 -27.30
N ARG A 92 -18.98 -32.50 -26.98
CA ARG A 92 -19.32 -31.41 -27.92
C ARG A 92 -19.29 -30.00 -27.30
N ILE A 93 -18.99 -28.99 -28.12
CA ILE A 93 -18.91 -27.60 -27.66
C ILE A 93 -20.28 -26.93 -27.79
N SER A 94 -20.88 -26.53 -26.65
CA SER A 94 -22.20 -25.92 -26.64
C SER A 94 -22.27 -24.58 -27.37
N LEU A 95 -23.31 -24.41 -28.19
CA LEU A 95 -23.57 -23.20 -28.96
C LEU A 95 -25.01 -22.80 -28.67
N VAL A 96 -25.17 -21.94 -27.66
CA VAL A 96 -26.47 -21.45 -27.26
C VAL A 96 -26.85 -20.29 -28.12
N LEU A 97 -28.09 -20.33 -28.65
CA LEU A 97 -28.65 -19.29 -29.50
C LEU A 97 -29.81 -18.58 -28.81
N GLY A 98 -29.55 -17.39 -28.30
CA GLY A 98 -30.57 -16.63 -27.58
C GLY A 98 -31.27 -15.61 -28.44
N GLY A 99 -32.24 -14.90 -27.87
CA GLY A 99 -32.59 -15.01 -26.46
C GLY A 99 -31.97 -13.91 -25.63
N ASP A 100 -32.30 -13.85 -24.32
CA ASP A 100 -31.74 -12.80 -23.47
C ASP A 100 -30.51 -13.30 -22.67
N HIS A 101 -29.79 -12.42 -21.94
CA HIS A 101 -28.58 -12.87 -21.23
C HIS A 101 -28.86 -13.62 -19.91
N SER A 102 -30.08 -13.52 -19.34
CA SER A 102 -30.39 -14.27 -18.11
C SER A 102 -30.16 -15.79 -18.24
N LEU A 103 -30.07 -16.28 -19.49
CA LEU A 103 -29.84 -17.67 -19.83
C LEU A 103 -28.41 -18.14 -19.52
N ALA A 104 -27.46 -17.19 -19.34
CA ALA A 104 -26.07 -17.50 -18.97
C ALA A 104 -25.93 -18.16 -17.58
N ILE A 105 -27.02 -18.17 -16.77
CA ILE A 105 -26.99 -18.86 -15.47
C ILE A 105 -26.88 -20.37 -15.76
N GLY A 106 -27.83 -20.89 -16.53
CA GLY A 106 -27.85 -22.30 -16.90
C GLY A 106 -26.73 -22.67 -17.85
N SER A 107 -26.36 -21.74 -18.75
CA SER A 107 -25.26 -21.98 -19.68
C SER A 107 -23.92 -22.20 -18.95
N ILE A 108 -23.53 -21.28 -18.08
CA ILE A 108 -22.30 -21.42 -17.31
C ILE A 108 -22.42 -22.56 -16.27
N SER A 109 -23.59 -22.69 -15.62
CA SER A 109 -23.79 -23.75 -14.62
C SER A 109 -23.68 -25.13 -15.24
N GLY A 110 -24.34 -25.33 -16.38
CA GLY A 110 -24.34 -26.58 -17.13
C GLY A 110 -22.94 -26.98 -17.55
N HIS A 111 -22.15 -26.00 -18.00
CA HIS A 111 -20.79 -26.18 -18.46
C HIS A 111 -19.87 -26.52 -17.29
N ALA A 112 -20.02 -25.86 -16.13
CA ALA A 112 -19.14 -26.16 -14.99
C ALA A 112 -19.41 -27.51 -14.31
N ARG A 113 -20.47 -28.21 -14.71
CA ARG A 113 -20.76 -29.56 -14.19
C ARG A 113 -19.81 -30.58 -14.88
N VAL A 114 -19.46 -30.33 -16.14
CA VAL A 114 -18.57 -31.18 -16.94
C VAL A 114 -17.14 -30.64 -16.86
N HIS A 115 -16.99 -29.33 -16.89
CA HIS A 115 -15.71 -28.67 -16.83
C HIS A 115 -15.68 -27.65 -15.68
N PRO A 116 -15.52 -28.11 -14.41
CA PRO A 116 -15.54 -27.18 -13.27
C PRO A 116 -14.44 -26.11 -13.22
N ASP A 117 -13.38 -26.24 -14.01
CA ASP A 117 -12.30 -25.25 -14.04
C ASP A 117 -12.47 -24.23 -15.16
N LEU A 118 -13.71 -23.99 -15.65
CA LEU A 118 -14.00 -23.06 -16.76
C LEU A 118 -13.63 -21.56 -16.53
N GLY A 119 -13.12 -20.92 -17.58
CA GLY A 119 -12.77 -19.50 -17.58
C GLY A 119 -13.77 -18.73 -18.43
N VAL A 120 -14.33 -17.63 -17.91
CA VAL A 120 -15.36 -16.89 -18.62
C VAL A 120 -14.93 -15.52 -19.17
N ILE A 121 -15.03 -15.35 -20.50
CA ILE A 121 -14.81 -14.10 -21.22
C ILE A 121 -16.20 -13.53 -21.51
N TRP A 122 -16.45 -12.29 -21.08
CA TRP A 122 -17.77 -11.69 -21.26
C TRP A 122 -17.61 -10.45 -22.13
N VAL A 123 -17.98 -10.55 -23.40
CA VAL A 123 -17.92 -9.48 -24.38
C VAL A 123 -19.33 -8.92 -24.39
N ASP A 124 -19.51 -7.72 -23.83
CA ASP A 124 -20.81 -7.10 -23.60
C ASP A 124 -20.63 -5.66 -23.14
N ALA A 125 -21.57 -4.78 -23.47
CA ALA A 125 -21.55 -3.39 -23.03
C ALA A 125 -21.81 -3.28 -21.51
N HIS A 126 -22.60 -4.22 -20.96
CA HIS A 126 -22.96 -4.26 -19.56
C HIS A 126 -22.26 -5.39 -18.80
N THR A 127 -22.08 -5.16 -17.48
CA THR A 127 -21.42 -6.11 -16.60
C THR A 127 -22.37 -7.25 -16.17
N ASP A 128 -23.69 -6.97 -16.13
CA ASP A 128 -24.78 -7.90 -15.79
C ASP A 128 -24.55 -8.64 -14.48
N ILE A 129 -23.83 -8.02 -13.54
CA ILE A 129 -23.48 -8.64 -12.27
C ILE A 129 -24.36 -8.15 -11.10
N ASN A 130 -25.50 -7.46 -11.39
CA ASN A 130 -26.42 -6.96 -10.37
C ASN A 130 -27.02 -8.10 -9.60
N THR A 131 -27.34 -7.87 -8.32
CA THR A 131 -28.00 -8.88 -7.50
C THR A 131 -29.52 -8.58 -7.45
N PRO A 132 -30.37 -9.53 -6.99
CA PRO A 132 -31.81 -9.20 -6.88
C PRO A 132 -32.16 -8.08 -5.89
N LEU A 133 -31.16 -7.52 -5.18
CA LEU A 133 -31.37 -6.40 -4.28
C LEU A 133 -30.75 -5.13 -4.91
N THR A 134 -29.52 -5.23 -5.48
CA THR A 134 -28.89 -4.09 -6.15
C THR A 134 -29.52 -3.74 -7.48
N THR A 135 -30.39 -4.61 -8.04
CA THR A 135 -31.04 -4.29 -9.31
C THR A 135 -31.93 -3.07 -9.16
N THR A 136 -32.05 -2.27 -10.23
CA THR A 136 -32.91 -1.07 -10.28
C THR A 136 -33.93 -1.17 -11.44
N SER A 137 -33.51 -1.81 -12.54
CA SER A 137 -34.37 -2.09 -13.70
C SER A 137 -35.30 -3.32 -13.46
N GLY A 138 -34.92 -4.18 -12.51
CA GLY A 138 -35.68 -5.39 -12.21
C GLY A 138 -35.54 -6.49 -13.24
N ASN A 139 -34.81 -6.24 -14.32
CA ASN A 139 -34.57 -7.18 -15.40
C ASN A 139 -33.60 -8.25 -14.96
N LEU A 140 -33.92 -9.54 -15.22
CA LEU A 140 -33.01 -10.63 -14.81
C LEU A 140 -31.85 -10.86 -15.79
N HIS A 141 -31.93 -10.29 -17.02
CA HIS A 141 -30.81 -10.40 -17.95
C HIS A 141 -29.56 -9.59 -17.45
N GLY A 142 -29.75 -8.68 -16.49
CA GLY A 142 -28.69 -7.90 -15.88
C GLY A 142 -28.22 -8.44 -14.53
N GLN A 143 -28.58 -9.67 -14.18
CA GLN A 143 -28.21 -10.27 -12.91
C GLN A 143 -27.43 -11.60 -12.94
N PRO A 144 -27.25 -12.30 -14.08
CA PRO A 144 -26.60 -13.62 -14.03
C PRO A 144 -25.28 -13.75 -13.24
N VAL A 145 -24.24 -12.99 -13.58
CA VAL A 145 -22.91 -13.09 -12.98
C VAL A 145 -22.93 -13.11 -11.45
N SER A 146 -23.93 -12.47 -10.85
CA SER A 146 -24.08 -12.46 -9.40
C SER A 146 -24.40 -13.86 -8.87
N PHE A 147 -25.43 -14.54 -9.44
CA PHE A 147 -25.88 -15.88 -9.03
C PHE A 147 -24.78 -16.93 -9.22
N LEU A 148 -23.99 -16.78 -10.30
CA LEU A 148 -22.90 -17.64 -10.74
C LEU A 148 -21.64 -17.53 -9.89
N LEU A 149 -21.39 -16.35 -9.31
CA LEU A 149 -20.20 -16.08 -8.50
C LEU A 149 -20.25 -16.66 -7.11
N LYS A 150 -19.15 -17.22 -6.69
CA LYS A 150 -19.02 -17.79 -5.37
C LYS A 150 -18.79 -16.70 -4.32
N GLU A 151 -18.06 -15.63 -4.66
CA GLU A 151 -17.76 -14.53 -3.74
C GLU A 151 -19.00 -13.81 -3.20
N LEU A 152 -20.09 -13.85 -3.95
CA LEU A 152 -21.35 -13.23 -3.54
C LEU A 152 -22.25 -14.17 -2.73
N LYS A 153 -21.74 -15.34 -2.26
CA LYS A 153 -22.59 -16.25 -1.47
C LYS A 153 -22.96 -15.58 -0.15
N GLY A 154 -24.24 -15.60 0.18
CA GLY A 154 -24.74 -14.88 1.35
C GLY A 154 -25.23 -13.48 0.98
N LYS A 155 -24.75 -12.94 -0.16
CA LYS A 155 -25.17 -11.63 -0.66
C LYS A 155 -26.24 -11.69 -1.77
N ILE A 156 -26.86 -12.89 -1.98
CA ILE A 156 -27.93 -13.12 -2.95
C ILE A 156 -29.13 -13.71 -2.17
N PRO A 157 -30.36 -13.15 -2.31
CA PRO A 157 -31.50 -13.68 -1.54
C PRO A 157 -32.14 -14.93 -2.14
N ASP A 158 -33.18 -15.47 -1.45
CA ASP A 158 -33.92 -16.65 -1.93
C ASP A 158 -34.93 -16.17 -2.98
N VAL A 159 -34.54 -16.16 -4.25
CA VAL A 159 -35.44 -15.74 -5.32
C VAL A 159 -36.09 -16.99 -5.96
N PRO A 160 -37.45 -17.02 -6.05
CA PRO A 160 -38.15 -18.21 -6.57
C PRO A 160 -37.71 -18.63 -7.96
N GLY A 161 -37.24 -19.87 -8.05
CA GLY A 161 -36.74 -20.44 -9.29
C GLY A 161 -35.25 -20.70 -9.30
N PHE A 162 -34.53 -20.24 -8.27
CA PHE A 162 -33.07 -20.38 -8.23
C PHE A 162 -32.56 -21.23 -7.08
N SER A 163 -33.39 -22.15 -6.57
CA SER A 163 -33.05 -23.07 -5.47
C SER A 163 -31.97 -24.06 -5.89
N TRP A 164 -32.04 -24.52 -7.17
CA TRP A 164 -31.09 -25.43 -7.81
C TRP A 164 -29.71 -24.78 -8.05
N VAL A 165 -29.63 -23.44 -8.01
CA VAL A 165 -28.46 -22.63 -8.27
C VAL A 165 -27.39 -22.79 -7.22
N THR A 166 -26.28 -23.34 -7.68
CA THR A 166 -25.09 -23.53 -6.90
C THR A 166 -24.07 -22.73 -7.67
N PRO A 167 -23.61 -21.58 -7.12
CA PRO A 167 -22.58 -20.78 -7.82
C PRO A 167 -21.36 -21.62 -8.19
N CYS A 168 -20.71 -21.32 -9.33
CA CYS A 168 -19.62 -22.15 -9.81
C CYS A 168 -18.37 -21.40 -10.30
N ILE A 169 -18.41 -20.05 -10.33
CA ILE A 169 -17.23 -19.31 -10.79
C ILE A 169 -16.62 -18.46 -9.69
N SER A 170 -15.32 -18.24 -9.78
CA SER A 170 -14.61 -17.40 -8.85
C SER A 170 -14.36 -16.05 -9.54
N ALA A 171 -14.17 -14.98 -8.76
CA ALA A 171 -13.94 -13.63 -9.25
C ALA A 171 -12.75 -13.53 -10.19
N LYS A 172 -11.70 -14.37 -9.96
CA LYS A 172 -10.49 -14.45 -10.79
C LYS A 172 -10.65 -15.33 -12.05
N ASP A 173 -11.84 -15.93 -12.24
CA ASP A 173 -12.15 -16.78 -13.39
C ASP A 173 -13.02 -16.05 -14.43
N ILE A 174 -12.95 -14.71 -14.49
CA ILE A 174 -13.76 -13.95 -15.44
C ILE A 174 -13.05 -12.67 -15.92
N VAL A 175 -13.21 -12.36 -17.21
CA VAL A 175 -12.69 -11.14 -17.83
C VAL A 175 -13.85 -10.40 -18.53
N TYR A 176 -13.85 -9.06 -18.47
CA TYR A 176 -14.86 -8.27 -19.17
C TYR A 176 -14.23 -7.60 -20.37
N ILE A 177 -14.99 -7.49 -21.49
CA ILE A 177 -14.50 -6.86 -22.72
C ILE A 177 -15.59 -6.04 -23.44
N GLY A 178 -15.58 -4.72 -23.26
CA GLY A 178 -16.54 -3.85 -23.96
C GLY A 178 -17.33 -2.88 -23.12
N LEU A 179 -17.31 -3.04 -21.80
CA LEU A 179 -18.04 -2.23 -20.83
C LEU A 179 -18.11 -0.69 -21.10
N ARG A 180 -19.30 -0.09 -20.88
CA ARG A 180 -19.52 1.34 -21.09
C ARG A 180 -20.83 1.86 -20.46
N ASP A 181 -21.73 0.96 -20.02
CA ASP A 181 -22.99 1.35 -19.35
C ASP A 181 -23.10 0.55 -18.05
N VAL A 182 -22.43 1.03 -17.00
CA VAL A 182 -22.41 0.33 -15.71
C VAL A 182 -23.16 1.09 -14.59
N ASP A 183 -23.88 0.35 -13.75
CA ASP A 183 -24.64 0.88 -12.62
C ASP A 183 -23.73 0.95 -11.39
N PRO A 184 -23.90 1.95 -10.52
CA PRO A 184 -23.03 2.05 -9.34
C PRO A 184 -22.78 0.76 -8.55
N GLY A 185 -23.85 0.00 -8.27
CA GLY A 185 -23.74 -1.26 -7.55
C GLY A 185 -22.93 -2.32 -8.26
N GLU A 186 -22.97 -2.31 -9.58
CA GLU A 186 -22.23 -3.25 -10.40
C GLU A 186 -20.73 -2.89 -10.41
N HIS A 187 -20.42 -1.58 -10.55
CA HIS A 187 -19.07 -1.05 -10.50
C HIS A 187 -18.44 -1.34 -9.11
N TYR A 188 -19.24 -1.16 -8.04
CA TYR A 188 -18.81 -1.39 -6.65
C TYR A 188 -18.24 -2.81 -6.41
N ILE A 189 -18.99 -3.85 -6.84
CA ILE A 189 -18.61 -5.25 -6.73
C ILE A 189 -17.34 -5.56 -7.54
N LEU A 190 -17.18 -4.91 -8.69
CA LEU A 190 -16.01 -5.11 -9.55
C LEU A 190 -14.74 -4.65 -8.86
N LYS A 191 -14.80 -3.54 -8.11
CA LYS A 191 -13.62 -3.01 -7.42
C LYS A 191 -13.36 -3.79 -6.12
N THR A 192 -14.43 -4.03 -5.34
CA THR A 192 -14.27 -4.72 -4.06
C THR A 192 -14.15 -6.26 -4.18
N LEU A 193 -14.06 -6.80 -5.41
CA LEU A 193 -13.90 -8.25 -5.63
C LEU A 193 -12.70 -8.61 -6.52
N GLY A 194 -11.88 -7.63 -6.89
CA GLY A 194 -10.70 -7.81 -7.73
C GLY A 194 -10.94 -8.60 -9.00
N ILE A 195 -11.92 -8.14 -9.83
CA ILE A 195 -12.27 -8.78 -11.09
C ILE A 195 -11.58 -8.05 -12.26
N LYS A 196 -10.98 -8.78 -13.20
CA LYS A 196 -10.30 -8.15 -14.34
C LYS A 196 -11.27 -7.59 -15.40
N TYR A 197 -11.41 -6.25 -15.48
CA TYR A 197 -12.32 -5.63 -16.45
C TYR A 197 -11.60 -4.79 -17.53
N PHE A 198 -12.03 -4.92 -18.80
CA PHE A 198 -11.48 -4.16 -19.91
C PHE A 198 -12.62 -3.36 -20.50
N SER A 199 -12.91 -2.20 -19.91
CA SER A 199 -13.96 -1.34 -20.42
C SER A 199 -13.49 -0.69 -21.73
N MET A 200 -14.38 0.07 -22.41
CA MET A 200 -13.98 0.73 -23.66
C MET A 200 -12.78 1.63 -23.50
N THR A 201 -12.57 2.17 -22.28
CA THR A 201 -11.44 3.03 -21.96
C THR A 201 -10.15 2.24 -22.10
N GLU A 202 -10.14 0.98 -21.58
CA GLU A 202 -9.04 0.01 -21.61
C GLU A 202 -8.77 -0.50 -23.02
N VAL A 203 -9.82 -0.61 -23.86
CA VAL A 203 -9.62 -1.04 -25.24
C VAL A 203 -9.00 0.10 -26.05
N ASP A 204 -9.52 1.34 -25.85
CA ASP A 204 -9.03 2.56 -26.50
C ASP A 204 -7.57 2.86 -26.20
N ARG A 205 -7.11 2.45 -25.01
CA ARG A 205 -5.79 2.63 -24.47
C ARG A 205 -4.81 1.57 -24.95
N LEU A 206 -5.20 0.29 -24.89
CA LEU A 206 -4.35 -0.87 -25.18
C LEU A 206 -4.54 -1.58 -26.54
N GLY A 207 -5.54 -1.19 -27.33
CA GLY A 207 -5.83 -1.84 -28.61
C GLY A 207 -6.35 -3.26 -28.45
N ILE A 208 -7.18 -3.75 -29.39
CA ILE A 208 -7.74 -5.10 -29.28
C ILE A 208 -6.64 -6.22 -29.27
N GLY A 209 -5.44 -5.91 -29.72
CA GLY A 209 -4.33 -6.86 -29.66
C GLY A 209 -3.86 -7.12 -28.23
N LYS A 210 -3.72 -6.06 -27.42
CA LYS A 210 -3.29 -6.18 -26.01
C LYS A 210 -4.44 -6.58 -25.07
N VAL A 211 -5.68 -6.32 -25.48
CA VAL A 211 -6.84 -6.77 -24.74
C VAL A 211 -6.90 -8.31 -24.88
N MET A 212 -6.65 -8.81 -26.07
CA MET A 212 -6.61 -10.24 -26.34
C MET A 212 -5.33 -10.91 -25.87
N GLU A 213 -4.23 -10.13 -25.78
CA GLU A 213 -2.96 -10.58 -25.25
C GLU A 213 -3.17 -10.83 -23.75
N GLU A 214 -3.45 -9.75 -22.98
CA GLU A 214 -3.64 -9.79 -21.52
C GLU A 214 -4.68 -10.80 -21.05
N THR A 215 -5.83 -10.90 -21.75
CA THR A 215 -6.93 -11.82 -21.43
C THR A 215 -6.53 -13.30 -21.40
N LEU A 216 -5.92 -13.80 -22.50
CA LEU A 216 -5.54 -15.20 -22.63
C LEU A 216 -4.37 -15.63 -21.72
N SER A 217 -3.36 -14.77 -21.54
CA SER A 217 -2.28 -15.09 -20.58
C SER A 217 -2.81 -15.09 -19.11
N TYR A 218 -3.94 -14.40 -18.86
CA TYR A 218 -4.56 -14.30 -17.54
C TYR A 218 -5.48 -15.47 -17.22
N LEU A 219 -6.33 -15.90 -18.17
CA LEU A 219 -7.25 -17.02 -17.90
C LEU A 219 -6.58 -18.38 -17.97
N LEU A 220 -5.50 -18.49 -18.72
CA LEU A 220 -4.77 -19.73 -18.90
C LEU A 220 -3.36 -19.58 -18.30
N GLY A 221 -3.29 -19.03 -17.09
CA GLY A 221 -2.02 -18.78 -16.41
C GLY A 221 -1.15 -20.01 -16.21
N ARG A 222 -1.30 -20.65 -15.04
CA ARG A 222 -0.59 -21.86 -14.62
C ARG A 222 -0.78 -23.06 -15.56
N LYS A 223 -2.02 -23.32 -16.06
CA LYS A 223 -2.23 -24.46 -16.96
C LYS A 223 -3.39 -24.26 -17.96
N LYS A 224 -3.44 -25.12 -19.01
CA LYS A 224 -4.50 -25.11 -20.02
C LYS A 224 -5.81 -25.50 -19.37
N ARG A 225 -6.92 -24.83 -19.76
CA ARG A 225 -8.26 -25.05 -19.20
C ARG A 225 -9.38 -24.69 -20.24
N PRO A 226 -10.67 -25.03 -20.01
CA PRO A 226 -11.70 -24.72 -21.03
C PRO A 226 -12.26 -23.29 -20.97
N ILE A 227 -12.43 -22.65 -22.13
CA ILE A 227 -12.97 -21.28 -22.19
C ILE A 227 -14.49 -21.23 -22.53
N HIS A 228 -15.30 -20.44 -21.78
CA HIS A 228 -16.74 -20.22 -22.03
C HIS A 228 -16.95 -18.73 -22.42
N LEU A 229 -17.10 -18.46 -23.71
CA LEU A 229 -17.30 -17.09 -24.19
C LEU A 229 -18.81 -16.76 -24.21
N SER A 230 -19.21 -15.80 -23.35
CA SER A 230 -20.60 -15.37 -23.33
C SER A 230 -20.68 -14.08 -24.14
N PHE A 231 -21.18 -14.19 -25.37
CA PHE A 231 -21.20 -13.07 -26.29
C PHE A 231 -22.56 -12.39 -26.44
N ASP A 232 -22.66 -11.14 -25.98
CA ASP A 232 -23.86 -10.35 -26.13
C ASP A 232 -23.58 -9.42 -27.28
N VAL A 233 -24.49 -9.36 -28.28
CA VAL A 233 -24.25 -8.53 -29.47
C VAL A 233 -24.30 -7.01 -29.20
N ASP A 234 -24.70 -6.60 -27.99
CA ASP A 234 -24.67 -5.19 -27.62
C ASP A 234 -23.24 -4.76 -27.20
N GLY A 235 -22.35 -5.74 -26.92
CA GLY A 235 -20.95 -5.52 -26.61
C GLY A 235 -20.25 -4.73 -27.68
N LEU A 236 -20.65 -5.01 -28.93
CA LEU A 236 -20.25 -4.35 -30.15
C LEU A 236 -21.12 -3.06 -30.29
N ASP A 237 -20.72 -2.17 -31.17
CA ASP A 237 -21.41 -0.90 -31.38
C ASP A 237 -22.74 -1.14 -32.06
N PRO A 238 -23.80 -0.38 -31.68
CA PRO A 238 -25.11 -0.56 -32.33
C PRO A 238 -25.22 -0.11 -33.80
N SER A 239 -24.08 0.30 -34.42
CA SER A 239 -24.02 0.64 -35.85
C SER A 239 -23.71 -0.61 -36.72
N PHE A 240 -23.41 -1.75 -36.06
CA PHE A 240 -23.15 -3.10 -36.60
C PHE A 240 -24.23 -4.08 -36.07
N THR A 241 -24.79 -3.79 -34.88
CA THR A 241 -25.84 -4.61 -34.26
C THR A 241 -27.00 -3.76 -33.70
N PRO A 242 -27.76 -3.03 -34.56
CA PRO A 242 -28.88 -2.22 -34.04
C PRO A 242 -30.01 -3.03 -33.40
N ALA A 243 -30.36 -4.20 -33.97
CA ALA A 243 -31.43 -5.06 -33.49
C ALA A 243 -31.07 -5.79 -32.18
N THR A 244 -31.02 -5.03 -31.08
CA THR A 244 -30.67 -5.49 -29.73
C THR A 244 -31.32 -4.56 -28.69
N GLY A 245 -31.75 -5.15 -27.57
CA GLY A 245 -32.50 -4.50 -26.49
C GLY A 245 -31.96 -3.28 -25.79
N THR A 246 -30.69 -3.36 -25.29
CA THR A 246 -30.06 -2.22 -24.60
C THR A 246 -28.81 -1.76 -25.35
N PRO A 247 -28.99 -0.98 -26.42
CA PRO A 247 -27.84 -0.55 -27.22
C PRO A 247 -27.17 0.73 -26.71
N VAL A 248 -25.81 0.72 -26.65
CA VAL A 248 -24.97 1.85 -26.21
C VAL A 248 -23.98 2.27 -27.32
N VAL A 249 -24.03 3.55 -27.75
CA VAL A 249 -23.17 4.10 -28.81
C VAL A 249 -21.66 4.00 -28.49
N GLY A 250 -20.81 4.19 -29.51
CA GLY A 250 -19.36 4.15 -29.40
C GLY A 250 -18.79 3.03 -28.57
N GLY A 251 -18.79 1.83 -29.15
CA GLY A 251 -18.28 0.61 -28.52
C GLY A 251 -17.48 -0.23 -29.51
N LEU A 252 -17.33 -1.52 -29.20
CA LEU A 252 -16.55 -2.48 -29.99
C LEU A 252 -16.92 -2.59 -31.46
N THR A 253 -15.93 -2.55 -32.34
CA THR A 253 -16.16 -2.60 -33.77
C THR A 253 -16.51 -4.03 -34.25
N TYR A 254 -16.98 -4.13 -35.48
CA TYR A 254 -17.24 -5.37 -36.17
C TYR A 254 -15.92 -6.16 -36.36
N ARG A 255 -14.76 -5.46 -36.34
CA ARG A 255 -13.43 -5.99 -36.50
C ARG A 255 -12.91 -6.48 -35.15
N GLU A 256 -13.05 -5.68 -34.08
CA GLU A 256 -12.56 -6.07 -32.76
C GLU A 256 -13.30 -7.27 -32.23
N GLY A 257 -14.60 -7.32 -32.46
CA GLY A 257 -15.42 -8.47 -32.06
C GLY A 257 -14.95 -9.76 -32.71
N LEU A 258 -14.47 -9.67 -33.96
CA LEU A 258 -13.94 -10.77 -34.75
C LEU A 258 -12.54 -11.12 -34.27
N TYR A 259 -11.69 -10.11 -34.03
CA TYR A 259 -10.34 -10.33 -33.52
C TYR A 259 -10.34 -11.13 -32.20
N ILE A 260 -11.28 -10.81 -31.28
CA ILE A 260 -11.47 -11.51 -30.02
C ILE A 260 -11.83 -12.99 -30.30
N THR A 261 -12.82 -13.22 -31.16
CA THR A 261 -13.30 -14.57 -31.41
C THR A 261 -12.28 -15.43 -32.16
N GLU A 262 -11.55 -14.85 -33.11
CA GLU A 262 -10.51 -15.56 -33.88
C GLU A 262 -9.41 -16.09 -32.94
N GLU A 263 -9.05 -15.30 -31.93
CA GLU A 263 -8.04 -15.60 -30.94
C GLU A 263 -8.40 -16.78 -30.06
N ILE A 264 -9.63 -16.84 -29.57
CA ILE A 264 -10.08 -17.98 -28.73
C ILE A 264 -10.06 -19.28 -29.56
N TYR A 265 -10.31 -19.18 -30.90
CA TYR A 265 -10.24 -20.36 -31.76
C TYR A 265 -8.82 -20.81 -31.84
N LYS A 266 -7.88 -19.89 -32.09
CA LYS A 266 -6.45 -20.21 -32.22
C LYS A 266 -5.90 -21.03 -31.02
N THR A 267 -6.46 -20.82 -29.80
CA THR A 267 -6.07 -21.59 -28.62
C THR A 267 -6.59 -23.04 -28.74
N GLY A 268 -7.83 -23.18 -29.22
CA GLY A 268 -8.52 -24.44 -29.38
C GLY A 268 -9.18 -24.89 -28.09
N LEU A 269 -9.46 -23.93 -27.19
CA LEU A 269 -10.04 -24.26 -25.93
C LEU A 269 -11.44 -23.70 -25.70
N LEU A 270 -12.10 -23.16 -26.75
CA LEU A 270 -13.48 -22.68 -26.59
C LEU A 270 -14.37 -23.91 -26.43
N SER A 271 -15.05 -24.01 -25.27
CA SER A 271 -15.90 -25.14 -24.86
C SER A 271 -17.33 -24.77 -24.46
N GLY A 272 -17.70 -23.49 -24.58
CA GLY A 272 -19.02 -22.98 -24.25
C GLY A 272 -19.24 -21.64 -24.91
N LEU A 273 -20.27 -21.52 -25.74
CA LEU A 273 -20.54 -20.27 -26.46
C LEU A 273 -22.00 -19.77 -26.29
N ASP A 274 -22.17 -18.46 -26.09
CA ASP A 274 -23.49 -17.87 -25.92
C ASP A 274 -23.64 -16.75 -26.93
N ILE A 275 -24.69 -16.76 -27.76
CA ILE A 275 -24.91 -15.73 -28.78
C ILE A 275 -26.19 -15.06 -28.32
N MET A 276 -26.05 -13.98 -27.51
CA MET A 276 -27.17 -13.35 -26.82
C MET A 276 -27.62 -11.98 -27.34
N GLU A 277 -28.86 -11.66 -26.99
CA GLU A 277 -29.57 -10.43 -27.20
C GLU A 277 -29.82 -10.05 -28.66
N VAL A 278 -30.14 -11.02 -29.52
CA VAL A 278 -30.51 -10.70 -30.90
C VAL A 278 -32.02 -10.57 -31.04
N ASN A 279 -32.48 -9.35 -31.27
CA ASN A 279 -33.88 -9.07 -31.38
C ASN A 279 -34.24 -8.59 -32.78
N PRO A 280 -34.75 -9.46 -33.67
CA PRO A 280 -35.17 -9.00 -35.01
C PRO A 280 -36.39 -8.06 -35.01
N SER A 281 -37.10 -7.95 -33.86
CA SER A 281 -38.22 -7.02 -33.77
C SER A 281 -37.78 -5.58 -33.45
N LEU A 282 -36.47 -5.35 -33.23
CA LEU A 282 -35.91 -4.03 -32.94
C LEU A 282 -35.20 -3.41 -34.12
N GLY A 283 -35.59 -3.81 -35.32
CA GLY A 283 -35.09 -3.23 -36.55
C GLY A 283 -35.86 -1.97 -36.87
N LYS A 284 -35.16 -1.01 -37.46
CA LYS A 284 -35.72 0.28 -37.90
C LYS A 284 -35.76 0.38 -39.45
N THR A 285 -35.36 -0.71 -40.15
CA THR A 285 -35.30 -1.02 -41.58
C THR A 285 -34.93 -2.51 -41.60
N PRO A 286 -35.53 -3.36 -42.48
CA PRO A 286 -35.16 -4.78 -42.49
C PRO A 286 -33.67 -5.08 -42.74
N GLU A 287 -32.89 -4.03 -43.10
CA GLU A 287 -31.44 -4.11 -43.31
C GLU A 287 -30.68 -4.10 -41.97
N GLU A 288 -31.21 -3.46 -40.91
CA GLU A 288 -30.56 -3.41 -39.59
C GLU A 288 -30.66 -4.74 -38.85
N VAL A 289 -31.71 -5.52 -39.11
CA VAL A 289 -31.89 -6.88 -38.59
C VAL A 289 -30.91 -7.75 -39.36
N THR A 290 -30.90 -7.65 -40.71
CA THR A 290 -29.98 -8.34 -41.62
C THR A 290 -28.52 -8.02 -41.27
N ARG A 291 -28.25 -6.84 -40.74
CA ARG A 291 -26.92 -6.40 -40.36
C ARG A 291 -26.53 -7.00 -39.00
N THR A 292 -27.46 -7.00 -38.06
CA THR A 292 -27.23 -7.53 -36.72
C THR A 292 -26.99 -9.04 -36.81
N VAL A 293 -27.83 -9.74 -37.62
CA VAL A 293 -27.79 -11.18 -37.83
C VAL A 293 -26.56 -11.58 -38.63
N ASN A 294 -26.10 -10.75 -39.56
CA ASN A 294 -24.85 -11.03 -40.29
C ASN A 294 -23.67 -10.96 -39.30
N THR A 295 -23.68 -9.93 -38.44
CA THR A 295 -22.64 -9.72 -37.45
C THR A 295 -22.60 -10.88 -36.42
N ALA A 296 -23.78 -11.40 -36.08
CA ALA A 296 -23.90 -12.52 -35.16
C ALA A 296 -23.27 -13.79 -35.76
N VAL A 297 -23.54 -14.08 -37.07
CA VAL A 297 -22.99 -15.24 -37.76
C VAL A 297 -21.48 -15.10 -38.02
N ALA A 298 -21.02 -13.87 -38.29
CA ALA A 298 -19.60 -13.62 -38.50
C ALA A 298 -18.83 -13.92 -37.20
N ILE A 299 -19.39 -13.53 -36.05
CA ILE A 299 -18.78 -13.79 -34.75
C ILE A 299 -18.64 -15.29 -34.49
N THR A 300 -19.73 -16.03 -34.71
CA THR A 300 -19.80 -17.46 -34.45
C THR A 300 -18.91 -18.27 -35.37
N LEU A 301 -18.95 -17.98 -36.68
CA LEU A 301 -18.09 -18.67 -37.64
C LEU A 301 -16.59 -18.49 -37.28
N ALA A 302 -16.22 -17.31 -36.75
CA ALA A 302 -14.86 -16.99 -36.32
C ALA A 302 -14.43 -17.75 -35.07
N CYS A 303 -15.42 -18.18 -34.24
CA CYS A 303 -15.21 -19.05 -33.06
C CYS A 303 -14.80 -20.48 -33.48
N PHE A 304 -15.12 -20.90 -34.73
CA PHE A 304 -14.83 -22.24 -35.23
C PHE A 304 -13.85 -22.27 -36.43
N GLY A 305 -13.03 -21.23 -36.56
CA GLY A 305 -11.98 -21.21 -37.57
C GLY A 305 -12.18 -20.40 -38.82
N LEU A 306 -13.19 -19.50 -38.90
CA LEU A 306 -13.37 -18.67 -40.08
C LEU A 306 -12.38 -17.51 -40.09
N ALA A 307 -11.16 -17.82 -40.49
CA ALA A 307 -10.07 -16.86 -40.53
C ALA A 307 -10.23 -15.85 -41.65
N ARG A 308 -9.97 -14.58 -41.36
CA ARG A 308 -10.05 -13.52 -42.36
C ARG A 308 -8.82 -13.52 -43.31
N GLU A 309 -7.72 -14.19 -42.89
CA GLU A 309 -6.55 -14.35 -43.74
C GLU A 309 -6.76 -15.44 -44.82
N GLY A 310 -7.72 -16.34 -44.60
CA GLY A 310 -8.03 -17.42 -45.52
C GLY A 310 -8.14 -18.76 -44.82
N ASN A 311 -8.80 -19.70 -45.48
CA ASN A 311 -9.01 -21.05 -44.98
C ASN A 311 -8.87 -22.01 -46.16
N HIS A 312 -8.27 -23.18 -45.95
CA HIS A 312 -8.13 -24.15 -47.03
C HIS A 312 -8.10 -25.59 -46.54
N LYS A 313 -8.43 -26.53 -47.41
CA LYS A 313 -8.38 -27.95 -47.07
C LYS A 313 -6.91 -28.44 -47.14
N PRO A 314 -6.52 -29.43 -46.32
CA PRO A 314 -5.12 -29.92 -46.37
C PRO A 314 -4.81 -30.78 -47.60
N ILE A 315 -4.81 -30.16 -48.79
CA ILE A 315 -4.57 -30.80 -50.09
C ILE A 315 -3.70 -29.86 -50.98
N ASP A 316 -3.16 -30.42 -52.08
CA ASP A 316 -2.39 -29.62 -53.04
C ASP A 316 -3.41 -28.87 -53.93
N TYR A 317 -3.38 -27.52 -53.92
CA TYR A 317 -4.30 -26.75 -54.77
C TYR A 317 -3.72 -26.50 -56.17
N LEU A 318 -2.38 -26.54 -56.33
CA LEU A 318 -1.72 -26.42 -57.65
C LEU A 318 -1.60 -27.83 -58.27
N ASN A 319 -2.70 -28.60 -58.18
CA ASN A 319 -2.90 -29.97 -58.64
C ASN A 319 -4.36 -30.32 -58.40
N ALA B 3 -15.74 18.83 -4.19
CA ALA B 3 -14.87 18.20 -5.19
C ALA B 3 -14.37 19.25 -6.19
N LYS B 4 -13.05 19.45 -6.28
CA LYS B 4 -12.49 20.48 -7.18
C LYS B 4 -12.77 20.13 -8.66
N SER B 5 -12.54 18.86 -9.00
CA SER B 5 -12.75 18.31 -10.33
C SER B 5 -14.24 18.22 -10.77
N ARG B 6 -15.16 18.58 -9.86
CA ARG B 6 -16.60 18.54 -10.07
C ARG B 6 -17.30 19.85 -9.73
N THR B 7 -16.54 20.92 -9.47
CA THR B 7 -17.02 22.26 -9.14
C THR B 7 -16.83 23.07 -10.39
N ILE B 8 -17.95 23.53 -10.97
CA ILE B 8 -17.92 24.17 -12.27
C ILE B 8 -18.68 25.52 -12.26
N GLY B 9 -18.26 26.40 -13.17
CA GLY B 9 -18.84 27.72 -13.45
C GLY B 9 -19.25 27.73 -14.91
N ILE B 10 -20.57 27.73 -15.20
CA ILE B 10 -21.04 27.62 -16.58
C ILE B 10 -21.25 28.96 -17.25
N ILE B 11 -20.26 29.37 -18.05
CA ILE B 11 -20.38 30.56 -18.84
C ILE B 11 -20.84 30.11 -20.21
N GLY B 12 -21.97 30.62 -20.67
CA GLY B 12 -22.50 30.35 -22.00
C GLY B 12 -22.23 31.56 -22.86
N ALA B 13 -21.58 31.37 -23.99
CA ALA B 13 -21.20 32.45 -24.88
C ALA B 13 -21.84 32.31 -26.26
N PRO B 14 -22.99 32.98 -26.48
CA PRO B 14 -23.66 32.90 -27.79
C PRO B 14 -23.07 33.85 -28.84
N PHE B 15 -21.85 33.60 -29.31
CA PHE B 15 -21.19 34.49 -30.28
C PHE B 15 -20.97 33.83 -31.61
N SER B 16 -21.16 34.55 -32.74
CA SER B 16 -20.98 33.94 -34.06
C SER B 16 -20.22 34.79 -35.08
N LYS B 17 -19.97 36.09 -34.79
CA LYS B 17 -19.25 37.00 -35.69
C LYS B 17 -17.75 36.69 -35.86
N GLY B 18 -17.32 35.51 -35.40
CA GLY B 18 -15.96 35.02 -35.63
C GLY B 18 -15.87 34.12 -36.86
N GLN B 19 -17.04 33.66 -37.36
CA GLN B 19 -17.16 32.82 -38.55
C GLN B 19 -18.35 33.31 -39.42
N PRO B 20 -18.37 32.99 -40.73
CA PRO B 20 -19.43 33.56 -41.60
C PRO B 20 -20.77 32.82 -41.66
N ARG B 21 -21.01 31.85 -40.75
CA ARG B 21 -22.26 31.08 -40.80
C ARG B 21 -23.10 31.29 -39.54
N GLY B 22 -24.35 31.70 -39.71
CA GLY B 22 -25.24 31.94 -38.57
C GLY B 22 -25.70 30.67 -37.88
N GLY B 23 -26.03 30.79 -36.60
CA GLY B 23 -26.52 29.65 -35.83
C GLY B 23 -25.65 29.14 -34.71
N VAL B 24 -24.33 29.41 -34.75
CA VAL B 24 -23.43 28.94 -33.70
C VAL B 24 -23.68 29.65 -32.35
N GLU B 25 -24.39 30.81 -32.38
CA GLU B 25 -24.80 31.53 -31.18
C GLU B 25 -25.86 30.72 -30.41
N GLU B 26 -26.68 29.90 -31.11
CA GLU B 26 -27.67 29.05 -30.41
C GLU B 26 -27.09 27.80 -29.78
N GLY B 27 -25.76 27.62 -29.88
CA GLY B 27 -25.04 26.52 -29.27
C GLY B 27 -25.32 26.40 -27.79
N PRO B 28 -25.13 27.48 -26.99
CA PRO B 28 -25.37 27.36 -25.54
C PRO B 28 -26.77 26.82 -25.22
N THR B 29 -27.78 27.40 -25.89
CA THR B 29 -29.21 27.11 -25.80
C THR B 29 -29.52 25.61 -26.00
N VAL B 30 -29.09 25.04 -27.12
CA VAL B 30 -29.33 23.66 -27.46
C VAL B 30 -28.61 22.71 -26.50
N LEU B 31 -27.36 23.05 -26.11
CA LEU B 31 -26.58 22.24 -25.16
C LEU B 31 -27.22 22.22 -23.77
N ARG B 32 -27.93 23.29 -23.40
CA ARG B 32 -28.63 23.38 -22.11
C ARG B 32 -29.97 22.66 -22.15
N LYS B 33 -30.62 22.64 -23.32
CA LYS B 33 -31.88 21.94 -23.50
C LYS B 33 -31.68 20.40 -23.45
N ALA B 34 -30.45 19.92 -23.75
CA ALA B 34 -30.14 18.49 -23.68
C ALA B 34 -30.02 17.95 -22.24
N GLY B 35 -30.09 18.83 -21.25
CA GLY B 35 -30.06 18.45 -19.85
C GLY B 35 -28.69 18.22 -19.25
N LEU B 36 -27.68 19.02 -19.68
CA LEU B 36 -26.31 18.92 -19.20
C LEU B 36 -26.17 19.42 -17.76
N LEU B 37 -26.97 20.43 -17.37
CA LEU B 37 -26.86 20.97 -16.02
C LEU B 37 -27.30 19.94 -15.02
N GLU B 38 -28.47 19.33 -15.27
CA GLU B 38 -29.05 18.26 -14.47
C GLU B 38 -28.18 17.01 -14.56
N LYS B 39 -27.68 16.67 -15.76
CA LYS B 39 -26.78 15.52 -16.00
C LYS B 39 -25.54 15.60 -15.10
N LEU B 40 -24.85 16.76 -15.08
CA LEU B 40 -23.67 16.98 -14.24
C LEU B 40 -24.04 16.89 -12.77
N LYS B 41 -25.23 17.39 -12.38
CA LYS B 41 -25.76 17.35 -11.00
C LYS B 41 -26.13 15.92 -10.54
N GLU B 42 -26.56 15.04 -11.46
CA GLU B 42 -26.83 13.61 -11.18
C GLU B 42 -25.52 12.78 -11.13
N GLN B 43 -24.42 13.35 -11.60
CA GLN B 43 -23.09 12.80 -11.62
C GLN B 43 -22.29 13.48 -10.49
N GLU B 44 -22.88 13.57 -9.29
CA GLU B 44 -22.25 14.17 -8.11
C GLU B 44 -21.45 15.47 -8.35
N CYS B 45 -22.06 16.47 -9.04
CA CYS B 45 -21.35 17.74 -9.32
C CYS B 45 -21.90 18.94 -8.56
N ASP B 46 -21.01 19.89 -8.31
CA ASP B 46 -21.25 21.19 -7.68
C ASP B 46 -21.30 22.16 -8.84
N VAL B 47 -22.48 22.30 -9.44
CA VAL B 47 -22.65 23.16 -10.60
C VAL B 47 -23.31 24.47 -10.22
N LYS B 48 -23.05 25.55 -10.98
CA LYS B 48 -23.61 26.88 -10.79
C LYS B 48 -23.63 27.53 -12.18
N ASP B 49 -24.80 28.04 -12.63
CA ASP B 49 -24.89 28.66 -13.94
C ASP B 49 -24.75 30.18 -13.86
N TYR B 50 -23.87 30.74 -14.70
CA TYR B 50 -23.70 32.20 -14.75
C TYR B 50 -24.57 32.88 -15.85
N GLY B 51 -25.10 32.09 -16.77
CA GLY B 51 -25.98 32.55 -17.83
C GLY B 51 -25.29 32.81 -19.15
N ASP B 52 -26.05 33.34 -20.12
CA ASP B 52 -25.54 33.73 -21.43
C ASP B 52 -24.95 35.14 -21.33
N LEU B 53 -23.80 35.36 -21.97
CA LEU B 53 -23.21 36.70 -22.01
C LEU B 53 -23.85 37.44 -23.15
N PRO B 54 -24.30 38.69 -22.91
CA PRO B 54 -24.94 39.44 -23.99
C PRO B 54 -23.91 40.20 -24.81
N PHE B 55 -24.19 40.33 -26.12
CA PHE B 55 -23.27 41.04 -26.99
C PHE B 55 -24.03 42.13 -27.72
N ALA B 56 -24.08 43.33 -27.10
CA ALA B 56 -24.79 44.48 -27.65
C ALA B 56 -24.18 44.87 -28.97
N ASP B 57 -24.87 44.54 -30.08
CA ASP B 57 -24.46 44.73 -31.47
C ASP B 57 -23.52 45.93 -31.72
N ILE B 58 -22.49 45.71 -32.54
CA ILE B 58 -21.55 46.76 -32.87
C ILE B 58 -21.75 47.20 -34.32
N PRO B 59 -22.54 48.26 -34.52
CA PRO B 59 -22.67 48.82 -35.88
C PRO B 59 -21.39 49.61 -36.20
N ASN B 60 -20.92 49.54 -37.45
CA ASN B 60 -19.66 50.13 -37.89
C ASN B 60 -18.59 49.18 -37.37
N ASP B 61 -18.23 48.20 -38.19
CA ASP B 61 -17.24 47.19 -37.83
C ASP B 61 -16.57 46.72 -39.12
N SER B 62 -16.10 47.67 -39.92
CA SER B 62 -15.46 47.40 -41.19
C SER B 62 -14.26 46.45 -41.05
N PRO B 63 -14.07 45.54 -42.01
CA PRO B 63 -12.96 44.58 -41.89
C PRO B 63 -11.56 45.17 -41.87
N PHE B 64 -10.68 44.59 -41.03
CA PHE B 64 -9.27 44.94 -40.92
C PHE B 64 -8.60 44.24 -42.09
N GLN B 65 -8.39 44.96 -43.20
CA GLN B 65 -7.88 44.40 -44.46
C GLN B 65 -8.94 43.39 -45.04
N ILE B 66 -8.67 42.07 -44.92
CA ILE B 66 -9.49 40.94 -45.36
C ILE B 66 -10.20 40.30 -44.14
N VAL B 67 -9.63 40.50 -42.92
CA VAL B 67 -10.11 39.99 -41.64
C VAL B 67 -11.43 40.65 -41.27
N LYS B 68 -12.53 39.88 -41.24
CA LYS B 68 -13.86 40.42 -40.97
C LYS B 68 -14.28 40.33 -39.49
N ASN B 69 -15.17 41.27 -39.08
CA ASN B 69 -15.78 41.44 -37.76
C ASN B 69 -14.76 41.55 -36.61
N PRO B 70 -13.74 42.43 -36.69
CA PRO B 70 -12.71 42.46 -35.64
C PRO B 70 -13.13 43.07 -34.30
N ARG B 71 -13.81 44.23 -34.34
CA ARG B 71 -14.28 44.93 -33.14
C ARG B 71 -15.31 44.10 -32.35
N SER B 72 -16.08 43.26 -33.04
CA SER B 72 -17.02 42.39 -32.37
C SER B 72 -16.31 41.15 -31.80
N VAL B 73 -15.40 40.52 -32.57
CA VAL B 73 -14.66 39.35 -32.08
C VAL B 73 -13.88 39.69 -30.79
N GLY B 74 -13.28 40.88 -30.76
CA GLY B 74 -12.51 41.38 -29.63
C GLY B 74 -13.32 41.67 -28.39
N LYS B 75 -14.33 42.54 -28.49
CA LYS B 75 -15.17 42.93 -27.35
C LYS B 75 -15.79 41.73 -26.64
N ALA B 76 -16.27 40.72 -27.40
CA ALA B 76 -16.85 39.49 -26.86
C ALA B 76 -15.84 38.65 -26.09
N SER B 77 -14.60 38.62 -26.56
CA SER B 77 -13.55 37.88 -25.88
C SER B 77 -13.05 38.64 -24.66
N GLU B 78 -13.05 39.98 -24.71
CA GLU B 78 -12.60 40.81 -23.59
C GLU B 78 -13.65 40.81 -22.44
N GLN B 79 -14.94 40.74 -22.80
CA GLN B 79 -16.03 40.66 -21.85
C GLN B 79 -16.17 39.25 -21.27
N LEU B 80 -15.83 38.22 -22.07
CA LEU B 80 -15.82 36.83 -21.60
C LEU B 80 -14.59 36.67 -20.71
N ALA B 81 -13.43 37.21 -21.11
CA ALA B 81 -12.23 37.16 -20.28
C ALA B 81 -12.45 37.71 -18.86
N GLY B 82 -13.43 38.59 -18.68
CA GLY B 82 -13.75 39.14 -17.38
C GLY B 82 -14.58 38.18 -16.54
N LYS B 83 -15.45 37.41 -17.22
CA LYS B 83 -16.34 36.41 -16.66
C LYS B 83 -15.57 35.15 -16.27
N VAL B 84 -14.58 34.74 -17.08
CA VAL B 84 -13.77 33.58 -16.77
C VAL B 84 -12.87 33.84 -15.53
N ALA B 85 -12.36 35.08 -15.42
CA ALA B 85 -11.54 35.50 -14.30
C ALA B 85 -12.40 35.57 -13.04
N GLU B 86 -13.63 36.10 -13.15
CA GLU B 86 -14.59 36.22 -12.06
C GLU B 86 -15.03 34.83 -11.60
N VAL B 87 -15.21 33.86 -12.52
CA VAL B 87 -15.54 32.46 -12.19
C VAL B 87 -14.37 31.82 -11.47
N LYS B 88 -13.14 31.82 -12.06
CA LYS B 88 -11.96 31.22 -11.42
C LYS B 88 -11.65 31.74 -10.01
N LYS B 89 -12.04 32.99 -9.71
CA LYS B 89 -11.84 33.55 -8.39
C LYS B 89 -12.85 32.94 -7.40
N ASN B 90 -14.06 32.56 -7.87
CA ASN B 90 -15.09 31.88 -7.07
C ASN B 90 -14.74 30.40 -6.75
N GLY B 91 -13.59 29.90 -7.27
CA GLY B 91 -13.10 28.54 -7.05
C GLY B 91 -13.73 27.47 -7.89
N ARG B 92 -14.07 27.76 -9.15
CA ARG B 92 -14.75 26.80 -10.02
C ARG B 92 -14.07 26.60 -11.38
N ILE B 93 -14.12 25.36 -11.94
CA ILE B 93 -13.59 25.04 -13.27
C ILE B 93 -14.43 25.81 -14.28
N SER B 94 -13.86 26.81 -14.98
CA SER B 94 -14.64 27.58 -15.95
C SER B 94 -15.07 26.69 -17.12
N LEU B 95 -16.31 26.83 -17.57
CA LEU B 95 -16.83 26.05 -18.68
C LEU B 95 -17.48 27.00 -19.67
N VAL B 96 -16.82 27.18 -20.80
CA VAL B 96 -17.27 28.06 -21.86
C VAL B 96 -17.98 27.28 -22.97
N LEU B 97 -19.30 27.44 -23.09
CA LEU B 97 -20.05 26.81 -24.17
C LEU B 97 -20.13 27.85 -25.25
N GLY B 98 -19.57 27.55 -26.41
CA GLY B 98 -19.67 28.45 -27.55
C GLY B 98 -20.94 28.20 -28.32
N GLY B 99 -21.19 28.98 -29.36
CA GLY B 99 -20.31 30.06 -29.79
C GLY B 99 -19.18 29.57 -30.67
N ASP B 100 -18.60 30.48 -31.46
CA ASP B 100 -17.49 30.11 -32.32
C ASP B 100 -16.15 30.09 -31.53
N HIS B 101 -15.15 29.31 -32.00
CA HIS B 101 -13.84 29.13 -31.36
C HIS B 101 -12.96 30.40 -31.27
N SER B 102 -13.40 31.56 -31.77
CA SER B 102 -12.62 32.80 -31.57
C SER B 102 -12.73 33.27 -30.10
N LEU B 103 -13.77 32.83 -29.36
CA LEU B 103 -13.94 33.10 -27.94
C LEU B 103 -12.82 32.46 -27.07
N ALA B 104 -11.99 31.55 -27.65
CA ALA B 104 -10.85 30.92 -26.96
C ALA B 104 -9.83 31.99 -26.50
N ILE B 105 -9.77 33.15 -27.19
CA ILE B 105 -8.88 34.25 -26.78
C ILE B 105 -9.32 34.74 -25.39
N GLY B 106 -10.62 34.93 -25.22
CA GLY B 106 -11.18 35.35 -23.95
C GLY B 106 -11.05 34.29 -22.89
N SER B 107 -11.47 33.05 -23.21
CA SER B 107 -11.40 31.90 -22.31
C SER B 107 -10.01 31.71 -21.70
N ILE B 108 -8.99 31.44 -22.52
CA ILE B 108 -7.62 31.23 -22.03
C ILE B 108 -7.11 32.49 -21.31
N SER B 109 -7.45 33.70 -21.84
CA SER B 109 -7.09 34.99 -21.26
C SER B 109 -7.55 35.21 -19.80
N GLY B 110 -8.84 35.04 -19.53
CA GLY B 110 -9.39 35.24 -18.19
C GLY B 110 -8.87 34.24 -17.19
N HIS B 111 -8.79 32.97 -17.62
CA HIS B 111 -8.28 31.83 -16.86
C HIS B 111 -6.82 32.14 -16.45
N ALA B 112 -5.96 32.49 -17.45
CA ALA B 112 -4.55 32.83 -17.27
C ALA B 112 -4.29 34.00 -16.35
N ARG B 113 -5.30 34.85 -16.09
CA ARG B 113 -5.19 35.95 -15.16
C ARG B 113 -5.10 35.47 -13.71
N VAL B 114 -5.65 34.28 -13.41
CA VAL B 114 -5.72 33.69 -12.08
C VAL B 114 -4.60 32.67 -11.86
N HIS B 115 -4.44 31.75 -12.82
CA HIS B 115 -3.46 30.69 -12.78
C HIS B 115 -2.60 30.82 -14.06
N PRO B 116 -1.68 31.81 -14.11
CA PRO B 116 -0.89 32.03 -15.33
C PRO B 116 -0.04 30.86 -15.83
N ASP B 117 0.11 29.83 -15.02
CA ASP B 117 0.90 28.65 -15.37
C ASP B 117 0.11 27.57 -16.10
N LEU B 118 -0.91 27.93 -16.89
CA LEU B 118 -1.74 26.93 -17.57
C LEU B 118 -1.15 26.31 -18.83
N GLY B 119 -1.51 25.04 -19.03
CA GLY B 119 -1.19 24.21 -20.19
C GLY B 119 -2.45 24.04 -21.01
N VAL B 120 -2.36 24.01 -22.33
CA VAL B 120 -3.53 23.93 -23.20
C VAL B 120 -3.57 22.72 -24.11
N ILE B 121 -4.64 21.94 -24.00
CA ILE B 121 -4.88 20.84 -24.92
C ILE B 121 -5.96 21.41 -25.87
N TRP B 122 -5.72 21.29 -27.19
CA TRP B 122 -6.55 21.86 -28.23
C TRP B 122 -7.11 20.78 -29.15
N VAL B 123 -8.39 20.45 -29.00
CA VAL B 123 -9.00 19.39 -29.81
C VAL B 123 -9.74 19.96 -31.00
N ASP B 124 -9.05 19.97 -32.12
CA ASP B 124 -9.57 20.58 -33.33
C ASP B 124 -8.93 19.96 -34.54
N ALA B 125 -9.65 19.94 -35.67
CA ALA B 125 -9.14 19.49 -36.97
C ALA B 125 -8.14 20.52 -37.47
N HIS B 126 -8.38 21.79 -37.21
CA HIS B 126 -7.54 22.88 -37.66
C HIS B 126 -6.77 23.44 -36.47
N THR B 127 -5.51 23.72 -36.67
CA THR B 127 -4.65 24.33 -35.65
C THR B 127 -5.19 25.68 -35.16
N ASP B 128 -5.95 26.38 -36.00
CA ASP B 128 -6.55 27.69 -35.65
C ASP B 128 -5.49 28.70 -35.22
N ILE B 129 -4.25 28.52 -35.71
CA ILE B 129 -3.09 29.29 -35.33
C ILE B 129 -2.78 30.46 -36.29
N ASN B 130 -3.70 30.81 -37.20
CA ASN B 130 -3.49 31.90 -38.17
C ASN B 130 -3.33 33.33 -37.58
N THR B 131 -2.52 34.16 -38.23
CA THR B 131 -2.33 35.55 -37.83
C THR B 131 -3.10 36.41 -38.84
N PRO B 132 -3.59 37.63 -38.48
CA PRO B 132 -4.35 38.43 -39.45
C PRO B 132 -3.62 38.76 -40.77
N LEU B 133 -2.33 38.40 -40.86
CA LEU B 133 -1.53 38.59 -42.05
C LEU B 133 -1.38 37.29 -42.84
N THR B 134 -1.30 36.14 -42.17
CA THR B 134 -1.21 34.85 -42.87
C THR B 134 -2.59 34.30 -43.26
N THR B 135 -3.66 34.75 -42.57
CA THR B 135 -5.03 34.29 -42.76
C THR B 135 -5.47 34.34 -44.23
N THR B 136 -5.99 33.20 -44.68
CA THR B 136 -6.47 32.98 -46.05
C THR B 136 -7.96 33.33 -46.18
N SER B 137 -8.74 33.04 -45.11
CA SER B 137 -10.18 33.27 -45.06
C SER B 137 -10.56 34.62 -44.46
N GLY B 138 -9.77 35.07 -43.50
CA GLY B 138 -10.04 36.30 -42.77
C GLY B 138 -10.83 36.08 -41.49
N ASN B 139 -11.36 34.86 -41.27
CA ASN B 139 -12.17 34.52 -40.10
C ASN B 139 -11.36 34.45 -38.83
N LEU B 140 -11.79 35.19 -37.80
CA LEU B 140 -11.08 35.21 -36.53
C LEU B 140 -11.24 33.94 -35.72
N HIS B 141 -12.22 33.07 -36.05
CA HIS B 141 -12.40 31.80 -35.32
C HIS B 141 -11.23 30.82 -35.54
N GLY B 142 -10.50 30.98 -36.65
CA GLY B 142 -9.32 30.23 -37.04
C GLY B 142 -8.01 31.00 -36.83
N GLN B 143 -8.06 32.03 -35.97
CA GLN B 143 -6.97 32.89 -35.58
C GLN B 143 -6.80 33.06 -34.04
N PRO B 144 -7.49 32.32 -33.12
CA PRO B 144 -7.32 32.60 -31.69
C PRO B 144 -5.90 32.40 -31.13
N VAL B 145 -5.26 31.31 -31.51
CA VAL B 145 -3.96 30.85 -31.02
C VAL B 145 -2.81 31.80 -31.33
N SER B 146 -2.87 32.51 -32.45
CA SER B 146 -1.82 33.46 -32.79
C SER B 146 -1.75 34.64 -31.82
N PHE B 147 -2.92 35.09 -31.32
CA PHE B 147 -3.01 36.21 -30.38
C PHE B 147 -2.46 35.87 -28.99
N LEU B 148 -2.50 34.57 -28.59
CA LEU B 148 -2.13 34.08 -27.26
C LEU B 148 -0.68 33.60 -27.07
N LEU B 149 0.07 33.44 -28.16
CA LEU B 149 1.45 32.99 -28.03
C LEU B 149 2.42 34.12 -27.72
N LYS B 150 3.26 33.93 -26.69
CA LYS B 150 4.27 34.93 -26.36
C LYS B 150 5.30 35.11 -27.52
N GLU B 151 5.50 34.08 -28.32
CA GLU B 151 6.46 34.04 -29.40
C GLU B 151 6.00 34.83 -30.62
N LEU B 152 4.68 34.91 -30.88
CA LEU B 152 4.21 35.60 -32.09
C LEU B 152 4.12 37.12 -31.96
N LYS B 153 4.43 37.70 -30.78
CA LYS B 153 4.38 39.15 -30.61
C LYS B 153 5.39 39.83 -31.56
N GLY B 154 4.94 40.87 -32.25
CA GLY B 154 5.75 41.50 -33.28
C GLY B 154 5.23 41.11 -34.65
N LYS B 155 4.82 39.83 -34.78
CA LYS B 155 4.14 39.23 -35.92
C LYS B 155 2.59 39.45 -35.80
N ILE B 156 2.08 39.81 -34.60
CA ILE B 156 0.67 40.12 -34.41
C ILE B 156 0.41 41.63 -34.61
N PRO B 157 -0.38 42.01 -35.63
CA PRO B 157 -0.61 43.43 -35.91
C PRO B 157 -1.72 44.08 -35.08
N ASP B 158 -1.86 45.42 -35.18
CA ASP B 158 -2.87 46.21 -34.43
C ASP B 158 -4.30 46.10 -35.02
N VAL B 159 -5.03 45.06 -34.63
CA VAL B 159 -6.37 44.81 -35.12
C VAL B 159 -7.37 45.50 -34.18
N PRO B 160 -8.25 46.36 -34.72
CA PRO B 160 -9.21 47.07 -33.87
C PRO B 160 -10.10 46.12 -33.09
N GLY B 161 -10.08 46.25 -31.77
CA GLY B 161 -10.84 45.42 -30.87
C GLY B 161 -9.97 44.54 -29.98
N PHE B 162 -8.68 44.40 -30.31
CA PHE B 162 -7.76 43.54 -29.57
C PHE B 162 -6.70 44.29 -28.73
N SER B 163 -7.01 45.53 -28.34
CA SER B 163 -6.12 46.42 -27.57
C SER B 163 -5.72 45.79 -26.22
N TRP B 164 -6.68 45.14 -25.60
CA TRP B 164 -6.56 44.52 -24.29
C TRP B 164 -5.61 43.33 -24.21
N VAL B 165 -5.34 42.66 -25.36
CA VAL B 165 -4.56 41.42 -25.49
C VAL B 165 -3.07 41.55 -25.12
N THR B 166 -2.63 40.59 -24.31
CA THR B 166 -1.26 40.40 -23.86
C THR B 166 -1.10 38.90 -23.94
N PRO B 167 -0.23 38.38 -24.82
CA PRO B 167 -0.02 36.91 -24.90
C PRO B 167 0.28 36.28 -23.55
N CYS B 168 -0.48 35.24 -23.17
CA CYS B 168 -0.35 34.62 -21.85
C CYS B 168 0.22 33.20 -21.84
N ILE B 169 0.29 32.55 -23.01
CA ILE B 169 0.82 31.18 -23.08
C ILE B 169 2.06 31.19 -23.94
N SER B 170 3.08 30.43 -23.51
CA SER B 170 4.29 30.29 -24.31
C SER B 170 4.14 29.02 -25.18
N ALA B 171 4.94 28.94 -26.26
CA ALA B 171 4.91 27.86 -27.22
C ALA B 171 4.98 26.49 -26.61
N LYS B 172 5.79 26.33 -25.55
CA LYS B 172 5.98 25.05 -24.85
C LYS B 172 4.75 24.58 -24.07
N ASP B 173 3.73 25.45 -23.90
CA ASP B 173 2.58 25.15 -23.05
C ASP B 173 1.25 24.80 -23.77
N ILE B 174 1.33 24.40 -25.05
CA ILE B 174 0.12 24.00 -25.78
C ILE B 174 0.38 22.78 -26.72
N VAL B 175 -0.50 21.77 -26.64
CA VAL B 175 -0.42 20.56 -27.45
C VAL B 175 -1.64 20.43 -28.37
N TYR B 176 -1.42 19.97 -29.60
CA TYR B 176 -2.45 19.80 -30.62
C TYR B 176 -2.84 18.34 -30.79
N ILE B 177 -4.15 18.07 -30.91
CA ILE B 177 -4.67 16.72 -31.10
C ILE B 177 -5.86 16.70 -32.07
N GLY B 178 -5.75 15.93 -33.15
CA GLY B 178 -6.84 15.78 -34.10
C GLY B 178 -6.69 16.56 -35.39
N LEU B 179 -5.50 17.10 -35.64
CA LEU B 179 -5.27 17.94 -36.83
C LEU B 179 -5.35 17.19 -38.14
N ARG B 180 -5.98 17.80 -39.16
CA ARG B 180 -6.11 17.24 -40.50
C ARG B 180 -6.51 18.30 -41.57
N ASP B 181 -6.50 19.61 -41.22
CA ASP B 181 -6.84 20.68 -42.17
C ASP B 181 -6.08 21.95 -41.81
N VAL B 182 -4.82 22.01 -42.23
CA VAL B 182 -3.90 23.07 -41.88
C VAL B 182 -3.48 23.91 -43.08
N ASP B 183 -3.56 25.23 -42.94
CA ASP B 183 -3.17 26.18 -43.99
C ASP B 183 -1.66 26.18 -44.16
N PRO B 184 -1.10 26.44 -45.35
CA PRO B 184 0.37 26.47 -45.49
C PRO B 184 1.03 27.35 -44.41
N GLY B 185 0.52 28.57 -44.24
CA GLY B 185 0.97 29.52 -43.23
C GLY B 185 0.87 29.02 -41.81
N GLU B 186 -0.13 28.16 -41.54
CA GLU B 186 -0.30 27.55 -40.23
C GLU B 186 0.75 26.43 -40.03
N HIS B 187 1.13 25.71 -41.10
CA HIS B 187 2.15 24.67 -40.97
C HIS B 187 3.52 25.29 -40.65
N TYR B 188 3.79 26.50 -41.17
CA TYR B 188 5.02 27.23 -40.90
C TYR B 188 5.08 27.60 -39.42
N ILE B 189 3.97 28.09 -38.85
CA ILE B 189 3.92 28.48 -37.45
C ILE B 189 4.08 27.25 -36.59
N LEU B 190 3.37 26.17 -36.92
CA LEU B 190 3.44 24.91 -36.19
C LEU B 190 4.89 24.38 -36.15
N LYS B 191 5.48 24.16 -37.34
CA LYS B 191 6.82 23.60 -37.47
C LYS B 191 7.95 24.52 -37.02
N THR B 192 7.99 25.81 -37.43
CA THR B 192 9.11 26.68 -37.05
C THR B 192 9.09 27.11 -35.58
N LEU B 193 7.90 27.16 -34.95
CA LEU B 193 7.85 27.50 -33.53
C LEU B 193 8.15 26.28 -32.63
N GLY B 194 8.04 25.07 -33.17
CA GLY B 194 8.28 23.86 -32.40
C GLY B 194 7.10 23.57 -31.49
N ILE B 195 5.86 23.61 -32.04
CA ILE B 195 4.68 23.32 -31.24
C ILE B 195 4.36 21.85 -31.28
N LYS B 196 4.28 21.21 -30.09
CA LYS B 196 3.96 19.79 -29.97
C LYS B 196 2.59 19.51 -30.55
N TYR B 197 2.56 18.94 -31.75
CA TYR B 197 1.34 18.60 -32.45
C TYR B 197 1.18 17.06 -32.56
N PHE B 198 -0.06 16.60 -32.76
CA PHE B 198 -0.41 15.22 -33.00
C PHE B 198 -1.54 15.29 -33.99
N SER B 199 -1.25 15.33 -35.29
CA SER B 199 -2.31 15.31 -36.29
C SER B 199 -3.02 13.91 -36.31
N MET B 200 -3.90 13.65 -37.29
CA MET B 200 -4.55 12.34 -37.43
C MET B 200 -3.55 11.25 -37.72
N THR B 201 -2.46 11.56 -38.45
CA THR B 201 -1.35 10.65 -38.76
C THR B 201 -0.72 10.10 -37.48
N GLU B 202 -0.53 10.99 -36.49
CA GLU B 202 0.03 10.67 -35.19
C GLU B 202 -0.87 9.71 -34.45
N VAL B 203 -2.18 10.00 -34.37
CA VAL B 203 -3.14 9.12 -33.70
C VAL B 203 -3.28 7.74 -34.45
N ASP B 204 -3.16 7.72 -35.77
CA ASP B 204 -3.21 6.46 -36.52
C ASP B 204 -1.99 5.57 -36.24
N ARG B 205 -0.84 6.20 -35.97
CA ARG B 205 0.42 5.53 -35.71
C ARG B 205 0.55 4.98 -34.29
N LEU B 206 0.08 5.75 -33.30
CA LEU B 206 0.27 5.38 -31.90
C LEU B 206 -1.01 4.94 -31.18
N GLY B 207 -2.13 5.52 -31.59
CA GLY B 207 -3.39 5.27 -30.93
C GLY B 207 -3.57 6.30 -29.83
N ILE B 208 -4.81 6.69 -29.56
CA ILE B 208 -5.12 7.74 -28.58
C ILE B 208 -4.48 7.47 -27.18
N GLY B 209 -4.20 6.22 -26.87
CA GLY B 209 -3.54 5.86 -25.63
C GLY B 209 -2.16 6.47 -25.49
N LYS B 210 -1.33 6.32 -26.51
CA LYS B 210 0.02 6.87 -26.54
C LYS B 210 0.03 8.40 -26.80
N VAL B 211 -1.01 8.91 -27.46
CA VAL B 211 -1.21 10.34 -27.71
C VAL B 211 -1.43 11.03 -26.36
N MET B 212 -2.29 10.48 -25.51
CA MET B 212 -2.51 11.07 -24.18
C MET B 212 -1.36 10.84 -23.22
N GLU B 213 -0.65 9.72 -23.38
CA GLU B 213 0.51 9.36 -22.58
C GLU B 213 1.59 10.45 -22.76
N GLU B 214 1.92 10.77 -24.02
CA GLU B 214 2.87 11.80 -24.38
C GLU B 214 2.33 13.24 -24.10
N THR B 215 1.01 13.50 -24.26
CA THR B 215 0.37 14.82 -24.08
C THR B 215 0.39 15.29 -22.62
N LEU B 216 0.07 14.38 -21.71
CA LEU B 216 0.05 14.73 -20.30
C LEU B 216 1.48 14.73 -19.71
N SER B 217 2.44 14.03 -20.36
CA SER B 217 3.83 14.05 -19.92
C SER B 217 4.51 15.32 -20.40
N TYR B 218 4.22 15.72 -21.65
CA TYR B 218 4.78 16.93 -22.27
C TYR B 218 4.28 18.15 -21.49
N LEU B 219 2.99 18.16 -21.14
CA LEU B 219 2.42 19.29 -20.42
C LEU B 219 2.69 19.27 -18.95
N LEU B 220 2.67 18.11 -18.28
CA LEU B 220 2.83 18.07 -16.82
C LEU B 220 4.13 17.42 -16.30
N GLY B 221 5.14 17.32 -17.17
CA GLY B 221 6.47 16.77 -16.88
C GLY B 221 7.19 17.23 -15.63
N ARG B 222 7.27 18.55 -15.40
CA ARG B 222 7.95 19.09 -14.21
C ARG B 222 6.97 19.23 -13.03
N LYS B 223 6.00 20.17 -13.10
CA LYS B 223 5.00 20.32 -12.03
C LYS B 223 3.55 20.14 -12.51
N LYS B 224 2.67 19.77 -11.57
CA LYS B 224 1.26 19.58 -11.85
C LYS B 224 0.56 20.94 -11.83
N ARG B 225 0.59 21.62 -12.97
CA ARG B 225 -0.03 22.93 -13.15
C ARG B 225 -1.49 22.77 -13.70
N PRO B 226 -2.33 23.83 -13.64
CA PRO B 226 -3.70 23.69 -14.17
C PRO B 226 -3.73 23.56 -15.69
N ILE B 227 -4.78 22.90 -16.23
CA ILE B 227 -4.93 22.67 -17.68
C ILE B 227 -6.24 23.25 -18.21
N HIS B 228 -6.17 23.93 -19.37
CA HIS B 228 -7.31 24.47 -20.06
C HIS B 228 -7.53 23.66 -21.35
N LEU B 229 -8.72 23.04 -21.48
CA LEU B 229 -9.04 22.25 -22.67
C LEU B 229 -9.92 23.06 -23.61
N SER B 230 -9.42 23.36 -24.84
CA SER B 230 -10.20 24.10 -25.81
C SER B 230 -10.73 23.21 -26.93
N PHE B 231 -11.76 22.42 -26.63
CA PHE B 231 -12.39 21.51 -27.56
C PHE B 231 -13.36 22.17 -28.54
N ASP B 232 -12.97 22.20 -29.82
CA ASP B 232 -13.82 22.61 -30.93
C ASP B 232 -14.39 21.26 -31.41
N VAL B 233 -15.74 21.15 -31.56
CA VAL B 233 -16.34 19.87 -31.94
C VAL B 233 -16.03 19.42 -33.34
N ASP B 234 -15.44 20.27 -34.20
CA ASP B 234 -15.02 19.82 -35.53
C ASP B 234 -13.71 18.97 -35.51
N GLY B 235 -13.08 18.86 -34.34
CA GLY B 235 -11.94 18.00 -34.09
C GLY B 235 -12.31 16.53 -34.18
N LEU B 236 -13.61 16.20 -33.94
CA LEU B 236 -14.19 14.87 -34.03
C LEU B 236 -14.66 14.59 -35.47
N ASP B 237 -14.97 13.34 -35.78
CA ASP B 237 -15.42 12.94 -37.10
C ASP B 237 -16.84 13.43 -37.38
N PRO B 238 -17.11 13.93 -38.62
CA PRO B 238 -18.46 14.42 -38.95
C PRO B 238 -19.59 13.36 -38.96
N SER B 239 -19.33 12.14 -38.51
CA SER B 239 -20.38 11.12 -38.30
C SER B 239 -20.82 11.11 -36.81
N PHE B 240 -20.18 11.92 -35.93
CA PHE B 240 -20.46 12.07 -34.51
C PHE B 240 -20.88 13.51 -34.23
N THR B 241 -20.23 14.49 -34.89
CA THR B 241 -20.57 15.91 -34.74
C THR B 241 -20.86 16.54 -36.10
N PRO B 242 -21.90 16.06 -36.81
CA PRO B 242 -22.21 16.62 -38.14
C PRO B 242 -22.61 18.11 -38.15
N ALA B 243 -23.24 18.58 -37.09
CA ALA B 243 -23.71 19.97 -37.02
C ALA B 243 -22.63 20.90 -36.52
N THR B 244 -21.82 21.37 -37.47
CA THR B 244 -20.68 22.27 -37.21
C THR B 244 -20.32 23.03 -38.49
N GLY B 245 -19.79 24.23 -38.30
CA GLY B 245 -19.40 25.13 -39.37
C GLY B 245 -18.38 24.58 -40.34
N THR B 246 -17.33 23.93 -39.83
CA THR B 246 -16.26 23.41 -40.70
C THR B 246 -15.97 21.95 -40.47
N PRO B 247 -16.79 21.04 -41.01
CA PRO B 247 -16.49 19.61 -40.85
C PRO B 247 -15.41 19.14 -41.82
N VAL B 248 -14.52 18.25 -41.34
CA VAL B 248 -13.45 17.64 -42.13
C VAL B 248 -13.52 16.15 -41.81
N VAL B 249 -13.72 15.31 -42.83
CA VAL B 249 -13.89 13.88 -42.63
C VAL B 249 -12.58 13.14 -42.36
N GLY B 250 -12.64 12.13 -41.49
CA GLY B 250 -11.50 11.31 -41.13
C GLY B 250 -10.77 11.79 -39.90
N GLY B 251 -11.52 12.07 -38.84
CA GLY B 251 -10.95 12.56 -37.58
C GLY B 251 -11.20 11.66 -36.40
N LEU B 252 -11.27 12.26 -35.19
CA LEU B 252 -11.45 11.54 -33.93
C LEU B 252 -12.80 10.85 -33.79
N THR B 253 -12.78 9.57 -33.42
CA THR B 253 -14.01 8.80 -33.22
C THR B 253 -14.69 9.13 -31.86
N TYR B 254 -15.91 8.63 -31.61
CA TYR B 254 -16.65 8.88 -30.36
C TYR B 254 -15.84 8.39 -29.17
N ARG B 255 -15.29 7.15 -29.30
CA ARG B 255 -14.46 6.51 -28.29
C ARG B 255 -13.23 7.34 -28.08
N GLU B 256 -12.54 7.73 -29.17
CA GLU B 256 -11.36 8.59 -29.08
C GLU B 256 -11.63 9.89 -28.32
N GLY B 257 -12.74 10.59 -28.63
CA GLY B 257 -13.12 11.82 -27.93
C GLY B 257 -13.36 11.64 -26.43
N LEU B 258 -13.80 10.42 -26.04
CA LEU B 258 -14.09 10.03 -24.66
C LEU B 258 -12.82 9.67 -23.94
N TYR B 259 -11.87 9.01 -24.61
CA TYR B 259 -10.60 8.67 -23.99
C TYR B 259 -9.79 9.94 -23.70
N ILE B 260 -9.84 10.94 -24.59
CA ILE B 260 -9.11 12.20 -24.39
C ILE B 260 -9.60 12.90 -23.13
N THR B 261 -10.91 12.97 -22.99
CA THR B 261 -11.59 13.69 -21.90
C THR B 261 -11.57 12.90 -20.60
N GLU B 262 -11.74 11.57 -20.67
CA GLU B 262 -11.67 10.69 -19.51
C GLU B 262 -10.25 10.71 -18.93
N GLU B 263 -9.23 10.76 -19.80
CA GLU B 263 -7.85 10.83 -19.36
C GLU B 263 -7.49 12.15 -18.71
N ILE B 264 -7.80 13.30 -19.34
CA ILE B 264 -7.56 14.62 -18.75
C ILE B 264 -8.27 14.83 -17.37
N TYR B 265 -9.39 14.10 -17.14
CA TYR B 265 -10.10 14.17 -15.87
C TYR B 265 -9.23 13.52 -14.82
N LYS B 266 -8.74 12.30 -15.09
CA LYS B 266 -7.90 11.55 -14.16
C LYS B 266 -6.68 12.34 -13.70
N THR B 267 -6.14 13.25 -14.53
CA THR B 267 -5.03 14.12 -14.09
C THR B 267 -5.40 14.97 -12.85
N GLY B 268 -6.69 15.25 -12.71
CA GLY B 268 -7.28 16.02 -11.62
C GLY B 268 -6.96 17.49 -11.70
N LEU B 269 -6.52 17.96 -12.86
CA LEU B 269 -6.08 19.35 -13.04
C LEU B 269 -6.86 20.18 -14.02
N LEU B 270 -7.97 19.65 -14.54
CA LEU B 270 -8.83 20.41 -15.43
C LEU B 270 -9.39 21.61 -14.66
N SER B 271 -9.09 22.82 -15.13
CA SER B 271 -9.61 24.03 -14.48
C SER B 271 -10.35 24.98 -15.47
N GLY B 272 -10.37 24.63 -16.75
CA GLY B 272 -11.07 25.41 -17.76
C GLY B 272 -11.41 24.54 -18.95
N LEU B 273 -12.61 24.71 -19.50
CA LEU B 273 -13.05 23.91 -20.63
C LEU B 273 -13.85 24.75 -21.62
N ASP B 274 -13.72 24.47 -22.93
CA ASP B 274 -14.43 25.14 -24.02
C ASP B 274 -15.08 24.07 -24.93
N ILE B 275 -16.39 24.16 -25.22
CA ILE B 275 -17.04 23.23 -26.15
C ILE B 275 -17.56 24.11 -27.26
N MET B 276 -16.70 24.37 -28.26
CA MET B 276 -16.95 25.35 -29.31
C MET B 276 -17.32 24.80 -30.68
N GLU B 277 -17.91 25.68 -31.51
CA GLU B 277 -18.27 25.43 -32.90
C GLU B 277 -19.44 24.44 -33.07
N VAL B 278 -20.43 24.54 -32.18
CA VAL B 278 -21.62 23.73 -32.28
C VAL B 278 -22.72 24.60 -32.86
N ASN B 279 -23.03 24.39 -34.14
CA ASN B 279 -24.06 25.15 -34.84
C ASN B 279 -25.27 24.26 -35.04
N PRO B 280 -26.35 24.45 -34.25
CA PRO B 280 -27.55 23.60 -34.39
C PRO B 280 -28.34 23.82 -35.67
N SER B 281 -28.19 25.00 -36.33
CA SER B 281 -28.92 25.24 -37.59
C SER B 281 -28.12 24.86 -38.85
N LEU B 282 -26.96 24.19 -38.68
CA LEU B 282 -26.11 23.72 -39.77
C LEU B 282 -26.14 22.20 -39.89
N GLY B 283 -27.28 21.60 -39.62
CA GLY B 283 -27.44 20.16 -39.73
C GLY B 283 -28.31 19.82 -40.92
N LYS B 284 -27.96 18.76 -41.64
CA LYS B 284 -28.73 18.30 -42.80
C LYS B 284 -30.05 17.59 -42.43
N THR B 285 -30.17 17.14 -41.19
CA THR B 285 -31.36 16.42 -40.71
C THR B 285 -31.46 16.59 -39.20
N PRO B 286 -32.66 16.58 -38.59
CA PRO B 286 -32.75 16.71 -37.12
C PRO B 286 -31.87 15.76 -36.32
N GLU B 287 -31.68 14.51 -36.79
CA GLU B 287 -30.85 13.56 -36.05
C GLU B 287 -29.38 13.96 -36.05
N GLU B 288 -28.91 14.62 -37.12
CA GLU B 288 -27.53 15.12 -37.15
C GLU B 288 -27.31 16.17 -36.04
N VAL B 289 -28.37 16.90 -35.66
CA VAL B 289 -28.34 17.92 -34.62
C VAL B 289 -28.33 17.23 -33.26
N THR B 290 -29.31 16.35 -33.00
CA THR B 290 -29.38 15.59 -31.74
C THR B 290 -28.08 14.83 -31.46
N ARG B 291 -27.56 14.13 -32.48
CA ARG B 291 -26.32 13.39 -32.46
C ARG B 291 -25.16 14.29 -32.03
N THR B 292 -25.05 15.51 -32.60
CA THR B 292 -23.97 16.47 -32.33
C THR B 292 -23.92 16.94 -30.89
N VAL B 293 -25.10 17.27 -30.36
CA VAL B 293 -25.27 17.76 -29.01
C VAL B 293 -25.09 16.63 -28.01
N ASN B 294 -25.53 15.40 -28.36
CA ASN B 294 -25.32 14.25 -27.52
C ASN B 294 -23.84 13.93 -27.37
N THR B 295 -23.03 14.12 -28.42
CA THR B 295 -21.59 13.89 -28.42
C THR B 295 -20.93 15.00 -27.57
N ALA B 296 -21.28 16.29 -27.81
CA ALA B 296 -20.74 17.43 -27.08
C ALA B 296 -21.07 17.38 -25.56
N VAL B 297 -22.24 16.82 -25.20
CA VAL B 297 -22.68 16.66 -23.82
C VAL B 297 -21.96 15.45 -23.18
N ALA B 298 -21.71 14.37 -23.97
CA ALA B 298 -21.01 13.18 -23.49
C ALA B 298 -19.54 13.52 -23.23
N ILE B 299 -18.91 14.30 -24.13
CA ILE B 299 -17.52 14.79 -23.98
C ILE B 299 -17.40 15.61 -22.70
N THR B 300 -18.40 16.43 -22.43
CA THR B 300 -18.45 17.31 -21.26
C THR B 300 -18.55 16.48 -19.98
N LEU B 301 -19.45 15.49 -19.93
CA LEU B 301 -19.58 14.65 -18.72
C LEU B 301 -18.35 13.81 -18.45
N ALA B 302 -17.59 13.46 -19.48
CA ALA B 302 -16.33 12.69 -19.36
C ALA B 302 -15.21 13.53 -18.69
N CYS B 303 -15.25 14.85 -18.95
CA CYS B 303 -14.34 15.85 -18.40
C CYS B 303 -14.57 16.04 -16.91
N PHE B 304 -15.83 15.93 -16.44
CA PHE B 304 -16.17 16.15 -15.04
C PHE B 304 -16.50 14.89 -14.22
N GLY B 305 -15.94 13.74 -14.55
CA GLY B 305 -16.14 12.53 -13.75
C GLY B 305 -16.63 11.25 -14.40
N LEU B 306 -17.44 11.34 -15.47
CA LEU B 306 -17.99 10.15 -16.10
C LEU B 306 -16.93 9.22 -16.68
N ALA B 307 -17.06 7.94 -16.33
CA ALA B 307 -16.15 6.89 -16.77
C ALA B 307 -16.98 5.75 -17.34
N ARG B 308 -16.43 5.06 -18.32
CA ARG B 308 -17.15 3.95 -18.96
C ARG B 308 -17.14 2.66 -18.12
N GLU B 309 -16.12 2.49 -17.26
CA GLU B 309 -16.06 1.32 -16.39
C GLU B 309 -17.13 1.32 -15.27
N GLY B 310 -17.69 2.49 -15.01
CA GLY B 310 -18.69 2.68 -13.98
C GLY B 310 -18.24 3.68 -12.94
N ASN B 311 -19.18 4.13 -12.14
CA ASN B 311 -18.89 5.05 -11.06
C ASN B 311 -19.80 4.64 -9.87
N HIS B 312 -19.30 4.70 -8.63
CA HIS B 312 -20.04 4.39 -7.41
C HIS B 312 -19.64 5.32 -6.23
N LYS B 313 -20.51 5.46 -5.22
CA LYS B 313 -20.29 6.34 -4.06
C LYS B 313 -19.70 5.61 -2.85
N PRO B 314 -19.07 6.32 -1.87
CA PRO B 314 -18.51 5.64 -0.67
C PRO B 314 -19.58 5.22 0.34
N ILE B 315 -20.43 4.28 -0.11
CA ILE B 315 -21.54 3.63 0.58
C ILE B 315 -21.51 2.14 0.18
N ASP B 316 -21.99 1.25 1.05
CA ASP B 316 -22.00 -0.18 0.76
C ASP B 316 -23.21 -0.49 -0.10
N TYR B 317 -22.98 -0.85 -1.36
CA TYR B 317 -24.07 -1.17 -2.29
C TYR B 317 -24.67 -2.54 -2.04
N LEU B 318 -23.89 -3.50 -1.49
CA LEU B 318 -24.42 -4.82 -1.19
C LEU B 318 -25.12 -4.92 0.18
N ASN B 319 -25.67 -3.78 0.65
CA ASN B 319 -26.42 -3.62 1.90
C ASN B 319 -27.02 -2.21 1.92
N ALA C 3 -10.48 22.48 33.15
CA ALA C 3 -9.80 23.13 32.01
C ALA C 3 -9.70 22.17 30.77
N LYS C 4 -9.10 22.59 29.62
CA LYS C 4 -8.91 21.74 28.43
C LYS C 4 -8.00 20.47 28.69
N SER C 5 -7.60 20.25 29.95
CA SER C 5 -6.81 19.09 30.34
C SER C 5 -7.61 18.05 31.19
N ARG C 6 -8.79 18.45 31.69
CA ARG C 6 -9.65 17.64 32.53
C ARG C 6 -11.12 17.70 32.14
N THR C 7 -11.48 18.23 30.97
CA THR C 7 -12.87 18.23 30.51
C THR C 7 -12.94 17.07 29.55
N ILE C 8 -13.63 15.99 29.97
CA ILE C 8 -13.63 14.72 29.23
C ILE C 8 -15.00 14.29 28.72
N GLY C 9 -14.98 13.55 27.62
CA GLY C 9 -16.14 12.96 27.00
C GLY C 9 -15.91 11.47 26.92
N ILE C 10 -16.66 10.67 27.71
CA ILE C 10 -16.40 9.23 27.74
C ILE C 10 -17.29 8.41 26.81
N ILE C 11 -16.63 7.70 25.90
CA ILE C 11 -17.32 6.82 24.99
C ILE C 11 -16.80 5.41 25.18
N GLY C 12 -17.72 4.50 25.43
CA GLY C 12 -17.44 3.09 25.52
C GLY C 12 -17.71 2.52 24.15
N ALA C 13 -16.73 1.85 23.57
CA ALA C 13 -16.88 1.22 22.27
C ALA C 13 -16.59 -0.28 22.45
N PRO C 14 -17.61 -1.07 22.83
CA PRO C 14 -17.38 -2.50 23.07
C PRO C 14 -17.26 -3.39 21.81
N PHE C 15 -16.16 -3.23 21.05
CA PHE C 15 -15.98 -4.02 19.82
C PHE C 15 -14.97 -5.21 19.96
N SER C 16 -15.26 -6.35 19.30
CA SER C 16 -14.42 -7.53 19.42
C SER C 16 -13.98 -8.17 18.12
N LYS C 17 -14.60 -7.80 17.00
CA LYS C 17 -14.32 -8.46 15.72
C LYS C 17 -13.13 -7.94 14.94
N GLY C 18 -12.25 -7.17 15.60
CA GLY C 18 -10.99 -6.77 15.02
C GLY C 18 -9.90 -7.81 15.31
N GLN C 19 -10.09 -8.60 16.37
CA GLN C 19 -9.17 -9.67 16.77
C GLN C 19 -9.91 -11.03 16.94
N PRO C 20 -9.18 -12.17 17.05
CA PRO C 20 -9.88 -13.46 17.14
C PRO C 20 -10.31 -13.94 18.53
N ARG C 21 -9.76 -13.37 19.61
CA ARG C 21 -10.07 -13.81 20.99
C ARG C 21 -11.18 -13.00 21.72
N GLY C 22 -12.38 -13.58 21.81
CA GLY C 22 -13.54 -12.96 22.48
C GLY C 22 -13.40 -12.59 23.96
N GLY C 23 -14.06 -11.51 24.34
CA GLY C 23 -14.05 -10.95 25.69
C GLY C 23 -13.70 -9.47 25.73
N VAL C 24 -12.98 -9.00 24.68
CA VAL C 24 -12.52 -7.62 24.51
C VAL C 24 -13.69 -6.62 24.28
N GLU C 25 -14.92 -7.14 24.06
CA GLU C 25 -16.11 -6.29 24.00
C GLU C 25 -16.57 -5.89 25.44
N GLU C 26 -16.08 -6.59 26.48
CA GLU C 26 -16.37 -6.27 27.88
C GLU C 26 -15.36 -5.28 28.53
N GLY C 27 -14.37 -4.82 27.76
CA GLY C 27 -13.38 -3.84 28.19
C GLY C 27 -14.03 -2.58 28.77
N PRO C 28 -15.04 -1.97 28.09
CA PRO C 28 -15.70 -0.81 28.69
C PRO C 28 -16.31 -1.06 30.08
N THR C 29 -17.30 -1.98 30.21
CA THR C 29 -17.98 -2.23 31.49
C THR C 29 -17.07 -2.71 32.64
N VAL C 30 -15.92 -3.33 32.35
CA VAL C 30 -15.02 -3.72 33.43
C VAL C 30 -14.21 -2.50 33.88
N LEU C 31 -13.80 -1.63 32.94
CA LEU C 31 -13.16 -0.36 33.29
C LEU C 31 -14.14 0.52 34.07
N ARG C 32 -15.43 0.47 33.70
CA ARG C 32 -16.54 1.19 34.32
C ARG C 32 -16.79 0.69 35.74
N LYS C 33 -16.82 -0.64 35.93
CA LYS C 33 -17.04 -1.30 37.22
C LYS C 33 -15.95 -0.92 38.23
N ALA C 34 -14.71 -0.77 37.76
CA ALA C 34 -13.59 -0.39 38.63
C ALA C 34 -13.66 1.05 39.16
N GLY C 35 -14.63 1.84 38.66
CA GLY C 35 -14.89 3.21 39.08
C GLY C 35 -14.16 4.25 38.25
N LEU C 36 -14.07 4.04 36.93
CA LEU C 36 -13.32 4.97 36.09
C LEU C 36 -13.80 6.42 36.18
N LEU C 37 -15.08 6.71 35.88
CA LEU C 37 -15.67 8.06 35.94
C LEU C 37 -15.62 8.65 37.35
N GLU C 38 -15.77 7.80 38.36
CA GLU C 38 -15.79 8.20 39.75
C GLU C 38 -14.39 8.68 40.20
N LYS C 39 -13.35 7.99 39.73
CA LYS C 39 -11.98 8.37 40.01
C LYS C 39 -11.59 9.66 39.20
N LEU C 40 -12.20 9.84 38.01
CA LEU C 40 -12.01 11.04 37.22
C LEU C 40 -12.65 12.22 37.95
N LYS C 41 -13.88 12.04 38.47
CA LYS C 41 -14.56 13.11 39.20
C LYS C 41 -13.81 13.46 40.48
N GLU C 42 -13.16 12.46 41.16
CA GLU C 42 -12.34 12.70 42.37
C GLU C 42 -11.14 13.64 42.02
N GLN C 43 -10.55 13.42 40.83
CA GLN C 43 -9.46 14.22 40.29
C GLN C 43 -9.89 15.62 39.84
N GLU C 44 -11.12 16.02 40.15
CA GLU C 44 -11.78 17.26 39.80
C GLU C 44 -11.74 17.51 38.29
N CYS C 45 -12.33 16.57 37.55
CA CYS C 45 -12.57 16.60 36.10
C CYS C 45 -14.04 17.00 35.87
N ASP C 46 -14.35 17.45 34.65
CA ASP C 46 -15.71 17.77 34.21
C ASP C 46 -15.98 16.62 33.25
N VAL C 47 -16.74 15.60 33.67
CA VAL C 47 -16.96 14.39 32.86
C VAL C 47 -18.38 14.26 32.26
N LYS C 48 -18.49 13.85 30.99
CA LYS C 48 -19.80 13.67 30.34
C LYS C 48 -19.78 12.33 29.65
N ASP C 49 -20.70 11.44 30.06
CA ASP C 49 -20.77 10.10 29.53
C ASP C 49 -21.67 9.98 28.32
N TYR C 50 -21.09 9.55 27.20
CA TYR C 50 -21.80 9.37 25.95
C TYR C 50 -22.29 7.92 25.75
N GLY C 51 -22.33 7.15 26.84
CA GLY C 51 -22.84 5.80 26.89
C GLY C 51 -21.93 4.72 26.36
N ASP C 52 -22.56 3.63 25.91
CA ASP C 52 -21.87 2.48 25.36
C ASP C 52 -22.40 2.22 23.96
N LEU C 53 -21.50 2.29 22.97
CA LEU C 53 -21.83 2.11 21.56
C LEU C 53 -22.48 0.78 21.22
N PRO C 54 -23.64 0.84 20.53
CA PRO C 54 -24.30 -0.39 20.11
C PRO C 54 -23.73 -0.83 18.76
N PHE C 55 -23.27 -2.08 18.68
CA PHE C 55 -22.66 -2.59 17.46
C PHE C 55 -23.47 -3.71 16.83
N ALA C 56 -24.19 -3.36 15.75
CA ALA C 56 -25.08 -4.22 14.98
C ALA C 56 -24.42 -5.45 14.40
N ASP C 57 -25.01 -6.63 14.71
CA ASP C 57 -24.53 -7.92 14.23
C ASP C 57 -24.80 -8.07 12.75
N ILE C 58 -23.74 -7.89 11.96
CA ILE C 58 -23.79 -7.95 10.52
C ILE C 58 -23.67 -9.37 10.03
N PRO C 59 -24.77 -9.90 9.46
CA PRO C 59 -24.70 -11.26 8.92
C PRO C 59 -24.00 -11.27 7.55
N ASN C 60 -23.53 -12.44 7.11
CA ASN C 60 -22.88 -12.58 5.81
C ASN C 60 -21.64 -11.70 5.67
N ASP C 61 -20.79 -11.70 6.70
CA ASP C 61 -19.56 -10.93 6.64
C ASP C 61 -18.39 -11.77 6.19
N SER C 62 -18.32 -11.99 4.88
CA SER C 62 -17.29 -12.75 4.21
C SER C 62 -15.94 -12.07 4.42
N PRO C 63 -14.89 -12.85 4.69
CA PRO C 63 -13.57 -12.23 4.85
C PRO C 63 -13.07 -11.67 3.52
N PHE C 64 -12.51 -10.45 3.52
CA PHE C 64 -11.95 -9.86 2.29
C PHE C 64 -10.62 -10.54 2.17
N GLN C 65 -10.53 -11.60 1.33
CA GLN C 65 -9.34 -12.42 1.20
C GLN C 65 -9.11 -13.09 2.61
N ILE C 66 -7.98 -12.85 3.29
CA ILE C 66 -7.78 -13.42 4.64
C ILE C 66 -8.18 -12.42 5.76
N VAL C 67 -8.52 -11.15 5.41
CA VAL C 67 -8.95 -10.12 6.36
C VAL C 67 -10.34 -10.47 6.91
N LYS C 68 -10.39 -10.99 8.14
CA LYS C 68 -11.63 -11.44 8.77
C LYS C 68 -12.55 -10.31 9.27
N ASN C 69 -13.88 -10.42 8.99
CA ASN C 69 -14.93 -9.48 9.37
C ASN C 69 -14.67 -8.01 8.95
N PRO C 70 -14.49 -7.72 7.65
CA PRO C 70 -14.19 -6.34 7.25
C PRO C 70 -15.33 -5.35 7.45
N ARG C 71 -16.56 -5.73 7.12
CA ARG C 71 -17.71 -4.85 7.26
C ARG C 71 -17.98 -4.54 8.71
N SER C 72 -17.84 -5.54 9.57
CA SER C 72 -18.03 -5.40 11.00
C SER C 72 -17.05 -4.37 11.58
N VAL C 73 -15.75 -4.49 11.24
CA VAL C 73 -14.74 -3.53 11.69
C VAL C 73 -15.01 -2.14 11.11
N GLY C 74 -15.21 -2.09 9.79
CA GLY C 74 -15.47 -0.89 9.02
C GLY C 74 -16.67 -0.05 9.42
N LYS C 75 -17.77 -0.70 9.83
CA LYS C 75 -18.97 0.03 10.27
C LYS C 75 -18.82 0.42 11.73
N ALA C 76 -18.23 -0.46 12.54
CA ALA C 76 -18.00 -0.15 13.96
C ALA C 76 -17.09 1.06 14.12
N SER C 77 -16.15 1.28 13.17
CA SER C 77 -15.28 2.44 13.24
C SER C 77 -15.98 3.68 12.71
N GLU C 78 -16.83 3.56 11.69
CA GLU C 78 -17.57 4.70 11.14
C GLU C 78 -18.56 5.26 12.18
N GLN C 79 -19.19 4.36 12.94
CA GLN C 79 -20.10 4.72 14.02
C GLN C 79 -19.29 5.45 15.10
N LEU C 80 -18.15 4.86 15.50
CA LEU C 80 -17.28 5.42 16.52
C LEU C 80 -16.72 6.77 16.10
N ALA C 81 -16.36 6.93 14.83
CA ALA C 81 -15.82 8.20 14.33
C ALA C 81 -16.79 9.34 14.51
N GLY C 82 -18.07 9.07 14.23
CA GLY C 82 -19.15 10.04 14.38
C GLY C 82 -19.36 10.48 15.81
N LYS C 83 -19.17 9.58 16.77
CA LYS C 83 -19.32 9.92 18.18
C LYS C 83 -18.16 10.77 18.69
N VAL C 84 -16.92 10.39 18.35
CA VAL C 84 -15.71 11.12 18.73
C VAL C 84 -15.75 12.59 18.21
N ALA C 85 -16.25 12.77 16.97
CA ALA C 85 -16.38 14.09 16.32
C ALA C 85 -17.34 15.01 17.10
N GLU C 86 -18.42 14.43 17.59
CA GLU C 86 -19.44 15.13 18.35
C GLU C 86 -18.86 15.61 19.68
N VAL C 87 -18.06 14.78 20.35
CA VAL C 87 -17.40 15.07 21.63
C VAL C 87 -16.34 16.18 21.45
N LYS C 88 -15.60 16.13 20.32
CA LYS C 88 -14.58 17.13 20.05
C LYS C 88 -15.17 18.49 19.64
N LYS C 89 -16.40 18.49 19.11
CA LYS C 89 -17.09 19.73 18.80
C LYS C 89 -17.50 20.42 20.11
N ASN C 90 -17.94 19.64 21.12
CA ASN C 90 -18.38 20.13 22.43
C ASN C 90 -17.27 20.66 23.34
N GLY C 91 -16.01 20.50 22.94
CA GLY C 91 -14.87 20.98 23.71
C GLY C 91 -14.42 20.02 24.78
N ARG C 92 -14.42 18.72 24.47
CA ARG C 92 -14.04 17.71 25.42
C ARG C 92 -12.98 16.80 24.87
N ILE C 93 -12.16 16.25 25.77
CA ILE C 93 -11.15 15.27 25.42
C ILE C 93 -11.93 13.96 25.19
N SER C 94 -12.09 13.51 23.92
CA SER C 94 -12.80 12.26 23.68
C SER C 94 -11.98 11.11 24.18
N LEU C 95 -12.55 10.38 25.15
CA LEU C 95 -11.92 9.25 25.79
C LEU C 95 -12.63 7.96 25.38
N VAL C 96 -11.91 7.15 24.61
CA VAL C 96 -12.39 5.88 24.08
C VAL C 96 -11.99 4.71 24.95
N LEU C 97 -13.00 3.93 25.41
CA LEU C 97 -12.83 2.72 26.22
C LEU C 97 -13.14 1.57 25.28
N GLY C 98 -12.12 0.81 24.91
CA GLY C 98 -12.31 -0.32 24.01
C GLY C 98 -12.42 -1.64 24.73
N GLY C 99 -12.51 -2.72 23.98
CA GLY C 99 -12.44 -2.71 22.52
C GLY C 99 -11.04 -3.00 22.03
N ASP C 100 -10.93 -3.41 20.77
CA ASP C 100 -9.62 -3.70 20.17
C ASP C 100 -9.04 -2.47 19.47
N HIS C 101 -7.76 -2.52 19.06
CA HIS C 101 -7.15 -1.38 18.38
C HIS C 101 -7.69 -1.15 16.94
N SER C 102 -8.59 -2.02 16.44
CA SER C 102 -9.18 -1.82 15.11
C SER C 102 -9.96 -0.50 15.05
N LEU C 103 -10.56 -0.09 16.20
CA LEU C 103 -11.28 1.18 16.43
C LEU C 103 -10.36 2.41 16.35
N ALA C 104 -9.04 2.25 16.16
CA ALA C 104 -8.14 3.41 16.04
C ALA C 104 -8.41 4.23 14.77
N ILE C 105 -9.02 3.61 13.74
CA ILE C 105 -9.41 4.37 12.55
C ILE C 105 -10.60 5.26 12.94
N GLY C 106 -11.54 4.72 13.73
CA GLY C 106 -12.70 5.46 14.20
C GLY C 106 -12.35 6.54 15.21
N SER C 107 -11.37 6.27 16.05
CA SER C 107 -10.94 7.22 17.06
C SER C 107 -10.18 8.40 16.47
N ILE C 108 -9.13 8.11 15.69
CA ILE C 108 -8.31 9.17 15.12
C ILE C 108 -9.03 9.87 13.93
N SER C 109 -9.92 9.14 13.20
CA SER C 109 -10.68 9.70 12.07
C SER C 109 -11.69 10.74 12.53
N GLY C 110 -12.41 10.44 13.62
CA GLY C 110 -13.41 11.33 14.16
C GLY C 110 -12.77 12.59 14.69
N HIS C 111 -11.73 12.39 15.48
CA HIS C 111 -10.90 13.43 16.09
C HIS C 111 -10.34 14.37 15.01
N ALA C 112 -9.78 13.81 13.91
CA ALA C 112 -9.26 14.66 12.82
C ALA C 112 -10.35 15.55 12.14
N ARG C 113 -11.64 15.20 12.34
CA ARG C 113 -12.73 16.00 11.78
C ARG C 113 -12.92 17.34 12.53
N VAL C 114 -12.34 17.46 13.71
CA VAL C 114 -12.41 18.68 14.52
C VAL C 114 -11.01 19.27 14.58
N HIS C 115 -9.99 18.44 14.82
CA HIS C 115 -8.60 18.88 14.81
C HIS C 115 -7.79 18.16 13.74
N PRO C 116 -7.90 18.55 12.45
CA PRO C 116 -7.08 17.90 11.41
C PRO C 116 -5.56 18.06 11.58
N ASP C 117 -5.13 18.92 12.52
CA ASP C 117 -3.73 19.17 12.82
C ASP C 117 -3.20 18.30 14.00
N LEU C 118 -3.95 17.29 14.44
CA LEU C 118 -3.54 16.47 15.59
C LEU C 118 -2.25 15.61 15.33
N GLY C 119 -1.49 15.38 16.40
CA GLY C 119 -0.25 14.62 16.39
C GLY C 119 -0.37 13.42 17.29
N VAL C 120 -0.29 12.22 16.68
CA VAL C 120 -0.50 10.91 17.30
C VAL C 120 0.68 10.25 18.01
N ILE C 121 0.52 9.91 19.29
CA ILE C 121 1.46 9.05 19.98
C ILE C 121 0.78 7.67 20.04
N TRP C 122 1.51 6.61 19.73
CA TRP C 122 0.98 5.25 19.67
C TRP C 122 1.74 4.31 20.57
N VAL C 123 1.26 4.12 21.79
CA VAL C 123 1.90 3.19 22.73
C VAL C 123 1.30 1.79 22.56
N ASP C 124 2.17 0.87 22.12
CA ASP C 124 1.80 -0.49 21.76
C ASP C 124 3.06 -1.33 21.54
N ALA C 125 2.96 -2.66 21.75
CA ALA C 125 4.05 -3.59 21.47
C ALA C 125 4.18 -3.84 19.93
N HIS C 126 3.10 -3.62 19.19
CA HIS C 126 3.00 -3.81 17.74
C HIS C 126 2.84 -2.50 17.02
N THR C 127 3.15 -2.48 15.71
CA THR C 127 3.00 -1.25 14.94
C THR C 127 1.53 -1.15 14.42
N ASP C 128 0.77 -2.28 14.30
CA ASP C 128 -0.62 -2.29 13.78
C ASP C 128 -0.76 -1.56 12.43
N ILE C 129 0.35 -1.45 11.68
CA ILE C 129 0.46 -0.72 10.43
C ILE C 129 0.33 -1.61 9.20
N ASN C 130 -0.35 -2.76 9.33
CA ASN C 130 -0.51 -3.68 8.23
C ASN C 130 -1.55 -3.24 7.25
N THR C 131 -1.21 -3.25 5.97
CA THR C 131 -2.21 -2.93 4.94
C THR C 131 -3.01 -4.23 4.74
N PRO C 132 -4.22 -4.18 4.15
CA PRO C 132 -4.94 -5.44 3.88
C PRO C 132 -4.16 -6.41 2.96
N LEU C 133 -3.09 -5.94 2.29
CA LEU C 133 -2.29 -6.82 1.44
C LEU C 133 -0.91 -7.18 2.04
N THR C 134 -0.63 -6.79 3.30
CA THR C 134 0.61 -7.15 4.02
C THR C 134 0.31 -8.03 5.23
N THR C 135 -0.90 -7.87 5.83
CA THR C 135 -1.37 -8.64 7.00
C THR C 135 -1.23 -10.14 6.78
N THR C 136 -0.44 -10.79 7.66
CA THR C 136 -0.25 -12.25 7.58
C THR C 136 -1.15 -13.01 8.59
N SER C 137 -1.70 -12.30 9.58
CA SER C 137 -2.63 -12.88 10.55
C SER C 137 -4.03 -12.89 9.94
N GLY C 138 -4.40 -11.77 9.33
CA GLY C 138 -5.73 -11.57 8.75
C GLY C 138 -6.66 -10.96 9.77
N ASN C 139 -6.15 -10.01 10.60
CA ASN C 139 -6.91 -9.35 11.68
C ASN C 139 -6.80 -7.81 11.58
N LEU C 140 -7.94 -7.09 11.55
CA LEU C 140 -7.91 -5.63 11.42
C LEU C 140 -7.44 -4.87 12.69
N HIS C 141 -7.23 -5.57 13.83
CA HIS C 141 -6.68 -4.92 15.04
C HIS C 141 -5.15 -4.62 14.94
N GLY C 142 -4.52 -5.12 13.89
CA GLY C 142 -3.13 -4.90 13.54
C GLY C 142 -3.02 -4.29 12.15
N GLN C 143 -4.03 -3.49 11.77
CA GLN C 143 -4.15 -2.79 10.50
C GLN C 143 -4.64 -1.32 10.56
N PRO C 144 -5.09 -0.77 11.72
CA PRO C 144 -5.64 0.59 11.72
C PRO C 144 -4.78 1.72 11.24
N VAL C 145 -3.44 1.57 11.31
CA VAL C 145 -2.55 2.66 10.92
C VAL C 145 -2.34 2.73 9.41
N SER C 146 -2.49 1.61 8.70
CA SER C 146 -2.37 1.62 7.24
C SER C 146 -3.49 2.44 6.58
N PHE C 147 -4.71 2.39 7.13
CA PHE C 147 -5.82 3.15 6.57
C PHE C 147 -5.73 4.66 6.92
N LEU C 148 -4.97 5.01 7.97
CA LEU C 148 -4.85 6.39 8.44
C LEU C 148 -3.80 7.23 7.74
N LEU C 149 -2.69 6.62 7.26
CA LEU C 149 -1.60 7.39 6.66
C LEU C 149 -1.98 7.82 5.27
N LYS C 150 -1.85 9.13 5.00
CA LYS C 150 -2.15 9.70 3.69
C LYS C 150 -1.23 9.13 2.61
N GLU C 151 0.00 8.76 2.99
CA GLU C 151 1.00 8.23 2.08
C GLU C 151 0.67 6.80 1.59
N LEU C 152 -0.07 6.06 2.39
CA LEU C 152 -0.50 4.71 2.02
C LEU C 152 -1.71 4.68 1.06
N LYS C 153 -2.29 5.85 0.76
CA LYS C 153 -3.41 6.02 -0.16
C LYS C 153 -2.95 5.59 -1.56
N GLY C 154 -3.28 4.36 -1.93
CA GLY C 154 -2.89 3.74 -3.19
C GLY C 154 -2.43 2.31 -3.00
N LYS C 155 -1.81 2.03 -1.84
CA LYS C 155 -1.35 0.68 -1.48
C LYS C 155 -2.52 -0.11 -0.88
N ILE C 156 -3.37 0.57 -0.07
CA ILE C 156 -4.56 0.01 0.60
C ILE C 156 -5.67 -0.25 -0.43
N PRO C 157 -6.11 -1.51 -0.57
CA PRO C 157 -7.20 -1.81 -1.53
C PRO C 157 -8.61 -1.43 -1.05
N ASP C 158 -9.65 -1.74 -1.85
CA ASP C 158 -11.05 -1.48 -1.53
C ASP C 158 -11.60 -2.57 -0.61
N VAL C 159 -11.53 -2.34 0.70
CA VAL C 159 -12.00 -3.32 1.66
C VAL C 159 -13.38 -2.93 2.12
N PRO C 160 -14.37 -3.86 2.08
CA PRO C 160 -15.74 -3.52 2.49
C PRO C 160 -15.80 -3.00 3.92
N GLY C 161 -16.66 -2.02 4.15
CA GLY C 161 -16.82 -1.34 5.44
C GLY C 161 -16.01 -0.05 5.54
N PHE C 162 -15.00 0.10 4.70
CA PHE C 162 -14.08 1.23 4.79
C PHE C 162 -14.24 2.27 3.67
N SER C 163 -15.43 2.35 3.09
CA SER C 163 -15.75 3.27 2.00
C SER C 163 -15.57 4.74 2.40
N TRP C 164 -15.98 5.04 3.63
CA TRP C 164 -15.93 6.38 4.23
C TRP C 164 -14.51 6.80 4.58
N VAL C 165 -13.60 5.84 4.84
CA VAL C 165 -12.21 6.06 5.21
C VAL C 165 -11.46 7.02 4.28
N THR C 166 -10.75 7.96 4.88
CA THR C 166 -9.89 8.90 4.23
C THR C 166 -8.70 9.04 5.15
N PRO C 167 -7.48 8.85 4.61
CA PRO C 167 -6.28 8.99 5.45
C PRO C 167 -6.19 10.41 6.00
N CYS C 168 -5.98 10.55 7.33
CA CYS C 168 -6.00 11.86 7.97
C CYS C 168 -4.65 12.29 8.58
N ILE C 169 -3.71 11.37 8.72
CA ILE C 169 -2.41 11.70 9.30
C ILE C 169 -1.26 11.42 8.32
N SER C 170 -0.05 11.88 8.65
CA SER C 170 1.12 11.59 7.84
C SER C 170 2.07 10.66 8.64
N ALA C 171 3.15 10.19 8.03
CA ALA C 171 4.12 9.33 8.73
C ALA C 171 4.98 10.12 9.74
N LYS C 172 5.08 11.46 9.54
CA LYS C 172 5.78 12.36 10.46
C LYS C 172 4.89 12.73 11.65
N ASP C 173 3.57 12.64 11.51
CA ASP C 173 2.64 13.02 12.58
C ASP C 173 2.29 11.91 13.57
N ILE C 174 3.13 10.86 13.64
CA ILE C 174 2.89 9.74 14.53
C ILE C 174 4.18 9.27 15.18
N VAL C 175 4.14 8.89 16.47
CA VAL C 175 5.30 8.37 17.23
C VAL C 175 4.92 7.09 17.97
N TYR C 176 5.51 5.95 17.59
CA TYR C 176 5.31 4.66 18.28
C TYR C 176 6.19 4.55 19.51
N ILE C 177 5.69 3.95 20.60
CA ILE C 177 6.49 3.73 21.81
C ILE C 177 6.17 2.36 22.38
N GLY C 178 7.14 1.45 22.39
CA GLY C 178 6.96 0.14 23.01
C GLY C 178 7.07 -1.05 22.09
N LEU C 179 7.43 -0.83 20.82
CA LEU C 179 7.55 -1.90 19.85
C LEU C 179 8.55 -2.98 20.20
N ARG C 180 8.05 -4.18 20.34
CA ARG C 180 8.87 -5.36 20.53
C ARG C 180 8.51 -6.42 19.53
N ASP C 181 7.23 -6.49 19.13
CA ASP C 181 6.80 -7.51 18.18
C ASP C 181 6.30 -6.90 16.87
N VAL C 182 7.17 -6.81 15.85
CA VAL C 182 6.76 -6.23 14.55
C VAL C 182 6.91 -7.22 13.35
N ASP C 183 5.81 -7.51 12.59
CA ASP C 183 5.78 -8.40 11.39
C ASP C 183 6.84 -7.97 10.39
N PRO C 184 7.41 -8.90 9.60
CA PRO C 184 8.39 -8.50 8.59
C PRO C 184 7.95 -7.35 7.69
N GLY C 185 6.70 -7.36 7.22
CA GLY C 185 6.15 -6.29 6.37
C GLY C 185 5.84 -4.95 7.02
N GLU C 186 5.83 -4.87 8.36
CA GLU C 186 5.58 -3.61 9.05
C GLU C 186 6.90 -2.80 9.27
N HIS C 187 8.02 -3.54 9.43
CA HIS C 187 9.37 -3.00 9.51
C HIS C 187 9.79 -2.39 8.14
N TYR C 188 9.17 -2.84 7.05
CA TYR C 188 9.39 -2.28 5.76
C TYR C 188 8.71 -0.88 5.75
N ILE C 189 7.43 -0.77 6.18
CA ILE C 189 6.71 0.51 6.18
C ILE C 189 7.35 1.54 7.13
N LEU C 190 7.78 1.07 8.32
CA LEU C 190 8.45 1.90 9.33
C LEU C 190 9.74 2.50 8.76
N LYS C 191 10.59 1.66 8.13
CA LYS C 191 11.88 2.07 7.58
C LYS C 191 11.82 2.87 6.27
N THR C 192 10.99 2.41 5.30
CA THR C 192 10.84 3.07 4.00
C THR C 192 9.89 4.30 4.00
N LEU C 193 9.32 4.65 5.16
CA LEU C 193 8.44 5.80 5.27
C LEU C 193 8.92 6.82 6.31
N GLY C 194 10.13 6.66 6.83
CA GLY C 194 10.73 7.57 7.81
C GLY C 194 9.89 7.75 9.06
N ILE C 195 9.28 6.64 9.55
CA ILE C 195 8.44 6.72 10.74
C ILE C 195 9.28 6.85 12.02
N LYS C 196 8.92 7.78 12.90
CA LYS C 196 9.61 7.97 14.17
C LYS C 196 9.18 6.86 15.11
N TYR C 197 10.07 5.89 15.39
CA TYR C 197 9.69 4.79 16.29
C TYR C 197 10.60 4.66 17.50
N PHE C 198 10.01 4.31 18.66
CA PHE C 198 10.72 4.05 19.89
C PHE C 198 10.42 2.64 20.32
N SER C 199 11.13 1.68 19.73
CA SER C 199 10.99 0.28 20.11
C SER C 199 11.58 0.06 21.52
N MET C 200 11.41 -1.14 22.08
CA MET C 200 11.98 -1.47 23.38
C MET C 200 13.49 -1.34 23.40
N THR C 201 14.16 -1.52 22.24
CA THR C 201 15.62 -1.39 22.13
C THR C 201 16.05 0.05 22.35
N GLU C 202 15.27 1.02 21.84
CA GLU C 202 15.59 2.44 22.05
C GLU C 202 15.20 2.90 23.47
N VAL C 203 14.14 2.30 24.05
CA VAL C 203 13.73 2.65 25.41
C VAL C 203 14.80 2.23 26.40
N ASP C 204 15.41 1.07 26.19
CA ASP C 204 16.48 0.58 27.05
C ASP C 204 17.75 1.46 26.91
N ARG C 205 18.04 1.88 25.68
CA ARG C 205 19.16 2.76 25.33
C ARG C 205 19.04 4.08 26.04
N LEU C 206 17.90 4.76 25.87
CA LEU C 206 17.66 6.13 26.30
C LEU C 206 17.07 6.31 27.68
N GLY C 207 16.18 5.41 28.04
CA GLY C 207 15.40 5.55 29.26
C GLY C 207 14.11 6.26 28.92
N ILE C 208 13.05 6.08 29.74
CA ILE C 208 11.78 6.74 29.45
C ILE C 208 11.89 8.30 29.52
N GLY C 209 12.92 8.79 30.22
CA GLY C 209 13.23 10.20 30.33
C GLY C 209 13.55 10.77 28.96
N LYS C 210 14.62 10.27 28.33
CA LYS C 210 14.98 10.73 26.98
C LYS C 210 13.90 10.39 25.96
N VAL C 211 13.28 9.21 26.07
CA VAL C 211 12.21 8.77 25.16
C VAL C 211 11.07 9.77 25.10
N MET C 212 10.61 10.27 26.23
CA MET C 212 9.53 11.24 26.25
C MET C 212 9.96 12.67 25.88
N GLU C 213 11.19 13.12 26.21
CA GLU C 213 11.63 14.48 25.88
C GLU C 213 11.62 14.70 24.38
N GLU C 214 12.00 13.67 23.62
CA GLU C 214 12.06 13.74 22.16
C GLU C 214 10.69 13.50 21.50
N THR C 215 9.82 12.73 22.16
CA THR C 215 8.48 12.40 21.73
C THR C 215 7.61 13.66 21.67
N LEU C 216 7.69 14.49 22.71
CA LEU C 216 6.90 15.72 22.76
C LEU C 216 7.54 16.79 21.84
N SER C 217 8.87 16.82 21.76
CA SER C 217 9.61 17.80 20.99
C SER C 217 9.53 17.60 19.48
N TYR C 218 9.34 16.37 19.04
CA TYR C 218 9.24 16.02 17.63
C TYR C 218 7.89 16.45 17.02
N LEU C 219 6.81 16.26 17.79
CA LEU C 219 5.44 16.56 17.37
C LEU C 219 5.07 18.02 17.66
N LEU C 220 5.62 18.61 18.74
CA LEU C 220 5.27 19.98 19.11
C LEU C 220 6.37 21.01 18.95
N GLY C 221 7.58 20.61 18.57
CA GLY C 221 8.72 21.50 18.42
C GLY C 221 8.47 22.80 17.68
N ARG C 222 7.82 22.73 16.51
CA ARG C 222 7.47 23.92 15.71
C ARG C 222 6.48 24.84 16.44
N LYS C 223 5.39 24.28 16.95
CA LYS C 223 4.39 25.04 17.68
C LYS C 223 3.47 24.07 18.43
N LYS C 224 2.69 24.59 19.41
CA LYS C 224 1.74 23.79 20.15
C LYS C 224 0.65 23.29 19.21
N ARG C 225 0.25 22.01 19.34
CA ARG C 225 -0.77 21.33 18.51
C ARG C 225 -1.43 20.16 19.27
N PRO C 226 -2.64 19.71 18.90
CA PRO C 226 -3.31 18.65 19.70
C PRO C 226 -2.61 17.29 19.67
N ILE C 227 -2.70 16.53 20.76
CA ILE C 227 -2.07 15.22 20.89
C ILE C 227 -3.11 14.11 21.13
N HIS C 228 -2.94 12.98 20.44
CA HIS C 228 -3.82 11.85 20.60
C HIS C 228 -3.00 10.65 21.00
N LEU C 229 -3.17 10.17 22.24
CA LEU C 229 -2.48 8.97 22.64
C LEU C 229 -3.46 7.82 22.49
N SER C 230 -3.08 6.84 21.66
CA SER C 230 -3.82 5.60 21.43
C SER C 230 -3.09 4.54 22.26
N PHE C 231 -3.55 4.29 23.48
CA PHE C 231 -2.89 3.33 24.36
C PHE C 231 -3.45 1.90 24.30
N ASP C 232 -2.59 0.94 23.98
CA ASP C 232 -2.97 -0.46 24.00
C ASP C 232 -2.28 -1.10 25.23
N VAL C 233 -3.04 -1.77 26.13
CA VAL C 233 -2.47 -2.36 27.37
C VAL C 233 -1.41 -3.47 27.12
N ASP C 234 -1.28 -3.94 25.85
CA ASP C 234 -0.23 -4.87 25.45
C ASP C 234 1.13 -4.16 25.23
N GLY C 235 1.15 -2.82 25.29
CA GLY C 235 2.35 -1.99 25.24
C GLY C 235 3.14 -2.18 26.52
N LEU C 236 2.45 -2.29 27.67
CA LEU C 236 3.10 -2.59 28.93
C LEU C 236 3.29 -4.12 29.02
N ASP C 237 4.21 -4.56 29.89
CA ASP C 237 4.58 -5.95 30.07
C ASP C 237 3.42 -6.82 30.55
N PRO C 238 3.32 -8.08 30.07
CA PRO C 238 2.24 -8.96 30.55
C PRO C 238 2.22 -9.16 32.06
N SER C 239 3.31 -8.82 32.78
CA SER C 239 3.31 -8.92 34.24
C SER C 239 2.45 -7.80 34.91
N PHE C 240 2.11 -6.73 34.18
CA PHE C 240 1.29 -5.62 34.68
C PHE C 240 -0.13 -5.65 34.11
N THR C 241 -0.22 -5.96 32.81
CA THR C 241 -1.50 -6.05 32.12
C THR C 241 -1.71 -7.47 31.52
N PRO C 242 -1.79 -8.55 32.35
CA PRO C 242 -1.89 -9.91 31.77
C PRO C 242 -3.12 -10.15 30.93
N ALA C 243 -4.28 -9.62 31.33
CA ALA C 243 -5.53 -9.75 30.61
C ALA C 243 -5.49 -8.98 29.27
N THR C 244 -4.87 -9.59 28.23
CA THR C 244 -4.72 -9.07 26.87
C THR C 244 -4.54 -10.24 25.89
N GLY C 245 -5.07 -10.08 24.68
CA GLY C 245 -5.04 -11.08 23.64
C GLY C 245 -3.66 -11.29 23.02
N THR C 246 -2.88 -10.21 22.93
CA THR C 246 -1.54 -10.29 22.34
C THR C 246 -0.47 -9.80 23.32
N PRO C 247 -0.15 -10.60 24.36
CA PRO C 247 0.91 -10.18 25.27
C PRO C 247 2.30 -10.57 24.74
N VAL C 248 3.33 -9.71 24.98
CA VAL C 248 4.72 -9.94 24.54
C VAL C 248 5.64 -9.57 25.70
N VAL C 249 6.54 -10.49 26.09
CA VAL C 249 7.52 -10.24 27.18
C VAL C 249 8.59 -9.20 26.77
N GLY C 250 9.19 -8.54 27.74
CA GLY C 250 10.24 -7.55 27.48
C GLY C 250 9.66 -6.18 27.17
N GLY C 251 8.58 -5.84 27.87
CA GLY C 251 7.87 -4.59 27.61
C GLY C 251 7.77 -3.60 28.73
N LEU C 252 7.29 -2.38 28.38
CA LEU C 252 7.08 -1.21 29.26
C LEU C 252 6.68 -1.60 30.66
N THR C 253 7.19 -0.91 31.66
CA THR C 253 6.81 -1.25 33.05
C THR C 253 5.64 -0.37 33.49
N TYR C 254 5.00 -0.70 34.61
CA TYR C 254 3.91 0.08 35.22
C TYR C 254 4.41 1.57 35.41
N ARG C 255 5.64 1.68 35.89
CA ARG C 255 6.40 2.89 36.12
C ARG C 255 6.59 3.68 34.82
N GLU C 256 7.13 3.06 33.77
CA GLU C 256 7.36 3.74 32.50
C GLU C 256 6.07 4.29 31.90
N GLY C 257 5.05 3.44 31.74
CA GLY C 257 3.76 3.86 31.21
C GLY C 257 3.15 5.03 31.95
N LEU C 258 3.38 5.08 33.27
CA LEU C 258 2.93 6.16 34.13
C LEU C 258 3.70 7.45 33.86
N TYR C 259 5.03 7.37 33.64
CA TYR C 259 5.85 8.54 33.29
C TYR C 259 5.42 9.10 31.92
N ILE C 260 5.09 8.22 30.97
CA ILE C 260 4.64 8.66 29.64
C ILE C 260 3.33 9.47 29.81
N THR C 261 2.34 8.87 30.46
CA THR C 261 1.02 9.43 30.59
C THR C 261 1.02 10.68 31.45
N GLU C 262 1.86 10.74 32.49
CA GLU C 262 1.97 11.95 33.31
C GLU C 262 2.60 13.09 32.50
N GLU C 263 3.63 12.76 31.70
CA GLU C 263 4.29 13.75 30.87
C GLU C 263 3.35 14.38 29.83
N ILE C 264 2.50 13.58 29.15
CA ILE C 264 1.54 14.12 28.20
C ILE C 264 0.60 15.13 28.88
N TYR C 265 0.17 14.85 30.14
CA TYR C 265 -0.75 15.74 30.86
C TYR C 265 -0.15 17.14 31.01
N LYS C 266 1.12 17.20 31.43
CA LYS C 266 1.88 18.41 31.64
C LYS C 266 1.96 19.31 30.42
N THR C 267 1.74 18.77 29.22
CA THR C 267 1.70 19.57 28.00
C THR C 267 0.40 20.40 27.97
N GLY C 268 -0.72 19.74 28.28
CA GLY C 268 -2.06 20.32 28.22
C GLY C 268 -2.64 20.31 26.81
N LEU C 269 -1.95 19.58 25.90
CA LEU C 269 -2.25 19.45 24.49
C LEU C 269 -3.01 18.18 24.14
N LEU C 270 -3.12 17.18 25.06
CA LEU C 270 -3.91 15.97 24.74
C LEU C 270 -5.39 16.37 24.60
N SER C 271 -6.08 15.80 23.57
CA SER C 271 -7.50 15.99 23.24
C SER C 271 -8.24 14.65 22.98
N GLY C 272 -7.50 13.56 22.81
CA GLY C 272 -8.10 12.26 22.53
C GLY C 272 -7.30 11.10 23.09
N LEU C 273 -7.96 10.20 23.86
CA LEU C 273 -7.24 9.09 24.48
C LEU C 273 -7.97 7.75 24.28
N ASP C 274 -7.27 6.72 23.73
CA ASP C 274 -7.86 5.38 23.50
C ASP C 274 -7.31 4.36 24.49
N ILE C 275 -8.16 3.63 25.24
CA ILE C 275 -7.65 2.57 26.14
C ILE C 275 -8.12 1.22 25.58
N MET C 276 -7.22 0.51 24.87
CA MET C 276 -7.57 -0.72 24.16
C MET C 276 -6.96 -2.05 24.68
N GLU C 277 -7.61 -3.15 24.27
CA GLU C 277 -7.28 -4.56 24.43
C GLU C 277 -7.30 -5.10 25.86
N VAL C 278 -8.24 -4.62 26.70
CA VAL C 278 -8.39 -5.15 28.06
C VAL C 278 -9.41 -6.28 27.99
N ASN C 279 -8.97 -7.55 28.05
CA ASN C 279 -9.88 -8.67 27.99
C ASN C 279 -10.11 -9.29 29.36
N PRO C 280 -11.25 -9.00 30.00
CA PRO C 280 -11.51 -9.54 31.34
C PRO C 280 -11.68 -11.07 31.41
N SER C 281 -11.94 -11.72 30.27
CA SER C 281 -12.04 -13.18 30.25
C SER C 281 -10.70 -13.88 29.80
N LEU C 282 -9.63 -13.09 29.60
CA LEU C 282 -8.32 -13.59 29.19
C LEU C 282 -7.24 -13.40 30.25
N GLY C 283 -7.43 -14.04 31.39
CA GLY C 283 -6.50 -14.02 32.51
C GLY C 283 -6.66 -15.32 33.28
N LYS C 284 -5.54 -15.96 33.67
CA LYS C 284 -5.54 -17.24 34.41
C LYS C 284 -6.35 -17.19 35.72
N THR C 285 -6.26 -16.06 36.43
CA THR C 285 -6.95 -15.86 37.69
C THR C 285 -7.75 -14.56 37.63
N PRO C 286 -8.77 -14.39 38.50
CA PRO C 286 -9.49 -13.11 38.51
C PRO C 286 -8.58 -11.92 38.90
N GLU C 287 -7.49 -12.18 39.68
CA GLU C 287 -6.52 -11.15 40.09
C GLU C 287 -5.65 -10.69 38.93
N GLU C 288 -5.43 -11.55 37.92
CA GLU C 288 -4.74 -11.12 36.70
C GLU C 288 -5.64 -10.19 35.87
N VAL C 289 -6.97 -10.33 36.00
CA VAL C 289 -7.94 -9.49 35.35
C VAL C 289 -7.91 -8.15 36.10
N THR C 290 -8.12 -8.18 37.45
CA THR C 290 -8.14 -7.02 38.34
C THR C 290 -6.88 -6.20 38.25
N ARG C 291 -5.72 -6.85 38.14
CA ARG C 291 -4.44 -6.17 38.01
C ARG C 291 -4.44 -5.26 36.78
N THR C 292 -4.77 -5.83 35.60
CA THR C 292 -4.87 -5.22 34.29
C THR C 292 -5.85 -4.05 34.29
N VAL C 293 -6.95 -4.19 35.04
CA VAL C 293 -7.97 -3.14 35.17
C VAL C 293 -7.35 -2.02 35.99
N ASN C 294 -6.81 -2.31 37.18
CA ASN C 294 -6.13 -1.33 38.04
C ASN C 294 -4.99 -0.61 37.33
N THR C 295 -4.26 -1.30 36.44
CA THR C 295 -3.13 -0.73 35.69
C THR C 295 -3.64 0.13 34.52
N ALA C 296 -4.75 -0.28 33.86
CA ALA C 296 -5.40 0.48 32.79
C ALA C 296 -6.05 1.78 33.34
N VAL C 297 -6.76 1.67 34.48
CA VAL C 297 -7.43 2.76 35.20
C VAL C 297 -6.40 3.80 35.66
N ALA C 298 -5.21 3.30 36.10
CA ALA C 298 -4.12 4.15 36.57
C ALA C 298 -3.58 4.94 35.40
N ILE C 299 -3.39 4.29 34.23
CA ILE C 299 -2.91 4.93 33.02
C ILE C 299 -3.85 6.08 32.63
N THR C 300 -5.18 5.83 32.70
CA THR C 300 -6.21 6.81 32.33
C THR C 300 -6.19 8.05 33.26
N LEU C 301 -6.10 7.84 34.60
CA LEU C 301 -6.04 8.93 35.57
C LEU C 301 -4.78 9.77 35.41
N ALA C 302 -3.63 9.16 35.09
CA ALA C 302 -2.39 9.87 34.84
C ALA C 302 -2.52 10.83 33.64
N CYS C 303 -3.38 10.49 32.67
CA CYS C 303 -3.73 11.29 31.50
C CYS C 303 -4.57 12.53 31.85
N PHE C 304 -5.24 12.52 33.03
CA PHE C 304 -6.14 13.59 33.46
C PHE C 304 -5.71 14.32 34.72
N GLY C 305 -4.42 14.33 35.04
CA GLY C 305 -3.93 15.13 36.16
C GLY C 305 -3.36 14.49 37.40
N LEU C 306 -3.61 13.18 37.63
CA LEU C 306 -3.05 12.53 38.82
C LEU C 306 -1.54 12.45 38.71
N ALA C 307 -0.86 12.91 39.75
CA ALA C 307 0.59 12.95 39.80
C ALA C 307 1.08 12.12 40.95
N ARG C 308 2.15 11.35 40.72
CA ARG C 308 2.73 10.50 41.76
C ARG C 308 3.32 11.33 42.93
N GLU C 309 3.88 12.51 42.63
CA GLU C 309 4.42 13.38 43.68
C GLU C 309 3.34 13.86 44.66
N GLY C 310 2.12 14.04 44.17
CA GLY C 310 1.00 14.50 44.96
C GLY C 310 0.19 15.57 44.24
N ASN C 311 -0.98 15.93 44.79
CA ASN C 311 -1.85 16.93 44.16
C ASN C 311 -2.59 17.81 45.14
N HIS C 312 -2.42 19.14 45.02
CA HIS C 312 -3.12 20.07 45.88
C HIS C 312 -3.93 21.11 45.09
N LYS C 313 -5.13 21.41 45.56
CA LYS C 313 -6.07 22.37 44.96
C LYS C 313 -5.72 23.82 45.41
N PRO C 314 -6.24 24.87 44.73
CA PRO C 314 -5.89 26.24 45.13
C PRO C 314 -6.72 26.73 46.33
N ILE C 315 -6.41 26.16 47.50
CA ILE C 315 -6.98 26.44 48.81
C ILE C 315 -5.79 26.51 49.86
N ASP C 316 -6.07 26.75 51.15
CA ASP C 316 -5.04 26.78 52.18
C ASP C 316 -5.24 25.63 53.17
N TYR C 317 -4.30 24.68 53.21
CA TYR C 317 -4.38 23.54 54.14
C TYR C 317 -3.81 23.87 55.55
N LEU C 318 -3.01 24.95 55.67
CA LEU C 318 -2.44 25.39 56.94
C LEU C 318 -3.38 26.45 57.59
N ASN C 319 -4.65 26.07 57.85
CA ASN C 319 -5.70 26.91 58.43
C ASN C 319 -6.40 26.11 59.53
N ALA D 3 26.05 -15.57 5.04
CA ALA D 3 26.76 -14.34 5.42
C ALA D 3 27.31 -14.49 6.83
N LYS D 4 28.66 -14.35 7.01
CA LYS D 4 29.43 -14.52 8.26
C LYS D 4 28.62 -14.38 9.59
N SER D 5 28.09 -13.19 9.89
CA SER D 5 27.32 -12.87 11.10
C SER D 5 26.10 -13.78 11.36
N ARG D 6 25.57 -14.40 10.31
CA ARG D 6 24.47 -15.36 10.44
C ARG D 6 24.85 -16.78 9.98
N THR D 7 26.16 -17.10 9.94
CA THR D 7 26.69 -18.43 9.60
C THR D 7 27.13 -19.07 10.92
N ILE D 8 26.43 -20.13 11.33
CA ILE D 8 26.66 -20.72 12.65
C ILE D 8 26.98 -22.22 12.62
N GLY D 9 27.85 -22.61 13.57
CA GLY D 9 28.26 -23.98 13.85
C GLY D 9 27.91 -24.29 15.30
N ILE D 10 26.94 -25.21 15.51
CA ILE D 10 26.44 -25.51 16.87
C ILE D 10 27.15 -26.69 17.52
N ILE D 11 27.73 -26.45 18.71
CA ILE D 11 28.46 -27.43 19.51
C ILE D 11 27.68 -27.79 20.80
N GLY D 12 27.24 -29.04 20.92
CA GLY D 12 26.59 -29.51 22.13
C GLY D 12 27.62 -29.94 23.16
N ALA D 13 27.54 -29.40 24.38
CA ALA D 13 28.49 -29.73 25.43
C ALA D 13 27.80 -30.09 26.75
N PRO D 14 27.23 -31.31 26.81
CA PRO D 14 26.58 -31.77 28.04
C PRO D 14 27.60 -32.25 29.06
N PHE D 15 28.14 -31.33 29.89
CA PHE D 15 29.11 -31.62 30.95
C PHE D 15 28.68 -30.87 32.20
N SER D 16 28.57 -31.56 33.34
CA SER D 16 28.03 -30.95 34.55
C SER D 16 28.81 -31.22 35.82
N LYS D 17 30.13 -31.42 35.69
CA LYS D 17 30.95 -31.67 36.87
C LYS D 17 31.67 -30.43 37.40
N GLY D 18 31.61 -29.32 36.67
CA GLY D 18 32.18 -28.05 37.12
C GLY D 18 31.45 -27.43 38.28
N GLN D 19 30.34 -28.02 38.70
CA GLN D 19 29.53 -27.63 39.84
C GLN D 19 28.93 -28.89 40.49
N PRO D 20 28.45 -28.79 41.74
CA PRO D 20 27.97 -29.99 42.43
C PRO D 20 26.57 -30.47 42.06
N ARG D 21 25.72 -29.54 41.56
CA ARG D 21 24.34 -29.79 41.22
C ARG D 21 24.16 -30.49 39.88
N GLY D 22 23.54 -31.65 39.90
CA GLY D 22 23.31 -32.44 38.69
C GLY D 22 22.17 -31.94 37.83
N GLY D 23 22.37 -32.04 36.52
CA GLY D 23 21.36 -31.66 35.54
C GLY D 23 21.75 -30.62 34.50
N VAL D 24 22.88 -29.91 34.69
CA VAL D 24 23.28 -28.88 33.72
C VAL D 24 23.71 -29.50 32.36
N GLU D 25 23.92 -30.82 32.30
CA GLU D 25 24.28 -31.50 31.07
C GLU D 25 23.07 -31.57 30.10
N GLU D 26 21.83 -31.59 30.62
CA GLU D 26 20.64 -31.63 29.76
C GLU D 26 20.30 -30.28 29.06
N GLY D 27 21.17 -29.28 29.24
CA GLY D 27 21.05 -27.96 28.62
C GLY D 27 20.93 -28.00 27.11
N PRO D 28 21.89 -28.63 26.38
CA PRO D 28 21.77 -28.68 24.92
C PRO D 28 20.47 -29.32 24.45
N THR D 29 20.00 -30.32 25.19
CA THR D 29 18.78 -31.07 24.87
C THR D 29 17.52 -30.20 25.06
N VAL D 30 17.31 -29.62 26.23
CA VAL D 30 16.13 -28.77 26.51
C VAL D 30 16.17 -27.42 25.71
N LEU D 31 17.34 -27.02 25.20
CA LEU D 31 17.45 -25.83 24.36
C LEU D 31 17.17 -26.20 22.88
N ARG D 32 17.54 -27.43 22.46
CA ARG D 32 17.30 -27.91 21.11
C ARG D 32 15.84 -28.29 20.93
N LYS D 33 15.22 -28.91 21.97
CA LYS D 33 13.81 -29.33 21.96
C LYS D 33 12.82 -28.18 21.85
N ALA D 34 13.25 -26.97 22.26
CA ALA D 34 12.45 -25.75 22.19
C ALA D 34 12.62 -25.01 20.84
N GLY D 35 13.05 -25.72 19.80
CA GLY D 35 13.20 -25.23 18.44
C GLY D 35 14.22 -24.14 18.18
N LEU D 36 15.40 -24.23 18.80
CA LEU D 36 16.43 -23.23 18.60
C LEU D 36 16.96 -23.24 17.18
N LEU D 37 17.15 -24.44 16.61
CA LEU D 37 17.66 -24.55 15.25
C LEU D 37 16.60 -24.10 14.20
N GLU D 38 15.30 -24.28 14.53
CA GLU D 38 14.16 -23.92 13.67
C GLU D 38 14.01 -22.42 13.60
N LYS D 39 13.89 -21.75 14.77
CA LYS D 39 13.77 -20.30 14.93
C LYS D 39 14.90 -19.55 14.21
N LEU D 40 16.13 -20.08 14.34
CA LEU D 40 17.32 -19.51 13.71
C LEU D 40 17.26 -19.62 12.20
N LYS D 41 16.74 -20.73 11.66
CA LYS D 41 16.59 -20.89 10.21
C LYS D 41 15.48 -19.98 9.65
N GLU D 42 14.50 -19.57 10.48
CA GLU D 42 13.47 -18.59 10.09
C GLU D 42 13.93 -17.12 10.32
N GLN D 43 15.17 -16.96 10.78
CA GLN D 43 15.86 -15.72 11.06
C GLN D 43 17.02 -15.54 10.04
N GLU D 44 16.98 -16.22 8.88
CA GLU D 44 17.92 -16.17 7.76
C GLU D 44 19.36 -16.53 8.16
N CYS D 45 19.49 -17.44 9.15
CA CYS D 45 20.74 -18.00 9.65
C CYS D 45 21.05 -19.30 8.90
N ASP D 46 22.35 -19.67 8.92
CA ASP D 46 22.97 -20.89 8.39
C ASP D 46 23.26 -21.73 9.63
N VAL D 47 22.78 -22.99 9.67
CA VAL D 47 22.98 -23.80 10.87
C VAL D 47 23.49 -25.19 10.60
N LYS D 48 24.73 -25.41 10.98
CA LYS D 48 25.34 -26.73 10.88
C LYS D 48 25.50 -27.22 12.32
N ASP D 49 24.82 -28.30 12.69
CA ASP D 49 24.89 -28.85 14.04
C ASP D 49 25.90 -30.00 14.12
N TYR D 50 26.99 -29.78 14.86
CA TYR D 50 28.11 -30.71 15.05
C TYR D 50 27.84 -31.80 16.15
N GLY D 51 26.58 -31.90 16.59
CA GLY D 51 26.13 -32.85 17.61
C GLY D 51 26.59 -32.56 19.01
N ASP D 52 26.38 -33.53 19.90
CA ASP D 52 26.81 -33.41 21.28
C ASP D 52 28.15 -34.13 21.48
N LEU D 53 29.04 -33.49 22.24
CA LEU D 53 30.34 -34.06 22.57
C LEU D 53 30.09 -35.24 23.51
N PRO D 54 30.76 -36.37 23.26
CA PRO D 54 30.56 -37.53 24.13
C PRO D 54 31.62 -37.53 25.23
N PHE D 55 31.31 -36.96 26.40
CA PHE D 55 32.30 -36.90 27.47
C PHE D 55 32.40 -38.24 28.15
N ALA D 56 33.33 -39.10 27.66
CA ALA D 56 33.54 -40.44 28.20
C ALA D 56 33.99 -40.33 29.65
N ASP D 57 33.41 -41.15 30.51
CA ASP D 57 33.65 -41.13 31.95
C ASP D 57 35.10 -41.32 32.36
N ILE D 58 35.54 -40.47 33.28
CA ILE D 58 36.86 -40.53 33.89
C ILE D 58 36.57 -40.83 35.35
N PRO D 59 36.47 -42.13 35.72
CA PRO D 59 36.22 -42.47 37.13
C PRO D 59 37.51 -42.42 37.96
N ASN D 60 37.38 -42.43 39.29
CA ASN D 60 38.55 -42.29 40.19
C ASN D 60 39.37 -41.02 39.88
N ASP D 61 38.64 -39.95 39.53
CA ASP D 61 39.16 -38.63 39.20
C ASP D 61 39.18 -37.87 40.51
N SER D 62 40.11 -38.23 41.38
CA SER D 62 40.26 -37.62 42.69
C SER D 62 40.66 -36.14 42.57
N PRO D 63 40.23 -35.28 43.51
CA PRO D 63 40.49 -33.84 43.38
C PRO D 63 41.96 -33.42 43.46
N PHE D 64 42.17 -32.11 43.37
CA PHE D 64 43.45 -31.46 43.49
C PHE D 64 43.20 -30.44 44.57
N GLN D 65 43.46 -30.79 45.84
CA GLN D 65 43.15 -29.90 46.96
C GLN D 65 41.60 -29.77 47.08
N ILE D 66 41.07 -28.62 47.52
CA ILE D 66 39.63 -28.37 47.61
C ILE D 66 38.95 -28.57 46.23
N VAL D 67 39.70 -28.39 45.12
CA VAL D 67 39.22 -28.47 43.74
C VAL D 67 38.67 -29.84 43.34
N LYS D 68 37.35 -29.93 43.13
CA LYS D 68 36.70 -31.19 42.78
C LYS D 68 36.67 -31.49 41.26
N ASN D 69 36.91 -32.77 40.88
CA ASN D 69 36.90 -33.27 39.51
C ASN D 69 37.90 -32.51 38.59
N PRO D 70 39.23 -32.64 38.79
CA PRO D 70 40.16 -31.85 37.96
C PRO D 70 40.43 -32.39 36.57
N ARG D 71 40.53 -33.73 36.41
CA ARG D 71 40.83 -34.34 35.10
C ARG D 71 39.66 -34.30 34.16
N SER D 72 38.43 -34.46 34.71
CA SER D 72 37.16 -34.44 33.99
C SER D 72 36.91 -33.06 33.41
N VAL D 73 37.08 -32.00 34.23
CA VAL D 73 36.88 -30.65 33.72
C VAL D 73 37.94 -30.31 32.70
N GLY D 74 39.19 -30.65 33.00
CA GLY D 74 40.29 -30.43 32.08
C GLY D 74 40.17 -31.13 30.75
N LYS D 75 39.66 -32.37 30.76
CA LYS D 75 39.48 -33.14 29.52
C LYS D 75 38.25 -32.65 28.75
N ALA D 76 37.18 -32.29 29.45
CA ALA D 76 35.98 -31.76 28.80
C ALA D 76 36.26 -30.43 28.15
N SER D 77 37.03 -29.57 28.82
CA SER D 77 37.39 -28.25 28.28
C SER D 77 38.29 -28.44 27.07
N GLU D 78 39.26 -29.38 27.15
CA GLU D 78 40.20 -29.69 26.08
C GLU D 78 39.53 -30.26 24.82
N GLN D 79 38.59 -31.22 24.99
CA GLN D 79 37.84 -31.77 23.85
C GLN D 79 37.00 -30.65 23.21
N LEU D 80 36.44 -29.75 24.04
CA LEU D 80 35.65 -28.62 23.57
C LEU D 80 36.50 -27.66 22.76
N ALA D 81 37.74 -27.37 23.22
CA ALA D 81 38.66 -26.49 22.51
C ALA D 81 38.96 -27.03 21.12
N GLY D 82 39.20 -28.35 21.04
CA GLY D 82 39.50 -29.07 19.80
C GLY D 82 38.42 -28.95 18.76
N LYS D 83 37.16 -28.84 19.21
CA LYS D 83 36.01 -28.69 18.34
C LYS D 83 35.70 -27.21 18.01
N VAL D 84 35.85 -26.28 18.97
CA VAL D 84 35.62 -24.85 18.71
C VAL D 84 36.51 -24.34 17.57
N ALA D 85 37.81 -24.67 17.63
CA ALA D 85 38.77 -24.25 16.60
C ALA D 85 38.42 -24.88 15.25
N GLU D 86 38.01 -26.17 15.28
CA GLU D 86 37.59 -26.96 14.10
C GLU D 86 36.38 -26.30 13.41
N VAL D 87 35.49 -25.66 14.19
CA VAL D 87 34.34 -24.95 13.68
C VAL D 87 34.71 -23.52 13.22
N LYS D 88 35.53 -22.78 13.99
CA LYS D 88 35.95 -21.43 13.58
C LYS D 88 36.77 -21.41 12.26
N LYS D 89 37.40 -22.55 11.95
CA LYS D 89 38.13 -22.70 10.69
C LYS D 89 37.12 -22.82 9.54
N ASN D 90 35.90 -23.38 9.77
CA ASN D 90 34.86 -23.48 8.75
C ASN D 90 34.14 -22.12 8.49
N GLY D 91 34.71 -21.00 8.92
CA GLY D 91 34.10 -19.69 8.78
C GLY D 91 32.82 -19.50 9.59
N ARG D 92 32.39 -20.55 10.33
CA ARG D 92 31.20 -20.57 11.17
C ARG D 92 31.45 -19.90 12.53
N ILE D 93 30.40 -19.35 13.16
CA ILE D 93 30.47 -18.75 14.50
C ILE D 93 30.18 -19.89 15.44
N SER D 94 31.10 -20.22 16.35
CA SER D 94 30.91 -21.36 17.25
C SER D 94 29.91 -21.09 18.34
N LEU D 95 28.73 -21.70 18.26
CA LEU D 95 27.72 -21.56 19.31
C LEU D 95 27.80 -22.78 20.20
N VAL D 96 28.34 -22.58 21.40
CA VAL D 96 28.51 -23.58 22.44
C VAL D 96 27.29 -23.67 23.37
N LEU D 97 26.66 -24.85 23.42
CA LEU D 97 25.54 -25.08 24.31
C LEU D 97 26.02 -25.87 25.52
N GLY D 98 26.12 -25.22 26.66
CA GLY D 98 26.51 -25.88 27.90
C GLY D 98 25.34 -26.64 28.54
N GLY D 99 25.59 -27.34 29.63
CA GLY D 99 26.89 -27.40 30.29
C GLY D 99 27.09 -26.27 31.28
N ASP D 100 28.08 -26.41 32.17
CA ASP D 100 28.35 -25.33 33.13
C ASP D 100 29.40 -24.36 32.58
N HIS D 101 29.58 -23.22 33.27
CA HIS D 101 30.47 -22.14 32.86
C HIS D 101 31.97 -22.52 32.84
N SER D 102 32.42 -23.58 33.55
CA SER D 102 33.85 -23.96 33.49
C SER D 102 34.33 -24.49 32.13
N LEU D 103 33.39 -24.76 31.23
CA LEU D 103 33.75 -25.20 29.90
C LEU D 103 34.32 -24.05 29.09
N ALA D 104 34.04 -22.77 29.51
CA ALA D 104 34.52 -21.53 28.90
C ALA D 104 36.01 -21.47 28.66
N ILE D 105 36.76 -22.29 29.39
CA ILE D 105 38.21 -22.45 29.25
C ILE D 105 38.52 -23.02 27.85
N GLY D 106 37.74 -24.04 27.44
CA GLY D 106 37.87 -24.72 26.15
C GLY D 106 37.43 -23.87 24.99
N SER D 107 36.18 -23.35 25.04
CA SER D 107 35.61 -22.46 24.03
C SER D 107 36.55 -21.31 23.63
N ILE D 108 37.17 -20.65 24.62
CA ILE D 108 38.00 -19.46 24.39
C ILE D 108 39.43 -19.82 23.96
N SER D 109 39.96 -21.00 24.39
CA SER D 109 41.29 -21.42 23.94
C SER D 109 41.21 -21.81 22.47
N GLY D 110 40.19 -22.60 22.10
CA GLY D 110 39.91 -22.98 20.73
C GLY D 110 39.55 -21.81 19.86
N HIS D 111 38.93 -20.78 20.43
CA HIS D 111 38.59 -19.55 19.70
C HIS D 111 39.89 -18.78 19.43
N ALA D 112 40.78 -18.69 20.43
CA ALA D 112 42.07 -17.99 20.39
C ALA D 112 43.10 -18.61 19.47
N ARG D 113 42.90 -19.86 19.01
CA ARG D 113 43.84 -20.47 18.08
C ARG D 113 43.63 -19.85 16.69
N VAL D 114 42.35 -19.75 16.28
CA VAL D 114 41.97 -19.20 14.98
C VAL D 114 41.99 -17.65 15.02
N HIS D 115 41.50 -17.03 16.12
CA HIS D 115 41.54 -15.58 16.25
C HIS D 115 42.12 -15.19 17.60
N PRO D 116 43.45 -14.99 17.71
CA PRO D 116 44.03 -14.58 18.99
C PRO D 116 43.66 -13.14 19.42
N ASP D 117 43.33 -12.28 18.44
CA ASP D 117 42.98 -10.89 18.72
C ASP D 117 41.62 -10.68 19.41
N LEU D 118 40.76 -11.71 19.44
CA LEU D 118 39.45 -11.65 20.09
C LEU D 118 39.40 -10.97 21.50
N GLY D 119 38.24 -10.39 21.80
CA GLY D 119 37.94 -9.77 23.09
C GLY D 119 36.71 -10.42 23.68
N VAL D 120 36.63 -10.53 25.03
CA VAL D 120 35.55 -11.22 25.71
C VAL D 120 34.63 -10.32 26.54
N ILE D 121 33.31 -10.49 26.38
CA ILE D 121 32.31 -9.83 27.21
C ILE D 121 31.72 -10.96 28.06
N TRP D 122 32.03 -10.99 29.36
CA TRP D 122 31.52 -12.03 30.24
C TRP D 122 30.24 -11.54 30.84
N VAL D 123 29.10 -12.16 30.50
CA VAL D 123 27.83 -11.78 31.10
C VAL D 123 27.43 -12.84 32.12
N ASP D 124 27.53 -12.49 33.43
CA ASP D 124 27.30 -13.38 34.57
C ASP D 124 27.17 -12.58 35.89
N ALA D 125 26.63 -13.21 36.96
CA ALA D 125 26.50 -12.63 38.32
C ALA D 125 27.78 -12.74 39.15
N HIS D 126 28.76 -13.52 38.69
CA HIS D 126 30.03 -13.80 39.34
C HIS D 126 31.19 -13.50 38.35
N THR D 127 32.39 -13.17 38.86
CA THR D 127 33.52 -12.94 37.97
C THR D 127 34.04 -14.25 37.39
N ASP D 128 33.85 -15.38 38.10
CA ASP D 128 34.36 -16.68 37.69
C ASP D 128 35.89 -16.65 37.52
N ILE D 129 36.55 -15.88 38.40
CA ILE D 129 37.99 -15.66 38.38
C ILE D 129 38.68 -16.17 39.66
N ASN D 130 38.05 -17.15 40.36
CA ASN D 130 38.68 -17.74 41.53
C ASN D 130 39.80 -18.59 41.00
N THR D 131 41.02 -18.47 41.54
CA THR D 131 42.13 -19.32 41.10
C THR D 131 42.02 -20.64 41.87
N PRO D 132 42.62 -21.74 41.38
CA PRO D 132 42.55 -23.01 42.10
C PRO D 132 42.98 -22.97 43.58
N LEU D 133 43.71 -21.91 44.01
CA LEU D 133 44.11 -21.76 45.41
C LEU D 133 43.20 -20.76 46.15
N THR D 134 42.78 -19.69 45.45
CA THR D 134 41.87 -18.70 46.02
C THR D 134 40.37 -19.12 45.90
N THR D 135 40.11 -20.43 45.83
CA THR D 135 38.74 -20.92 45.75
C THR D 135 38.23 -21.42 47.11
N THR D 136 37.01 -21.01 47.46
CA THR D 136 36.34 -21.39 48.72
C THR D 136 35.45 -22.63 48.55
N SER D 137 34.93 -22.85 47.34
CA SER D 137 34.06 -24.00 47.07
C SER D 137 34.85 -25.15 46.49
N GLY D 138 35.76 -24.85 45.59
CA GLY D 138 36.55 -25.85 44.90
C GLY D 138 36.04 -26.07 43.48
N ASN D 139 34.73 -25.92 43.30
CA ASN D 139 34.03 -26.10 42.03
C ASN D 139 34.65 -25.31 40.92
N LEU D 140 34.94 -25.99 39.81
CA LEU D 140 35.66 -25.38 38.72
C LEU D 140 34.88 -24.32 37.90
N HIS D 141 33.54 -24.32 37.95
CA HIS D 141 32.73 -23.36 37.17
C HIS D 141 32.90 -21.87 37.59
N GLY D 142 33.67 -21.64 38.64
CA GLY D 142 33.96 -20.31 39.12
C GLY D 142 35.45 -20.09 39.14
N GLN D 143 36.13 -20.58 38.10
CA GLN D 143 37.57 -20.54 37.82
C GLN D 143 37.95 -20.30 36.32
N PRO D 144 37.03 -20.46 35.33
CA PRO D 144 37.40 -20.27 33.91
C PRO D 144 38.29 -19.08 33.54
N VAL D 145 38.02 -17.88 34.05
CA VAL D 145 38.80 -16.70 33.70
C VAL D 145 40.24 -16.77 34.16
N SER D 146 40.50 -17.31 35.37
CA SER D 146 41.88 -17.36 35.87
C SER D 146 42.81 -18.26 35.02
N PHE D 147 42.29 -19.33 34.40
CA PHE D 147 43.08 -20.24 33.55
C PHE D 147 43.43 -19.57 32.18
N LEU D 148 42.51 -18.77 31.63
CA LEU D 148 42.73 -18.09 30.36
C LEU D 148 43.54 -16.78 30.54
N LEU D 149 43.41 -16.07 31.68
CA LEU D 149 44.16 -14.83 31.90
C LEU D 149 45.69 -15.03 31.94
N LYS D 150 46.42 -14.27 31.11
CA LYS D 150 47.88 -14.36 31.02
C LYS D 150 48.62 -13.80 32.26
N GLU D 151 48.10 -12.69 32.85
CA GLU D 151 48.63 -11.99 34.02
C GLU D 151 48.80 -12.87 35.26
N LEU D 152 47.89 -13.80 35.45
CA LEU D 152 47.92 -14.70 36.60
C LEU D 152 48.83 -15.90 36.31
N LYS D 153 50.01 -15.59 35.79
CA LYS D 153 51.12 -16.48 35.48
C LYS D 153 51.92 -16.61 36.76
N GLY D 154 51.94 -17.80 37.33
CA GLY D 154 52.66 -18.03 38.58
C GLY D 154 51.77 -18.36 39.76
N LYS D 155 50.43 -18.19 39.64
CA LYS D 155 49.53 -18.49 40.74
C LYS D 155 48.46 -19.58 40.43
N ILE D 156 48.53 -20.20 39.22
CA ILE D 156 47.67 -21.34 38.88
C ILE D 156 48.52 -22.58 39.07
N PRO D 157 48.20 -23.42 40.06
CA PRO D 157 49.02 -24.64 40.29
C PRO D 157 48.86 -25.71 39.20
N ASP D 158 49.69 -26.79 39.26
CA ASP D 158 49.61 -27.87 38.28
C ASP D 158 48.39 -28.75 38.58
N VAL D 159 47.23 -28.32 38.06
CA VAL D 159 45.96 -29.01 38.23
C VAL D 159 45.88 -30.13 37.19
N PRO D 160 45.68 -31.38 37.63
CA PRO D 160 45.61 -32.49 36.67
C PRO D 160 44.48 -32.32 35.66
N GLY D 161 44.80 -32.53 34.39
CA GLY D 161 43.83 -32.33 33.31
C GLY D 161 44.05 -31.05 32.54
N PHE D 162 44.62 -30.02 33.17
CA PHE D 162 44.82 -28.72 32.54
C PHE D 162 46.25 -28.35 32.09
N SER D 163 47.12 -29.35 31.87
CA SER D 163 48.47 -29.06 31.38
C SER D 163 48.46 -28.54 29.90
N TRP D 164 47.37 -28.76 29.16
CA TRP D 164 47.21 -28.25 27.80
C TRP D 164 46.94 -26.72 27.78
N VAL D 165 46.36 -26.18 28.88
CA VAL D 165 45.94 -24.79 29.01
C VAL D 165 47.06 -23.76 28.99
N THR D 166 47.05 -22.90 27.97
CA THR D 166 47.98 -21.78 27.81
C THR D 166 47.12 -20.51 27.92
N PRO D 167 47.53 -19.56 28.79
CA PRO D 167 46.77 -18.30 28.89
C PRO D 167 46.77 -17.54 27.57
N CYS D 168 45.60 -17.10 27.10
CA CYS D 168 45.47 -16.44 25.79
C CYS D 168 44.92 -15.02 25.86
N ILE D 169 43.93 -14.80 26.72
CA ILE D 169 43.31 -13.49 26.83
C ILE D 169 43.88 -12.71 27.98
N SER D 170 44.19 -11.43 27.74
CA SER D 170 44.76 -10.53 28.75
C SER D 170 43.66 -9.81 29.55
N ALA D 171 44.03 -9.08 30.64
CA ALA D 171 43.08 -8.36 31.47
C ALA D 171 42.42 -7.18 30.77
N LYS D 172 43.05 -6.63 29.71
CA LYS D 172 42.45 -5.54 28.92
C LYS D 172 41.53 -6.06 27.79
N ASP D 173 41.52 -7.37 27.54
CA ASP D 173 40.70 -7.95 26.49
C ASP D 173 39.37 -8.51 27.03
N ILE D 174 38.90 -8.02 28.21
CA ILE D 174 37.66 -8.51 28.80
C ILE D 174 36.86 -7.41 29.56
N VAL D 175 35.51 -7.61 29.65
CA VAL D 175 34.54 -6.78 30.37
C VAL D 175 33.43 -7.69 30.91
N TYR D 176 33.13 -7.63 32.24
CA TYR D 176 32.01 -8.37 32.86
C TYR D 176 30.78 -7.49 32.94
N ILE D 177 29.59 -8.06 32.75
CA ILE D 177 28.34 -7.28 32.89
C ILE D 177 27.27 -7.99 33.70
N GLY D 178 27.05 -7.52 34.92
CA GLY D 178 25.97 -8.03 35.74
C GLY D 178 26.34 -8.57 37.11
N LEU D 179 27.63 -8.46 37.50
CA LEU D 179 28.17 -8.97 38.76
C LEU D 179 27.39 -8.57 40.01
N ARG D 180 27.23 -9.51 40.95
CA ARG D 180 26.55 -9.28 42.24
C ARG D 180 26.88 -10.35 43.30
N ASP D 181 27.83 -11.25 43.02
CA ASP D 181 28.25 -12.30 43.97
C ASP D 181 29.74 -12.51 43.75
N VAL D 182 30.56 -11.58 44.24
CA VAL D 182 31.99 -11.63 43.99
C VAL D 182 32.82 -11.91 45.24
N ASP D 183 33.41 -13.13 45.31
CA ASP D 183 34.30 -13.61 46.38
C ASP D 183 35.41 -12.63 46.71
N PRO D 184 35.94 -12.61 47.96
CA PRO D 184 37.08 -11.69 48.26
C PRO D 184 38.31 -11.86 47.38
N GLY D 185 38.70 -13.10 47.08
CA GLY D 185 39.83 -13.38 46.19
C GLY D 185 39.56 -12.84 44.79
N GLU D 186 38.32 -13.01 44.31
CA GLU D 186 37.84 -12.52 43.02
C GLU D 186 37.84 -11.00 42.95
N HIS D 187 37.37 -10.31 44.01
CA HIS D 187 37.39 -8.85 44.05
C HIS D 187 38.81 -8.32 44.11
N TYR D 188 39.71 -9.04 44.81
CA TYR D 188 41.10 -8.63 44.90
C TYR D 188 41.74 -8.78 43.52
N ILE D 189 41.64 -9.97 42.91
CA ILE D 189 42.21 -10.23 41.58
C ILE D 189 41.69 -9.23 40.54
N LEU D 190 40.36 -9.15 40.39
CA LEU D 190 39.71 -8.27 39.42
C LEU D 190 40.09 -6.80 39.64
N LYS D 191 40.08 -6.31 40.90
CA LYS D 191 40.46 -4.92 41.12
C LYS D 191 41.98 -4.62 41.02
N THR D 192 42.87 -5.59 41.32
CA THR D 192 44.31 -5.33 41.23
C THR D 192 44.90 -5.51 39.80
N LEU D 193 44.13 -6.12 38.89
CA LEU D 193 44.56 -6.24 37.49
C LEU D 193 44.04 -5.06 36.63
N GLY D 194 43.06 -4.31 37.15
CA GLY D 194 42.46 -3.18 36.49
C GLY D 194 41.41 -3.56 35.46
N ILE D 195 40.85 -4.79 35.59
CA ILE D 195 39.86 -5.35 34.69
C ILE D 195 38.61 -4.52 34.62
N LYS D 196 38.17 -4.17 33.39
CA LYS D 196 36.95 -3.38 33.21
C LYS D 196 35.73 -4.22 33.57
N TYR D 197 34.96 -3.73 34.53
CA TYR D 197 33.77 -4.44 34.98
C TYR D 197 32.58 -3.48 35.07
N PHE D 198 31.38 -4.03 34.89
CA PHE D 198 30.14 -3.30 35.02
C PHE D 198 29.30 -4.21 35.87
N SER D 199 29.40 -4.07 37.21
CA SER D 199 28.61 -4.88 38.11
C SER D 199 27.13 -4.40 38.10
N MET D 200 26.27 -4.96 38.97
CA MET D 200 24.89 -4.51 39.05
C MET D 200 24.76 -3.05 39.40
N THR D 201 25.75 -2.49 40.15
CA THR D 201 25.86 -1.10 40.55
C THR D 201 26.11 -0.19 39.33
N GLU D 202 27.10 -0.57 38.50
CA GLU D 202 27.48 0.16 37.29
C GLU D 202 26.35 0.30 36.28
N VAL D 203 25.40 -0.64 36.29
CA VAL D 203 24.27 -0.63 35.35
C VAL D 203 23.08 0.28 35.83
N ASP D 204 23.08 0.68 37.11
CA ASP D 204 22.07 1.57 37.69
C ASP D 204 22.44 3.04 37.44
N ARG D 205 23.74 3.36 37.63
CA ARG D 205 24.34 4.68 37.50
C ARG D 205 24.22 5.26 36.08
N LEU D 206 24.23 4.37 35.08
CA LEU D 206 24.23 4.85 33.69
C LEU D 206 23.25 4.16 32.77
N GLY D 207 22.54 3.16 33.25
CA GLY D 207 21.64 2.40 32.40
C GLY D 207 22.40 1.44 31.51
N ILE D 208 21.76 0.31 31.13
CA ILE D 208 22.37 -0.69 30.26
C ILE D 208 22.83 -0.10 28.90
N GLY D 209 22.14 0.94 28.44
CA GLY D 209 22.43 1.60 27.18
C GLY D 209 23.78 2.25 27.18
N LYS D 210 24.15 2.87 28.33
CA LYS D 210 25.45 3.49 28.41
C LYS D 210 26.50 2.43 28.72
N VAL D 211 26.18 1.46 29.61
CA VAL D 211 27.07 0.31 29.93
C VAL D 211 27.59 -0.36 28.63
N MET D 212 26.70 -0.58 27.65
CA MET D 212 27.02 -1.20 26.38
C MET D 212 27.82 -0.33 25.43
N GLU D 213 27.60 0.99 25.44
CA GLU D 213 28.34 1.96 24.62
C GLU D 213 29.82 1.98 24.97
N GLU D 214 30.14 1.84 26.27
CA GLU D 214 31.51 1.85 26.75
C GLU D 214 32.19 0.51 26.56
N THR D 215 31.44 -0.59 26.67
CA THR D 215 31.92 -1.97 26.50
C THR D 215 32.44 -2.16 25.06
N LEU D 216 31.63 -1.78 24.06
CA LEU D 216 32.01 -1.93 22.67
C LEU D 216 33.10 -0.92 22.24
N SER D 217 33.15 0.24 22.90
CA SER D 217 34.19 1.22 22.62
C SER D 217 35.50 0.86 23.29
N TYR D 218 35.45 0.07 24.37
CA TYR D 218 36.62 -0.36 25.11
C TYR D 218 37.36 -1.43 24.31
N LEU D 219 36.61 -2.42 23.81
CA LEU D 219 37.19 -3.52 23.07
C LEU D 219 37.47 -3.19 21.59
N LEU D 220 36.51 -2.60 20.86
CA LEU D 220 36.71 -2.33 19.43
C LEU D 220 37.08 -0.89 19.08
N GLY D 221 37.17 -0.02 20.08
CA GLY D 221 37.47 1.39 19.86
C GLY D 221 38.82 1.66 19.26
N ARG D 222 39.87 1.15 19.90
CA ARG D 222 41.24 1.33 19.44
C ARG D 222 41.41 0.62 18.08
N LYS D 223 40.95 -0.65 18.00
CA LYS D 223 40.98 -1.43 16.76
C LYS D 223 39.90 -2.52 16.78
N LYS D 224 39.37 -2.88 15.61
CA LYS D 224 38.33 -3.91 15.53
C LYS D 224 38.91 -5.32 15.71
N ARG D 225 38.15 -6.19 16.36
CA ARG D 225 38.57 -7.58 16.59
C ARG D 225 37.33 -8.46 16.76
N PRO D 226 37.43 -9.81 16.68
CA PRO D 226 36.25 -10.65 16.93
C PRO D 226 35.80 -10.56 18.40
N ILE D 227 34.51 -10.82 18.65
CA ILE D 227 33.97 -10.73 20.01
C ILE D 227 33.49 -12.10 20.46
N HIS D 228 33.79 -12.43 21.71
CA HIS D 228 33.34 -13.66 22.34
C HIS D 228 32.42 -13.27 23.50
N LEU D 229 31.18 -13.71 23.47
CA LEU D 229 30.23 -13.46 24.53
C LEU D 229 30.04 -14.72 25.33
N SER D 230 30.52 -14.72 26.58
CA SER D 230 30.33 -15.88 27.45
C SER D 230 29.12 -15.54 28.27
N PHE D 231 27.99 -16.16 27.93
CA PHE D 231 26.76 -15.92 28.64
C PHE D 231 26.51 -17.01 29.67
N ASP D 232 26.01 -16.60 30.81
CA ASP D 232 25.66 -17.49 31.92
C ASP D 232 24.28 -17.04 32.32
N VAL D 233 23.25 -17.87 32.11
CA VAL D 233 21.87 -17.48 32.43
C VAL D 233 21.68 -16.98 33.87
N ASP D 234 22.56 -17.36 34.85
CA ASP D 234 22.41 -16.81 36.20
C ASP D 234 22.88 -15.33 36.30
N GLY D 235 23.24 -14.71 35.17
CA GLY D 235 23.55 -13.29 35.07
C GLY D 235 22.27 -12.45 35.08
N LEU D 236 21.17 -13.03 34.57
CA LEU D 236 19.88 -12.38 34.56
C LEU D 236 19.13 -12.71 35.87
N ASP D 237 18.17 -11.87 36.25
CA ASP D 237 17.41 -12.04 37.50
C ASP D 237 16.76 -13.42 37.60
N PRO D 238 16.68 -14.02 38.81
CA PRO D 238 16.03 -15.33 38.92
C PRO D 238 14.55 -15.34 38.50
N SER D 239 13.89 -14.18 38.46
CA SER D 239 12.50 -14.10 38.01
C SER D 239 12.36 -14.11 36.48
N PHE D 240 13.45 -14.39 35.75
CA PHE D 240 13.52 -14.51 34.30
C PHE D 240 14.13 -15.87 33.97
N THR D 241 15.23 -16.22 34.66
CA THR D 241 15.95 -17.46 34.44
C THR D 241 16.14 -18.24 35.75
N PRO D 242 15.08 -18.87 36.28
CA PRO D 242 15.24 -19.60 37.56
C PRO D 242 15.94 -20.96 37.47
N ALA D 243 16.12 -21.50 36.26
CA ALA D 243 16.73 -22.81 36.05
C ALA D 243 18.27 -22.82 35.95
N THR D 244 18.93 -22.37 37.00
CA THR D 244 20.40 -22.32 37.06
C THR D 244 20.89 -22.79 38.44
N GLY D 245 22.16 -23.18 38.52
CA GLY D 245 22.79 -23.64 39.74
C GLY D 245 23.03 -22.58 40.80
N THR D 246 23.58 -21.40 40.43
CA THR D 246 23.83 -20.33 41.39
C THR D 246 23.04 -19.04 41.10
N PRO D 247 21.72 -19.03 41.36
CA PRO D 247 20.95 -17.80 41.10
C PRO D 247 21.15 -16.74 42.18
N VAL D 248 21.07 -15.45 41.81
CA VAL D 248 21.21 -14.30 42.74
C VAL D 248 20.17 -13.21 42.40
N VAL D 249 19.33 -12.81 43.37
CA VAL D 249 18.30 -11.80 43.11
C VAL D 249 18.94 -10.43 42.86
N GLY D 250 18.23 -9.61 42.10
CA GLY D 250 18.71 -8.28 41.73
C GLY D 250 19.53 -8.35 40.47
N GLY D 251 19.11 -9.19 39.55
CA GLY D 251 19.84 -9.41 38.31
C GLY D 251 19.49 -8.48 37.18
N LEU D 252 20.15 -8.70 36.06
CA LEU D 252 19.87 -7.96 34.85
C LEU D 252 18.50 -8.39 34.36
N THR D 253 17.72 -7.42 33.87
CA THR D 253 16.40 -7.71 33.35
C THR D 253 16.48 -8.41 31.96
N TYR D 254 15.32 -8.89 31.47
CA TYR D 254 15.11 -9.52 30.17
C TYR D 254 15.52 -8.49 29.10
N ARG D 255 14.99 -7.25 29.23
CA ARG D 255 15.24 -6.11 28.35
C ARG D 255 16.68 -5.61 28.42
N GLU D 256 17.35 -5.80 29.55
CA GLU D 256 18.76 -5.45 29.66
C GLU D 256 19.62 -6.53 28.95
N GLY D 257 19.27 -7.79 29.13
CA GLY D 257 19.98 -8.89 28.48
C GLY D 257 19.81 -8.94 26.97
N LEU D 258 18.67 -8.41 26.48
CA LEU D 258 18.30 -8.32 25.07
C LEU D 258 19.06 -7.16 24.42
N TYR D 259 19.17 -6.02 25.13
CA TYR D 259 19.86 -4.85 24.61
C TYR D 259 21.32 -5.15 24.34
N ILE D 260 21.98 -5.88 25.31
CA ILE D 260 23.39 -6.32 25.22
C ILE D 260 23.59 -7.11 23.93
N THR D 261 22.71 -8.08 23.67
CA THR D 261 22.79 -9.00 22.55
C THR D 261 22.42 -8.34 21.23
N GLU D 262 21.56 -7.34 21.27
CA GLU D 262 21.21 -6.59 20.08
C GLU D 262 22.33 -5.57 19.66
N GLU D 263 23.27 -5.24 20.58
CA GLU D 263 24.38 -4.36 20.23
C GLU D 263 25.52 -5.20 19.60
N ILE D 264 25.83 -6.34 20.21
CA ILE D 264 26.86 -7.24 19.67
C ILE D 264 26.51 -7.75 18.26
N TYR D 265 25.22 -7.71 17.85
CA TYR D 265 24.85 -8.09 16.49
C TYR D 265 25.21 -6.95 15.55
N LYS D 266 24.80 -5.70 15.92
CA LYS D 266 25.00 -4.43 15.22
C LYS D 266 26.51 -4.14 14.90
N THR D 267 27.44 -4.90 15.52
CA THR D 267 28.87 -4.79 15.28
C THR D 267 29.22 -5.61 14.02
N GLY D 268 28.64 -6.82 13.93
CA GLY D 268 28.90 -7.78 12.87
C GLY D 268 30.16 -8.58 13.12
N LEU D 269 30.65 -8.61 14.37
CA LEU D 269 31.89 -9.25 14.74
C LEU D 269 31.82 -10.36 15.82
N LEU D 270 30.62 -10.91 16.14
CA LEU D 270 30.53 -11.98 17.12
C LEU D 270 31.11 -13.23 16.49
N SER D 271 32.18 -13.78 17.06
CA SER D 271 32.78 -15.00 16.56
C SER D 271 32.67 -16.20 17.53
N GLY D 272 32.06 -16.00 18.70
CA GLY D 272 31.91 -17.09 19.66
C GLY D 272 30.89 -16.81 20.74
N LEU D 273 30.00 -17.76 20.96
CA LEU D 273 28.97 -17.63 21.98
C LEU D 273 28.89 -18.92 22.83
N ASP D 274 28.50 -18.75 24.11
CA ASP D 274 28.31 -19.81 25.11
C ASP D 274 27.04 -19.45 25.89
N ILE D 275 26.06 -20.35 26.06
CA ILE D 275 24.89 -20.07 26.93
C ILE D 275 24.89 -21.12 28.05
N MET D 276 25.67 -20.82 29.09
CA MET D 276 25.96 -21.74 30.18
C MET D 276 25.02 -21.65 31.36
N GLU D 277 24.97 -22.74 32.14
CA GLU D 277 24.22 -22.93 33.37
C GLU D 277 22.72 -23.18 33.19
N VAL D 278 22.32 -23.81 32.08
CA VAL D 278 20.92 -24.18 31.90
C VAL D 278 20.74 -25.61 32.41
N ASN D 279 20.07 -25.72 33.56
CA ASN D 279 19.76 -26.98 34.24
C ASN D 279 18.23 -27.09 34.36
N PRO D 280 17.59 -27.98 33.56
CA PRO D 280 16.12 -28.13 33.63
C PRO D 280 15.58 -28.80 34.90
N SER D 281 16.46 -29.46 35.68
CA SER D 281 16.04 -30.12 36.89
C SER D 281 16.28 -29.31 38.13
N LEU D 282 16.29 -27.97 38.02
CA LEU D 282 16.50 -27.13 39.20
C LEU D 282 15.39 -26.09 39.44
N GLY D 283 14.55 -25.82 38.44
CA GLY D 283 13.44 -24.89 38.61
C GLY D 283 12.34 -25.49 39.47
N LYS D 284 11.49 -24.65 40.07
CA LYS D 284 10.41 -25.13 40.95
C LYS D 284 9.22 -25.70 40.18
N THR D 285 8.94 -25.22 38.97
CA THR D 285 7.83 -25.74 38.16
C THR D 285 8.26 -25.99 36.72
N PRO D 286 7.48 -26.77 35.92
CA PRO D 286 7.82 -26.90 34.49
C PRO D 286 7.85 -25.56 33.76
N GLU D 287 7.04 -24.58 34.25
CA GLU D 287 6.99 -23.23 33.70
C GLU D 287 8.34 -22.55 33.94
N GLU D 288 8.93 -22.71 35.14
CA GLU D 288 10.21 -22.10 35.46
C GLU D 288 11.30 -22.61 34.52
N VAL D 289 11.26 -23.93 34.23
CA VAL D 289 12.16 -24.60 33.28
C VAL D 289 12.02 -23.95 31.88
N THR D 290 10.77 -23.77 31.41
CA THR D 290 10.44 -23.20 30.11
C THR D 290 10.71 -21.71 30.05
N ARG D 291 10.53 -21.00 31.17
CA ARG D 291 10.70 -19.55 31.26
C ARG D 291 12.16 -19.21 31.01
N THR D 292 13.07 -19.96 31.65
CA THR D 292 14.53 -19.83 31.55
C THR D 292 14.97 -20.18 30.14
N VAL D 293 14.43 -21.27 29.58
CA VAL D 293 14.73 -21.74 28.24
C VAL D 293 14.26 -20.76 27.19
N ASN D 294 13.08 -20.17 27.38
CA ASN D 294 12.54 -19.19 26.46
C ASN D 294 13.35 -17.89 26.51
N THR D 295 13.83 -17.51 27.69
CA THR D 295 14.64 -16.30 27.85
C THR D 295 16.03 -16.51 27.22
N ALA D 296 16.65 -17.68 27.47
CA ALA D 296 17.97 -18.04 26.94
C ALA D 296 17.93 -18.24 25.43
N VAL D 297 16.79 -18.72 24.89
CA VAL D 297 16.62 -18.90 23.45
C VAL D 297 16.42 -17.52 22.78
N ALA D 298 15.77 -16.56 23.47
CA ALA D 298 15.61 -15.16 23.00
C ALA D 298 17.00 -14.43 22.96
N ILE D 299 17.88 -14.70 23.97
CA ILE D 299 19.25 -14.13 24.03
C ILE D 299 20.02 -14.53 22.77
N THR D 300 19.90 -15.82 22.41
CA THR D 300 20.57 -16.45 21.27
C THR D 300 20.03 -15.89 19.96
N LEU D 301 18.71 -15.81 19.81
CA LEU D 301 18.10 -15.21 18.63
C LEU D 301 18.52 -13.74 18.48
N ALA D 302 18.67 -13.00 19.59
CA ALA D 302 19.10 -11.61 19.52
C ALA D 302 20.58 -11.44 19.11
N CYS D 303 21.40 -12.48 19.38
CA CYS D 303 22.82 -12.52 19.02
C CYS D 303 23.00 -12.51 17.53
N PHE D 304 22.16 -13.28 16.82
CA PHE D 304 22.31 -13.49 15.39
C PHE D 304 21.32 -12.76 14.50
N GLY D 305 20.72 -11.65 14.96
CA GLY D 305 19.90 -10.83 14.07
C GLY D 305 18.51 -10.36 14.43
N LEU D 306 17.75 -11.16 15.19
CA LEU D 306 16.36 -10.85 15.57
C LEU D 306 16.22 -9.56 16.38
N ALA D 307 15.89 -8.46 15.69
CA ALA D 307 15.73 -7.14 16.30
C ALA D 307 14.35 -6.95 16.88
N ARG D 308 14.27 -6.30 18.04
CA ARG D 308 12.98 -6.01 18.66
C ARG D 308 12.17 -5.06 17.78
N GLU D 309 12.82 -4.03 17.17
CA GLU D 309 12.09 -3.11 16.30
C GLU D 309 11.46 -3.84 15.10
N GLY D 310 12.13 -4.86 14.60
CA GLY D 310 11.62 -5.66 13.50
C GLY D 310 12.68 -6.00 12.46
N ASN D 311 12.34 -6.96 11.63
CA ASN D 311 13.23 -7.41 10.56
C ASN D 311 12.47 -7.51 9.23
N HIS D 312 13.20 -7.63 8.11
CA HIS D 312 12.64 -7.80 6.77
C HIS D 312 13.71 -8.16 5.76
N LYS D 313 13.35 -8.97 4.76
CA LYS D 313 14.27 -9.40 3.68
C LYS D 313 14.37 -8.26 2.66
N PRO D 314 15.44 -8.16 1.85
CA PRO D 314 15.51 -7.08 0.86
C PRO D 314 14.55 -7.23 -0.34
N ILE D 315 13.25 -6.99 -0.13
CA ILE D 315 12.21 -7.08 -1.16
C ILE D 315 11.12 -5.95 -0.99
N ASP D 316 10.28 -5.72 -2.01
CA ASP D 316 9.20 -4.75 -1.92
C ASP D 316 7.97 -5.42 -1.34
N TYR D 317 7.68 -5.16 -0.06
CA TYR D 317 6.52 -5.71 0.63
C TYR D 317 5.18 -5.06 0.26
N LEU D 318 5.11 -4.18 -0.78
CA LEU D 318 3.83 -3.57 -1.15
C LEU D 318 3.31 -3.97 -2.55
N ASN D 319 3.77 -5.11 -3.09
CA ASN D 319 3.22 -5.62 -4.34
C ASN D 319 2.44 -6.90 -4.04
N ALA E 3 11.23 17.66 -56.17
CA ALA E 3 11.16 16.30 -55.64
C ALA E 3 10.82 15.31 -56.74
N LYS E 4 11.48 14.16 -56.75
CA LYS E 4 11.17 13.11 -57.72
C LYS E 4 9.87 12.38 -57.32
N SER E 5 9.54 12.35 -56.02
CA SER E 5 8.26 11.81 -55.55
C SER E 5 7.05 12.76 -55.82
N ARG E 6 7.21 13.66 -56.81
CA ARG E 6 6.22 14.63 -57.22
C ARG E 6 6.09 14.70 -58.76
N THR E 7 7.08 14.15 -59.51
CA THR E 7 7.00 14.14 -60.97
C THR E 7 6.12 12.95 -61.37
N ILE E 8 4.90 13.23 -61.90
CA ILE E 8 3.89 12.21 -62.22
C ILE E 8 3.63 12.04 -63.73
N GLY E 9 3.14 10.87 -64.10
CA GLY E 9 2.74 10.51 -65.45
C GLY E 9 1.43 9.78 -65.34
N ILE E 10 0.32 10.39 -65.83
CA ILE E 10 -1.05 9.86 -65.78
C ILE E 10 -1.40 9.01 -66.99
N ILE E 11 -1.92 7.80 -66.76
CA ILE E 11 -2.35 6.85 -67.80
C ILE E 11 -3.68 6.30 -67.30
N GLY E 12 -4.74 6.46 -68.08
CA GLY E 12 -6.08 6.05 -67.66
C GLY E 12 -6.71 4.94 -68.46
N ALA E 13 -6.78 3.74 -67.86
CA ALA E 13 -7.31 2.52 -68.46
C ALA E 13 -8.83 2.35 -68.40
N PRO E 14 -9.56 2.60 -69.50
CA PRO E 14 -11.02 2.35 -69.47
C PRO E 14 -11.30 0.88 -69.79
N PHE E 15 -10.66 -0.04 -69.06
CA PHE E 15 -10.80 -1.47 -69.31
C PHE E 15 -11.61 -2.12 -68.20
N SER E 16 -12.65 -2.89 -68.58
CA SER E 16 -13.53 -3.53 -67.60
C SER E 16 -13.87 -4.97 -67.90
N LYS E 17 -13.25 -5.58 -68.93
CA LYS E 17 -13.58 -6.97 -69.29
C LYS E 17 -12.96 -8.02 -68.36
N GLY E 18 -12.30 -7.61 -67.29
CA GLY E 18 -11.68 -8.53 -66.33
C GLY E 18 -12.59 -8.95 -65.19
N GLN E 19 -13.87 -8.56 -65.24
CA GLN E 19 -14.87 -8.89 -64.22
C GLN E 19 -16.31 -8.81 -64.79
N PRO E 20 -17.32 -9.39 -64.11
CA PRO E 20 -18.68 -9.36 -64.67
C PRO E 20 -19.39 -8.02 -64.51
N ARG E 21 -19.20 -7.36 -63.35
CA ARG E 21 -19.85 -6.09 -63.11
C ARG E 21 -19.39 -5.01 -64.09
N GLY E 22 -20.33 -4.29 -64.68
CA GLY E 22 -20.02 -3.28 -65.68
C GLY E 22 -20.05 -1.87 -65.14
N GLY E 23 -19.06 -1.08 -65.55
CA GLY E 23 -18.93 0.31 -65.13
C GLY E 23 -17.54 0.72 -64.66
N VAL E 24 -16.64 -0.27 -64.45
CA VAL E 24 -15.29 0.04 -63.97
C VAL E 24 -14.42 0.75 -65.05
N GLU E 25 -14.87 0.74 -66.32
CA GLU E 25 -14.22 1.39 -67.46
C GLU E 25 -14.39 2.93 -67.41
N GLU E 26 -15.41 3.43 -66.69
CA GLU E 26 -15.60 4.85 -66.51
C GLU E 26 -14.77 5.43 -65.35
N GLY E 27 -13.92 4.60 -64.72
CA GLY E 27 -13.05 4.94 -63.60
C GLY E 27 -12.14 6.13 -63.79
N PRO E 28 -11.31 6.18 -64.85
CA PRO E 28 -10.43 7.35 -65.06
C PRO E 28 -11.18 8.63 -65.45
N THR E 29 -12.37 8.52 -66.03
CA THR E 29 -13.13 9.71 -66.44
C THR E 29 -13.73 10.40 -65.22
N VAL E 30 -14.31 9.61 -64.32
CA VAL E 30 -14.85 10.14 -63.07
C VAL E 30 -13.68 10.63 -62.18
N LEU E 31 -12.49 10.00 -62.28
CA LEU E 31 -11.27 10.42 -61.60
C LEU E 31 -10.67 11.71 -62.25
N ARG E 32 -11.12 12.11 -63.44
CA ARG E 32 -10.67 13.32 -64.13
C ARG E 32 -11.64 14.49 -63.87
N LYS E 33 -12.95 14.22 -63.74
CA LYS E 33 -13.94 15.26 -63.41
C LYS E 33 -13.71 15.79 -61.99
N ALA E 34 -13.32 14.90 -61.07
CA ALA E 34 -13.01 15.22 -59.69
C ALA E 34 -11.84 16.22 -59.54
N GLY E 35 -10.95 16.28 -60.53
CA GLY E 35 -9.82 17.20 -60.54
C GLY E 35 -8.56 16.58 -59.98
N LEU E 36 -8.08 15.47 -60.58
CA LEU E 36 -6.89 14.79 -60.07
C LEU E 36 -5.62 15.55 -60.40
N LEU E 37 -5.44 15.94 -61.68
CA LEU E 37 -4.27 16.68 -62.12
C LEU E 37 -4.24 18.03 -61.44
N GLU E 38 -5.39 18.72 -61.38
CA GLU E 38 -5.53 20.04 -60.77
C GLU E 38 -5.13 20.01 -59.30
N LYS E 39 -5.66 19.06 -58.52
CA LYS E 39 -5.28 18.94 -57.11
C LYS E 39 -3.80 18.58 -56.91
N LEU E 40 -3.19 17.91 -57.89
CA LEU E 40 -1.79 17.55 -57.84
C LEU E 40 -0.90 18.73 -58.20
N LYS E 41 -1.31 19.55 -59.16
CA LYS E 41 -0.54 20.72 -59.56
C LYS E 41 -0.41 21.71 -58.40
N GLU E 42 -1.49 21.86 -57.61
CA GLU E 42 -1.55 22.70 -56.40
C GLU E 42 -0.55 22.16 -55.38
N GLN E 43 -0.54 20.82 -55.22
CA GLN E 43 0.36 20.05 -54.35
C GLN E 43 1.83 20.08 -54.80
N GLU E 44 2.17 20.94 -55.78
CA GLU E 44 3.50 21.12 -56.35
C GLU E 44 3.98 19.90 -57.14
N CYS E 45 3.10 19.32 -57.98
CA CYS E 45 3.45 18.13 -58.77
C CYS E 45 3.76 18.44 -60.23
N ASP E 46 4.70 17.68 -60.84
CA ASP E 46 4.97 17.82 -62.27
C ASP E 46 4.00 16.85 -62.91
N VAL E 47 2.77 17.28 -63.16
CA VAL E 47 1.75 16.39 -63.74
C VAL E 47 1.61 16.56 -65.25
N LYS E 48 2.04 15.56 -65.99
CA LYS E 48 1.96 15.55 -67.45
C LYS E 48 1.15 14.35 -67.87
N ASP E 49 -0.04 14.59 -68.43
CA ASP E 49 -0.94 13.55 -68.88
C ASP E 49 -0.40 12.78 -70.11
N TYR E 50 -0.52 11.45 -70.08
CA TYR E 50 -0.18 10.52 -71.17
C TYR E 50 -1.46 9.95 -71.85
N GLY E 51 -2.63 10.54 -71.57
CA GLY E 51 -3.91 10.18 -72.17
C GLY E 51 -4.52 8.84 -71.81
N ASP E 52 -5.62 8.52 -72.49
CA ASP E 52 -6.34 7.27 -72.32
C ASP E 52 -5.92 6.25 -73.35
N LEU E 53 -5.78 5.01 -72.90
CA LEU E 53 -5.35 3.94 -73.79
C LEU E 53 -6.47 3.46 -74.71
N PRO E 54 -6.15 3.23 -75.99
CA PRO E 54 -7.18 2.75 -76.93
C PRO E 54 -7.30 1.23 -76.89
N PHE E 55 -8.20 0.72 -76.03
CA PHE E 55 -8.43 -0.70 -75.90
C PHE E 55 -9.46 -1.14 -76.94
N ALA E 56 -9.02 -1.91 -77.95
CA ALA E 56 -9.92 -2.38 -78.99
C ALA E 56 -10.82 -3.51 -78.50
N ASP E 57 -11.99 -3.63 -79.12
CA ASP E 57 -12.97 -4.66 -78.77
C ASP E 57 -12.54 -5.99 -79.38
N ILE E 58 -12.61 -7.05 -78.59
CA ILE E 58 -12.30 -8.39 -79.07
C ILE E 58 -13.60 -9.21 -79.01
N PRO E 59 -14.39 -9.18 -80.09
CA PRO E 59 -15.64 -9.94 -80.09
C PRO E 59 -15.38 -11.44 -80.21
N ASN E 60 -16.35 -12.25 -79.79
CA ASN E 60 -16.25 -13.71 -79.80
C ASN E 60 -15.04 -14.23 -79.02
N ASP E 61 -14.59 -13.47 -78.01
CA ASP E 61 -13.45 -13.84 -77.17
C ASP E 61 -13.83 -15.03 -76.28
N SER E 62 -13.64 -16.25 -76.80
CA SER E 62 -13.98 -17.48 -76.09
C SER E 62 -13.21 -17.65 -74.80
N PRO E 63 -13.85 -18.20 -73.76
CA PRO E 63 -13.15 -18.38 -72.47
C PRO E 63 -12.18 -19.56 -72.48
N PHE E 64 -11.30 -19.60 -71.47
CA PHE E 64 -10.37 -20.72 -71.31
C PHE E 64 -10.71 -21.34 -69.97
N GLN E 65 -11.31 -22.54 -69.98
CA GLN E 65 -11.79 -23.23 -68.77
C GLN E 65 -12.83 -22.31 -68.05
N ILE E 66 -12.77 -22.12 -66.72
CA ILE E 66 -13.72 -21.23 -66.04
C ILE E 66 -13.36 -19.73 -66.23
N VAL E 67 -12.14 -19.43 -66.75
CA VAL E 67 -11.60 -18.08 -66.96
C VAL E 67 -12.11 -17.39 -68.25
N LYS E 68 -13.08 -16.49 -68.06
CA LYS E 68 -13.74 -15.69 -69.11
C LYS E 68 -12.85 -14.55 -69.61
N ASN E 69 -13.14 -14.04 -70.84
CA ASN E 69 -12.46 -12.95 -71.55
C ASN E 69 -10.91 -12.96 -71.42
N PRO E 70 -10.21 -14.07 -71.76
CA PRO E 70 -8.75 -14.09 -71.58
C PRO E 70 -7.94 -13.33 -72.62
N ARG E 71 -8.39 -13.29 -73.88
CA ARG E 71 -7.66 -12.58 -74.93
C ARG E 71 -7.67 -11.07 -74.70
N SER E 72 -8.81 -10.54 -74.26
CA SER E 72 -9.00 -9.12 -74.02
C SER E 72 -8.17 -8.58 -72.85
N VAL E 73 -8.10 -9.34 -71.75
CA VAL E 73 -7.34 -8.94 -70.57
C VAL E 73 -5.83 -8.88 -70.86
N GLY E 74 -5.32 -9.91 -71.52
CA GLY E 74 -3.91 -9.96 -71.91
C GLY E 74 -3.57 -8.83 -72.86
N LYS E 75 -4.50 -8.49 -73.77
CA LYS E 75 -4.28 -7.39 -74.71
C LYS E 75 -4.22 -6.06 -73.97
N ALA E 76 -5.17 -5.81 -73.07
CA ALA E 76 -5.22 -4.58 -72.29
C ALA E 76 -3.96 -4.35 -71.47
N SER E 77 -3.45 -5.41 -70.81
CA SER E 77 -2.25 -5.29 -70.00
C SER E 77 -0.99 -5.22 -70.86
N GLU E 78 -1.00 -5.84 -72.06
CA GLU E 78 0.15 -5.74 -72.96
C GLU E 78 0.27 -4.30 -73.49
N GLN E 79 -0.89 -3.63 -73.75
CA GLN E 79 -0.95 -2.24 -74.19
C GLN E 79 -0.47 -1.29 -73.07
N LEU E 80 -0.84 -1.62 -71.81
CA LEU E 80 -0.47 -0.86 -70.62
C LEU E 80 1.00 -1.06 -70.22
N ALA E 81 1.58 -2.25 -70.45
CA ALA E 81 2.99 -2.48 -70.12
C ALA E 81 3.96 -1.58 -70.93
N GLY E 82 3.54 -1.18 -72.14
CA GLY E 82 4.32 -0.33 -73.03
C GLY E 82 4.22 1.15 -72.75
N LYS E 83 3.06 1.59 -72.23
CA LYS E 83 2.88 2.99 -71.87
C LYS E 83 3.49 3.23 -70.49
N VAL E 84 3.30 2.28 -69.54
CA VAL E 84 3.90 2.34 -68.20
C VAL E 84 5.42 2.43 -68.33
N ALA E 85 6.02 1.71 -69.31
CA ALA E 85 7.45 1.71 -69.61
C ALA E 85 7.94 3.10 -70.11
N GLU E 86 7.17 3.76 -70.99
CA GLU E 86 7.51 5.09 -71.50
C GLU E 86 7.52 6.10 -70.36
N VAL E 87 6.53 6.02 -69.46
CA VAL E 87 6.43 6.91 -68.31
C VAL E 87 7.62 6.68 -67.38
N LYS E 88 7.95 5.40 -67.13
CA LYS E 88 9.09 5.08 -66.28
C LYS E 88 10.42 5.55 -66.89
N LYS E 89 10.53 5.51 -68.21
CA LYS E 89 11.74 5.94 -68.90
C LYS E 89 11.89 7.45 -69.01
N ASN E 90 10.82 8.22 -68.76
CA ASN E 90 10.83 9.67 -68.81
C ASN E 90 11.00 10.35 -67.42
N GLY E 91 11.33 9.56 -66.39
CA GLY E 91 11.54 10.07 -65.03
C GLY E 91 10.25 10.45 -64.32
N ARG E 92 9.16 9.73 -64.61
CA ARG E 92 7.86 10.03 -64.01
C ARG E 92 7.28 8.84 -63.27
N ILE E 93 6.55 9.10 -62.16
CA ILE E 93 5.89 8.05 -61.40
C ILE E 93 4.69 7.60 -62.24
N SER E 94 4.58 6.29 -62.51
CA SER E 94 3.47 5.79 -63.30
C SER E 94 2.20 5.77 -62.50
N LEU E 95 1.32 6.70 -62.78
CA LEU E 95 0.04 6.76 -62.11
C LEU E 95 -0.98 6.20 -63.06
N VAL E 96 -1.38 4.97 -62.79
CA VAL E 96 -2.36 4.29 -63.59
C VAL E 96 -3.70 4.40 -62.88
N LEU E 97 -4.73 4.78 -63.62
CA LEU E 97 -6.08 4.92 -63.11
C LEU E 97 -6.95 3.88 -63.83
N GLY E 98 -7.37 2.86 -63.11
CA GLY E 98 -8.23 1.84 -63.69
C GLY E 98 -9.70 2.23 -63.62
N GLY E 99 -10.58 1.30 -64.01
CA GLY E 99 -10.22 0.00 -64.53
C GLY E 99 -10.19 -1.10 -63.47
N ASP E 100 -10.18 -2.37 -63.92
CA ASP E 100 -10.15 -3.49 -62.99
C ASP E 100 -8.71 -3.95 -62.64
N HIS E 101 -8.54 -4.75 -61.56
CA HIS E 101 -7.23 -5.18 -61.07
C HIS E 101 -6.46 -6.17 -61.95
N SER E 102 -6.95 -6.44 -63.16
CA SER E 102 -6.21 -7.29 -64.10
C SER E 102 -5.01 -6.50 -64.64
N LEU E 103 -5.22 -5.18 -64.92
CA LEU E 103 -4.23 -4.21 -65.44
C LEU E 103 -2.96 -4.09 -64.59
N ALA E 104 -2.99 -4.58 -63.33
CA ALA E 104 -1.82 -4.67 -62.46
C ALA E 104 -0.78 -5.68 -63.02
N ILE E 105 -1.15 -6.48 -64.03
CA ILE E 105 -0.24 -7.36 -64.74
C ILE E 105 0.66 -6.43 -65.57
N GLY E 106 0.05 -5.60 -66.39
CA GLY E 106 0.72 -4.62 -67.24
C GLY E 106 1.49 -3.53 -66.52
N SER E 107 0.93 -3.00 -65.41
CA SER E 107 1.61 -1.95 -64.67
C SER E 107 2.87 -2.49 -63.99
N ILE E 108 2.74 -3.55 -63.20
CA ILE E 108 3.88 -4.14 -62.51
C ILE E 108 4.92 -4.68 -63.51
N SER E 109 4.49 -5.28 -64.65
CA SER E 109 5.45 -5.73 -65.66
C SER E 109 6.16 -4.54 -66.31
N GLY E 110 5.39 -3.51 -66.68
CA GLY E 110 5.92 -2.28 -67.28
C GLY E 110 6.90 -1.54 -66.39
N HIS E 111 6.67 -1.62 -65.08
CA HIS E 111 7.52 -1.04 -64.07
C HIS E 111 8.77 -1.94 -63.93
N ALA E 112 8.62 -3.29 -63.95
CA ALA E 112 9.74 -4.22 -63.86
C ALA E 112 10.64 -4.20 -65.08
N ARG E 113 10.15 -3.71 -66.22
CA ARG E 113 10.97 -3.56 -67.42
C ARG E 113 11.97 -2.41 -67.29
N VAL E 114 11.71 -1.45 -66.38
CA VAL E 114 12.57 -0.29 -66.17
C VAL E 114 13.26 -0.37 -64.81
N HIS E 115 12.50 -0.64 -63.76
CA HIS E 115 13.00 -0.81 -62.39
C HIS E 115 12.67 -2.24 -62.00
N PRO E 116 13.56 -3.20 -62.34
CA PRO E 116 13.24 -4.62 -62.11
C PRO E 116 13.46 -5.15 -60.69
N ASP E 117 14.06 -4.35 -59.81
CA ASP E 117 14.30 -4.71 -58.41
C ASP E 117 13.18 -4.20 -57.48
N LEU E 118 11.98 -3.93 -58.03
CA LEU E 118 10.86 -3.37 -57.26
C LEU E 118 10.17 -4.37 -56.32
N GLY E 119 9.67 -3.82 -55.20
CA GLY E 119 8.91 -4.53 -54.18
C GLY E 119 7.49 -4.01 -54.25
N VAL E 120 6.51 -4.91 -54.18
CA VAL E 120 5.09 -4.56 -54.31
C VAL E 120 4.36 -4.53 -52.96
N ILE E 121 3.33 -3.68 -52.86
CA ILE E 121 2.47 -3.66 -51.69
C ILE E 121 1.06 -3.77 -52.23
N TRP E 122 0.46 -4.94 -52.07
CA TRP E 122 -0.89 -5.18 -52.54
C TRP E 122 -1.90 -4.85 -51.45
N VAL E 123 -2.54 -3.68 -51.59
CA VAL E 123 -3.58 -3.26 -50.66
C VAL E 123 -4.88 -3.69 -51.31
N ASP E 124 -5.46 -4.76 -50.80
CA ASP E 124 -6.70 -5.31 -51.34
C ASP E 124 -7.54 -5.95 -50.25
N ALA E 125 -8.79 -6.26 -50.56
CA ALA E 125 -9.63 -7.03 -49.66
C ALA E 125 -9.43 -8.58 -49.93
N HIS E 126 -8.90 -8.90 -51.12
CA HIS E 126 -8.64 -10.23 -51.66
C HIS E 126 -7.17 -10.33 -52.05
N THR E 127 -6.63 -11.54 -52.08
CA THR E 127 -5.23 -11.76 -52.47
C THR E 127 -4.98 -11.58 -53.98
N ASP E 128 -6.02 -11.63 -54.82
CA ASP E 128 -5.85 -11.53 -56.28
C ASP E 128 -4.80 -12.51 -56.84
N ILE E 129 -4.59 -13.62 -56.11
CA ILE E 129 -3.60 -14.63 -56.43
C ILE E 129 -4.25 -15.98 -56.78
N ASN E 130 -5.15 -15.94 -57.74
CA ASN E 130 -5.75 -17.15 -58.29
C ASN E 130 -5.02 -17.42 -59.64
N THR E 131 -4.89 -18.69 -60.01
CA THR E 131 -4.28 -19.11 -61.29
C THR E 131 -5.44 -19.38 -62.30
N PRO E 132 -5.18 -19.51 -63.63
CA PRO E 132 -6.29 -19.85 -64.54
C PRO E 132 -6.95 -21.21 -64.28
N LEU E 133 -6.41 -21.97 -63.30
CA LEU E 133 -6.93 -23.26 -62.90
C LEU E 133 -7.60 -23.19 -61.50
N THR E 134 -6.84 -22.80 -60.44
CA THR E 134 -7.33 -22.72 -59.05
C THR E 134 -8.60 -21.87 -58.87
N THR E 135 -8.64 -20.70 -59.57
CA THR E 135 -9.74 -19.72 -59.53
C THR E 135 -11.13 -20.36 -59.49
N THR E 136 -12.00 -19.80 -58.67
CA THR E 136 -13.38 -20.28 -58.52
C THR E 136 -14.38 -19.35 -59.25
N SER E 137 -13.98 -18.10 -59.49
CA SER E 137 -14.79 -17.12 -60.19
C SER E 137 -14.52 -17.18 -61.69
N GLY E 138 -13.24 -17.31 -62.04
CA GLY E 138 -12.82 -17.25 -63.43
C GLY E 138 -12.73 -15.81 -63.93
N ASN E 139 -12.65 -14.85 -62.99
CA ASN E 139 -12.54 -13.43 -63.27
C ASN E 139 -11.07 -13.04 -63.08
N LEU E 140 -10.48 -12.41 -64.09
CA LEU E 140 -9.07 -12.08 -64.11
C LEU E 140 -8.66 -10.94 -63.21
N HIS E 141 -9.59 -10.09 -62.80
CA HIS E 141 -9.29 -9.01 -61.84
C HIS E 141 -8.92 -9.57 -60.41
N GLY E 142 -8.90 -10.88 -60.28
CA GLY E 142 -8.54 -11.63 -59.08
C GLY E 142 -7.49 -12.69 -59.34
N GLN E 143 -6.81 -12.59 -60.50
CA GLN E 143 -5.74 -13.48 -60.93
C GLN E 143 -4.37 -12.77 -61.25
N PRO E 144 -4.19 -11.42 -61.12
CA PRO E 144 -2.91 -10.82 -61.57
C PRO E 144 -1.61 -11.28 -60.92
N VAL E 145 -1.55 -11.33 -59.58
CA VAL E 145 -0.31 -11.67 -58.85
C VAL E 145 0.33 -12.97 -59.28
N SER E 146 -0.41 -14.09 -59.27
CA SER E 146 0.16 -15.39 -59.66
C SER E 146 0.79 -15.38 -61.07
N PHE E 147 0.23 -14.57 -61.99
CA PHE E 147 0.77 -14.39 -63.34
C PHE E 147 2.18 -13.74 -63.29
N LEU E 148 2.41 -12.87 -62.31
CA LEU E 148 3.65 -12.13 -62.11
C LEU E 148 4.66 -12.82 -61.19
N LEU E 149 4.27 -13.91 -60.50
CA LEU E 149 5.21 -14.61 -59.61
C LEU E 149 6.12 -15.61 -60.31
N LYS E 150 7.43 -15.51 -60.05
CA LYS E 150 8.48 -16.37 -60.62
C LYS E 150 8.46 -17.80 -60.08
N GLU E 151 8.05 -17.95 -58.83
CA GLU E 151 7.98 -19.24 -58.18
C GLU E 151 6.86 -20.08 -58.77
N LEU E 152 5.73 -19.42 -59.16
CA LEU E 152 4.61 -20.08 -59.80
C LEU E 152 4.81 -20.11 -61.32
N LYS E 153 6.03 -20.42 -61.76
CA LYS E 153 6.36 -20.57 -63.16
C LYS E 153 6.16 -22.07 -63.37
N GLY E 154 5.04 -22.44 -63.97
CA GLY E 154 4.69 -23.85 -64.14
C GLY E 154 3.30 -24.20 -63.62
N LYS E 155 2.69 -23.27 -62.88
CA LYS E 155 1.34 -23.39 -62.36
C LYS E 155 0.35 -22.45 -63.13
N ILE E 156 0.79 -21.87 -64.27
CA ILE E 156 -0.05 -21.03 -65.13
C ILE E 156 0.05 -21.66 -66.52
N PRO E 157 -1.08 -22.10 -67.10
CA PRO E 157 -1.01 -22.77 -68.41
C PRO E 157 -0.96 -21.79 -69.59
N ASP E 158 -0.89 -22.32 -70.81
CA ASP E 158 -0.85 -21.46 -71.99
C ASP E 158 -2.24 -20.94 -72.32
N VAL E 159 -2.51 -19.71 -71.85
CA VAL E 159 -3.78 -19.04 -72.02
C VAL E 159 -3.67 -17.94 -73.08
N PRO E 160 -4.64 -17.91 -74.03
CA PRO E 160 -4.57 -16.91 -75.12
C PRO E 160 -4.62 -15.43 -74.72
N GLY E 161 -3.59 -14.70 -75.11
CA GLY E 161 -3.46 -13.27 -74.86
C GLY E 161 -2.29 -12.93 -73.98
N PHE E 162 -2.02 -13.78 -72.98
CA PHE E 162 -0.92 -13.62 -72.02
C PHE E 162 0.34 -14.33 -72.55
N SER E 163 0.56 -14.26 -73.87
CA SER E 163 1.70 -14.84 -74.58
C SER E 163 3.03 -14.15 -74.22
N TRP E 164 2.95 -12.84 -73.98
CA TRP E 164 4.01 -11.90 -73.64
C TRP E 164 4.49 -12.00 -72.18
N VAL E 165 3.59 -12.41 -71.29
CA VAL E 165 3.86 -12.50 -69.85
C VAL E 165 5.06 -13.38 -69.52
N THR E 166 5.89 -12.84 -68.63
CA THR E 166 7.06 -13.44 -68.03
C THR E 166 6.99 -12.94 -66.59
N PRO E 167 6.84 -13.84 -65.62
CA PRO E 167 6.78 -13.40 -64.20
C PRO E 167 7.93 -12.47 -63.81
N CYS E 168 7.59 -11.26 -63.40
CA CYS E 168 8.56 -10.21 -63.07
C CYS E 168 8.86 -10.08 -61.58
N ILE E 169 7.85 -10.27 -60.73
CA ILE E 169 8.05 -10.17 -59.28
C ILE E 169 8.17 -11.54 -58.62
N SER E 170 8.84 -11.60 -57.47
CA SER E 170 8.98 -12.85 -56.73
C SER E 170 7.97 -12.91 -55.58
N ALA E 171 7.70 -14.11 -55.06
CA ALA E 171 6.78 -14.30 -53.93
C ALA E 171 7.36 -13.85 -52.58
N LYS E 172 8.35 -12.93 -52.65
CA LYS E 172 9.06 -12.27 -51.56
C LYS E 172 9.17 -10.75 -51.80
N ASP E 173 8.96 -10.30 -53.04
CA ASP E 173 8.96 -8.89 -53.45
C ASP E 173 7.51 -8.36 -53.39
N ILE E 174 6.74 -8.69 -52.34
CA ILE E 174 5.35 -8.26 -52.22
C ILE E 174 4.84 -8.40 -50.79
N VAL E 175 3.98 -7.45 -50.34
CA VAL E 175 3.37 -7.45 -49.01
C VAL E 175 1.88 -7.16 -49.17
N TYR E 176 1.00 -8.00 -48.59
CA TYR E 176 -0.44 -7.78 -48.65
C TYR E 176 -0.95 -6.99 -47.46
N ILE E 177 -1.96 -6.13 -47.65
CA ILE E 177 -2.54 -5.33 -46.56
C ILE E 177 -4.07 -5.14 -46.73
N GLY E 178 -4.84 -5.49 -45.71
CA GLY E 178 -6.28 -5.28 -45.66
C GLY E 178 -7.17 -6.43 -46.11
N LEU E 179 -6.57 -7.59 -46.26
CA LEU E 179 -7.19 -8.81 -46.75
C LEU E 179 -8.16 -9.45 -45.75
N ARG E 180 -9.36 -9.79 -46.23
CA ARG E 180 -10.41 -10.41 -45.42
C ARG E 180 -11.39 -11.28 -46.28
N ASP E 181 -10.93 -11.73 -47.47
CA ASP E 181 -11.67 -12.58 -48.39
C ASP E 181 -10.70 -13.26 -49.32
N VAL E 182 -9.95 -14.23 -48.77
CA VAL E 182 -8.91 -15.01 -49.46
C VAL E 182 -9.38 -16.44 -49.69
N ASP E 183 -9.52 -16.86 -50.97
CA ASP E 183 -9.97 -18.20 -51.38
C ASP E 183 -9.07 -19.31 -50.85
N PRO E 184 -9.55 -20.55 -50.68
CA PRO E 184 -8.66 -21.64 -50.24
C PRO E 184 -7.39 -21.86 -51.09
N GLY E 185 -7.53 -21.68 -52.41
CA GLY E 185 -6.43 -21.78 -53.36
C GLY E 185 -5.45 -20.64 -53.16
N GLU E 186 -5.99 -19.42 -52.93
CA GLU E 186 -5.21 -18.19 -52.70
C GLU E 186 -4.44 -18.29 -51.39
N HIS E 187 -5.04 -18.90 -50.37
CA HIS E 187 -4.40 -19.07 -49.07
C HIS E 187 -3.31 -20.16 -49.14
N TYR E 188 -3.50 -21.17 -50.02
CA TYR E 188 -2.53 -22.25 -50.23
C TYR E 188 -1.26 -21.70 -50.85
N ILE E 189 -1.41 -20.80 -51.84
CA ILE E 189 -0.26 -20.16 -52.48
C ILE E 189 0.49 -19.27 -51.45
N LEU E 190 -0.25 -18.40 -50.74
CA LEU E 190 0.26 -17.50 -49.70
C LEU E 190 1.12 -18.22 -48.63
N LYS E 191 0.71 -19.42 -48.21
CA LYS E 191 1.46 -20.17 -47.20
C LYS E 191 2.58 -21.05 -47.78
N THR E 192 2.30 -21.85 -48.83
CA THR E 192 3.36 -22.69 -49.42
C THR E 192 4.35 -21.88 -50.32
N LEU E 193 4.25 -20.55 -50.29
CA LEU E 193 5.18 -19.63 -50.94
C LEU E 193 5.83 -18.71 -49.88
N GLY E 194 5.15 -18.49 -48.75
CA GLY E 194 5.63 -17.64 -47.68
C GLY E 194 5.58 -16.18 -48.09
N ILE E 195 4.37 -15.67 -48.35
CA ILE E 195 4.22 -14.27 -48.75
C ILE E 195 3.91 -13.42 -47.51
N LYS E 196 4.51 -12.23 -47.42
CA LYS E 196 4.27 -11.33 -46.29
C LYS E 196 2.86 -10.79 -46.43
N TYR E 197 2.07 -10.94 -45.37
CA TYR E 197 0.69 -10.52 -45.40
C TYR E 197 0.27 -9.86 -44.13
N PHE E 198 -0.63 -8.93 -44.32
CA PHE E 198 -1.27 -8.15 -43.32
C PHE E 198 -2.78 -8.24 -43.58
N SER E 199 -3.37 -9.37 -43.17
CA SER E 199 -4.80 -9.57 -43.22
C SER E 199 -5.43 -8.59 -42.19
N MET E 200 -6.75 -8.50 -42.17
CA MET E 200 -7.41 -7.62 -41.20
C MET E 200 -7.15 -8.01 -39.76
N THR E 201 -6.65 -9.22 -39.50
CA THR E 201 -6.37 -9.69 -38.17
C THR E 201 -5.16 -9.01 -37.61
N GLU E 202 -4.11 -8.84 -38.42
CA GLU E 202 -2.89 -8.17 -37.96
C GLU E 202 -3.09 -6.66 -37.86
N VAL E 203 -3.84 -6.06 -38.78
CA VAL E 203 -4.12 -4.62 -38.71
C VAL E 203 -4.88 -4.25 -37.40
N ASP E 204 -5.66 -5.22 -36.84
CA ASP E 204 -6.39 -5.09 -35.56
C ASP E 204 -5.45 -5.34 -34.36
N ARG E 205 -4.43 -6.20 -34.55
CA ARG E 205 -3.44 -6.63 -33.56
C ARG E 205 -2.29 -5.65 -33.34
N LEU E 206 -1.77 -5.05 -34.42
CA LEU E 206 -0.62 -4.16 -34.31
C LEU E 206 -0.86 -2.71 -34.72
N GLY E 207 -2.10 -2.34 -35.04
CA GLY E 207 -2.38 -0.98 -35.50
C GLY E 207 -1.76 -0.74 -36.86
N ILE E 208 -2.22 0.28 -37.58
CA ILE E 208 -1.66 0.56 -38.91
C ILE E 208 -0.23 1.15 -38.85
N GLY E 209 0.20 1.59 -37.66
CA GLY E 209 1.54 2.12 -37.42
C GLY E 209 2.61 1.06 -37.50
N LYS E 210 2.46 -0.03 -36.72
CA LYS E 210 3.36 -1.19 -36.72
C LYS E 210 3.16 -2.02 -38.01
N VAL E 211 1.98 -1.95 -38.66
CA VAL E 211 1.72 -2.60 -39.95
C VAL E 211 2.65 -1.97 -40.99
N MET E 212 2.82 -0.63 -40.96
CA MET E 212 3.71 0.08 -41.88
C MET E 212 5.20 -0.02 -41.53
N GLU E 213 5.59 -0.16 -40.23
CA GLU E 213 7.00 -0.37 -39.89
C GLU E 213 7.40 -1.76 -40.44
N GLU E 214 6.57 -2.79 -40.16
CA GLU E 214 6.83 -4.15 -40.62
C GLU E 214 6.77 -4.30 -42.15
N THR E 215 5.89 -3.56 -42.82
CA THR E 215 5.79 -3.60 -44.28
C THR E 215 7.02 -2.92 -44.90
N LEU E 216 7.29 -1.66 -44.48
CA LEU E 216 8.39 -0.85 -44.98
C LEU E 216 9.76 -1.38 -44.66
N SER E 217 9.92 -2.22 -43.62
CA SER E 217 11.23 -2.78 -43.27
C SER E 217 11.47 -4.05 -44.07
N TYR E 218 10.45 -4.93 -44.12
CA TYR E 218 10.49 -6.20 -44.87
C TYR E 218 10.90 -6.00 -46.33
N LEU E 219 10.58 -4.83 -46.91
CA LEU E 219 10.90 -4.57 -48.31
C LEU E 219 12.03 -3.55 -48.51
N LEU E 220 12.26 -2.66 -47.54
CA LEU E 220 13.30 -1.63 -47.70
C LEU E 220 14.45 -1.76 -46.69
N GLY E 221 14.71 -2.97 -46.22
CA GLY E 221 15.76 -3.20 -45.24
C GLY E 221 17.13 -2.94 -45.79
N ARG E 222 17.62 -3.87 -46.63
CA ARG E 222 18.94 -3.82 -47.26
C ARG E 222 19.18 -2.54 -48.09
N LYS E 223 18.28 -2.26 -49.06
CA LYS E 223 18.47 -1.10 -49.93
C LYS E 223 17.24 -0.20 -50.09
N LYS E 224 17.47 1.02 -50.63
CA LYS E 224 16.41 1.96 -50.92
C LYS E 224 15.91 1.60 -52.34
N ARG E 225 14.99 0.62 -52.44
CA ARG E 225 14.47 0.11 -53.72
C ARG E 225 13.08 0.68 -54.13
N PRO E 226 12.76 0.66 -55.43
CA PRO E 226 11.46 1.18 -55.89
C PRO E 226 10.23 0.40 -55.40
N ILE E 227 9.18 1.12 -55.00
CA ILE E 227 7.94 0.58 -54.48
C ILE E 227 6.78 0.86 -55.43
N HIS E 228 5.99 -0.17 -55.72
CA HIS E 228 4.79 -0.03 -56.56
C HIS E 228 3.58 -0.34 -55.71
N LEU E 229 2.69 0.65 -55.50
CA LEU E 229 1.47 0.40 -54.73
C LEU E 229 0.28 0.09 -55.62
N SER E 230 -0.11 -1.19 -55.68
CA SER E 230 -1.28 -1.59 -56.44
C SER E 230 -2.49 -1.60 -55.50
N PHE E 231 -3.16 -0.44 -55.42
CA PHE E 231 -4.30 -0.17 -54.55
C PHE E 231 -5.64 -0.49 -55.22
N ASP E 232 -6.51 -1.14 -54.44
CA ASP E 232 -7.88 -1.48 -54.81
C ASP E 232 -8.75 -0.88 -53.73
N VAL E 233 -9.73 -0.09 -54.15
CA VAL E 233 -10.62 0.58 -53.24
C VAL E 233 -11.50 -0.38 -52.45
N ASP E 234 -11.64 -1.65 -52.89
CA ASP E 234 -12.42 -2.62 -52.10
C ASP E 234 -11.67 -3.06 -50.81
N GLY E 235 -10.37 -2.75 -50.71
CA GLY E 235 -9.57 -2.97 -49.51
C GLY E 235 -10.08 -2.10 -48.38
N LEU E 236 -10.58 -0.87 -48.72
CA LEU E 236 -11.19 0.04 -47.77
C LEU E 236 -12.66 -0.38 -47.58
N ASP E 237 -13.14 -0.35 -46.32
CA ASP E 237 -14.48 -0.72 -45.91
C ASP E 237 -15.56 -0.17 -46.84
N PRO E 238 -16.62 -0.96 -47.16
CA PRO E 238 -17.65 -0.43 -48.06
C PRO E 238 -18.32 0.83 -47.56
N SER E 239 -18.07 1.25 -46.30
CA SER E 239 -18.62 2.50 -45.80
C SER E 239 -17.83 3.71 -46.35
N PHE E 240 -16.60 3.51 -46.87
CA PHE E 240 -15.78 4.58 -47.43
C PHE E 240 -15.76 4.58 -48.97
N THR E 241 -15.54 3.42 -49.58
CA THR E 241 -15.58 3.30 -51.03
C THR E 241 -16.67 2.27 -51.41
N PRO E 242 -17.98 2.63 -51.26
CA PRO E 242 -19.04 1.64 -51.54
C PRO E 242 -19.26 1.24 -53.01
N ALA E 243 -19.06 2.17 -53.95
CA ALA E 243 -19.28 1.90 -55.37
C ALA E 243 -18.12 1.13 -55.99
N THR E 244 -17.97 -0.14 -55.59
CA THR E 244 -16.94 -1.05 -56.07
C THR E 244 -17.60 -2.44 -56.30
N GLY E 245 -17.04 -3.23 -57.20
CA GLY E 245 -17.59 -4.52 -57.58
C GLY E 245 -17.79 -5.58 -56.51
N THR E 246 -16.76 -5.80 -55.68
CA THR E 246 -16.74 -6.84 -54.64
C THR E 246 -16.56 -6.24 -53.24
N PRO E 247 -17.63 -5.64 -52.66
CA PRO E 247 -17.48 -4.98 -51.35
C PRO E 247 -17.46 -5.98 -50.23
N VAL E 248 -16.43 -5.92 -49.37
CA VAL E 248 -16.32 -6.83 -48.23
C VAL E 248 -16.37 -6.02 -46.95
N VAL E 249 -17.39 -6.27 -46.12
CA VAL E 249 -17.57 -5.55 -44.85
C VAL E 249 -16.46 -5.83 -43.82
N GLY E 250 -16.10 -4.80 -43.07
CA GLY E 250 -15.08 -4.88 -42.03
C GLY E 250 -13.66 -4.73 -42.51
N GLY E 251 -13.42 -3.74 -43.38
CA GLY E 251 -12.10 -3.48 -43.94
C GLY E 251 -11.40 -2.24 -43.44
N LEU E 252 -10.33 -1.83 -44.13
CA LEU E 252 -9.54 -0.66 -43.74
C LEU E 252 -10.37 0.59 -43.76
N THR E 253 -10.20 1.45 -42.78
CA THR E 253 -10.93 2.73 -42.70
C THR E 253 -10.24 3.84 -43.56
N TYR E 254 -10.85 5.02 -43.61
CA TYR E 254 -10.38 6.21 -44.29
C TYR E 254 -9.03 6.64 -43.70
N ARG E 255 -8.91 6.62 -42.39
CA ARG E 255 -7.70 7.01 -41.69
C ARG E 255 -6.58 6.01 -41.80
N GLU E 256 -6.89 4.71 -41.93
CA GLU E 256 -5.84 3.69 -42.11
C GLU E 256 -5.32 3.77 -43.53
N GLY E 257 -6.21 3.92 -44.51
CA GLY E 257 -5.83 4.08 -45.91
C GLY E 257 -5.08 5.37 -46.16
N LEU E 258 -5.24 6.39 -45.30
CA LEU E 258 -4.52 7.65 -45.46
C LEU E 258 -3.13 7.53 -44.88
N TYR E 259 -2.99 6.91 -43.71
CA TYR E 259 -1.67 6.71 -43.10
C TYR E 259 -0.77 5.86 -44.00
N ILE E 260 -1.29 4.74 -44.57
CA ILE E 260 -0.56 3.88 -45.51
C ILE E 260 0.13 4.70 -46.63
N THR E 261 -0.65 5.52 -47.34
CA THR E 261 -0.19 6.36 -48.44
C THR E 261 0.71 7.53 -47.96
N GLU E 262 0.57 7.93 -46.70
CA GLU E 262 1.37 9.00 -46.13
C GLU E 262 2.79 8.49 -45.83
N GLU E 263 2.92 7.34 -45.16
CA GLU E 263 4.25 6.78 -44.85
C GLU E 263 4.99 6.25 -46.09
N ILE E 264 4.27 5.98 -47.17
CA ILE E 264 4.88 5.54 -48.41
C ILE E 264 5.49 6.75 -49.14
N TYR E 265 4.86 7.94 -49.06
CA TYR E 265 5.45 9.15 -49.65
C TYR E 265 6.73 9.50 -48.92
N LYS E 266 6.73 9.40 -47.58
CA LYS E 266 7.86 9.72 -46.69
C LYS E 266 9.20 9.05 -47.06
N THR E 267 9.16 7.89 -47.75
CA THR E 267 10.33 7.14 -48.21
C THR E 267 10.99 7.80 -49.44
N GLY E 268 10.14 8.31 -50.33
CA GLY E 268 10.57 8.88 -51.59
C GLY E 268 11.00 7.81 -52.59
N LEU E 269 10.55 6.56 -52.40
CA LEU E 269 10.93 5.46 -53.31
C LEU E 269 9.74 4.92 -54.11
N LEU E 270 8.62 5.65 -54.17
CA LEU E 270 7.46 5.23 -54.91
C LEU E 270 7.66 5.55 -56.41
N SER E 271 7.49 4.54 -57.29
CA SER E 271 7.65 4.69 -58.74
C SER E 271 6.36 4.37 -59.52
N GLY E 272 5.52 3.54 -58.95
CA GLY E 272 4.25 3.18 -59.55
C GLY E 272 3.13 3.33 -58.55
N LEU E 273 1.91 3.57 -59.05
CA LEU E 273 0.70 3.72 -58.26
C LEU E 273 -0.50 3.37 -59.14
N ASP E 274 -1.42 2.57 -58.61
CA ASP E 274 -2.61 2.14 -59.36
C ASP E 274 -3.84 2.21 -58.49
N ILE E 275 -4.75 3.16 -58.77
CA ILE E 275 -6.03 3.19 -58.05
C ILE E 275 -6.98 2.35 -58.91
N MET E 276 -7.44 1.21 -58.37
CA MET E 276 -8.26 0.26 -59.12
C MET E 276 -9.64 -0.01 -58.54
N GLU E 277 -10.60 -0.33 -59.43
CA GLU E 277 -11.96 -0.80 -59.19
C GLU E 277 -13.04 0.25 -58.76
N VAL E 278 -12.90 1.52 -59.16
CA VAL E 278 -13.93 2.52 -58.85
C VAL E 278 -15.00 2.46 -59.94
N ASN E 279 -16.15 1.84 -59.61
CA ASN E 279 -17.28 1.68 -60.53
C ASN E 279 -18.37 2.65 -60.15
N PRO E 280 -18.55 3.73 -60.94
CA PRO E 280 -19.57 4.73 -60.56
C PRO E 280 -21.03 4.27 -60.71
N SER E 281 -21.26 3.13 -61.38
CA SER E 281 -22.62 2.61 -61.51
C SER E 281 -22.98 1.61 -60.39
N LEU E 282 -22.16 1.51 -59.31
CA LEU E 282 -22.40 0.55 -58.25
C LEU E 282 -22.62 1.12 -56.88
N GLY E 283 -23.06 2.37 -56.82
CA GLY E 283 -23.38 3.01 -55.54
C GLY E 283 -24.87 3.20 -55.43
N LYS E 284 -25.49 2.61 -54.39
CA LYS E 284 -26.94 2.69 -54.14
C LYS E 284 -27.52 4.11 -54.30
N THR E 285 -26.81 5.13 -53.81
CA THR E 285 -27.22 6.52 -53.96
C THR E 285 -26.14 7.29 -54.76
N PRO E 286 -26.45 8.44 -55.43
CA PRO E 286 -25.38 9.21 -56.09
C PRO E 286 -24.27 9.66 -55.14
N GLU E 287 -24.56 9.74 -53.82
CA GLU E 287 -23.57 10.13 -52.81
C GLU E 287 -22.54 9.03 -52.57
N GLU E 288 -22.95 7.76 -52.66
CA GLU E 288 -22.04 6.62 -52.49
C GLU E 288 -20.95 6.61 -53.60
N VAL E 289 -21.30 7.08 -54.79
CA VAL E 289 -20.42 7.20 -55.95
C VAL E 289 -19.37 8.30 -55.66
N THR E 290 -19.82 9.43 -55.11
CA THR E 290 -19.03 10.59 -54.71
C THR E 290 -18.06 10.21 -53.59
N ARG E 291 -18.51 9.39 -52.64
CA ARG E 291 -17.71 8.99 -51.50
C ARG E 291 -16.57 8.03 -51.87
N THR E 292 -16.78 7.21 -52.89
CA THR E 292 -15.79 6.25 -53.40
C THR E 292 -14.69 7.01 -54.14
N VAL E 293 -15.09 8.02 -54.94
CA VAL E 293 -14.21 8.84 -55.76
C VAL E 293 -13.43 9.84 -54.91
N ASN E 294 -14.09 10.54 -53.99
CA ASN E 294 -13.41 11.47 -53.08
C ASN E 294 -12.34 10.75 -52.25
N THR E 295 -12.63 9.52 -51.80
CA THR E 295 -11.66 8.74 -51.03
C THR E 295 -10.50 8.29 -51.91
N ALA E 296 -10.76 7.96 -53.19
CA ALA E 296 -9.71 7.57 -54.13
C ALA E 296 -8.79 8.75 -54.40
N VAL E 297 -9.36 9.95 -54.57
CA VAL E 297 -8.59 11.20 -54.74
C VAL E 297 -7.72 11.44 -53.49
N ALA E 298 -8.32 11.32 -52.31
CA ALA E 298 -7.62 11.49 -51.04
C ALA E 298 -6.51 10.48 -50.88
N ILE E 299 -6.67 9.27 -51.44
CA ILE E 299 -5.69 8.22 -51.40
C ILE E 299 -4.52 8.64 -52.30
N THR E 300 -4.84 9.03 -53.55
CA THR E 300 -3.82 9.45 -54.51
C THR E 300 -2.99 10.65 -54.03
N LEU E 301 -3.64 11.77 -53.72
CA LEU E 301 -2.95 12.97 -53.27
C LEU E 301 -2.03 12.76 -52.10
N ALA E 302 -2.34 11.78 -51.22
CA ALA E 302 -1.51 11.48 -50.04
C ALA E 302 -0.16 10.86 -50.43
N CYS E 303 -0.12 10.12 -51.55
CA CYS E 303 1.08 9.46 -52.10
C CYS E 303 2.02 10.45 -52.82
N PHE E 304 1.69 11.75 -52.89
CA PHE E 304 2.51 12.76 -53.56
C PHE E 304 2.77 14.02 -52.74
N GLY E 305 2.58 13.94 -51.42
CA GLY E 305 2.87 15.06 -50.54
C GLY E 305 1.82 15.52 -49.55
N LEU E 306 0.53 15.30 -49.84
CA LEU E 306 -0.55 15.80 -48.97
C LEU E 306 -0.56 15.25 -47.54
N ALA E 307 -0.03 16.04 -46.61
CA ALA E 307 0.01 15.66 -45.20
C ALA E 307 -1.22 16.19 -44.44
N ARG E 308 -1.56 15.55 -43.33
CA ARG E 308 -2.65 16.01 -42.48
C ARG E 308 -2.18 17.13 -41.53
N GLU E 309 -0.88 17.16 -41.20
CA GLU E 309 -0.31 18.21 -40.34
C GLU E 309 -0.15 19.60 -41.04
N GLY E 310 -0.14 19.58 -42.38
CA GLY E 310 0.05 20.77 -43.19
C GLY E 310 1.15 20.62 -44.22
N ASN E 311 1.21 21.55 -45.18
CA ASN E 311 2.21 21.55 -46.25
C ASN E 311 2.47 22.96 -46.72
N HIS E 312 3.57 23.55 -46.24
CA HIS E 312 3.95 24.87 -46.70
C HIS E 312 5.03 24.80 -47.77
N LYS E 313 5.29 25.92 -48.45
CA LYS E 313 6.33 26.02 -49.48
C LYS E 313 7.67 26.49 -48.84
N PRO E 314 8.83 26.36 -49.52
CA PRO E 314 10.10 26.83 -48.90
C PRO E 314 10.31 28.35 -48.94
N ILE E 315 9.41 29.10 -48.31
CA ILE E 315 9.44 30.55 -48.21
C ILE E 315 9.25 30.95 -46.71
N ASP E 316 9.39 32.24 -46.40
CA ASP E 316 9.17 32.72 -45.03
C ASP E 316 7.73 33.25 -44.90
N TYR E 317 6.88 32.52 -44.17
CA TYR E 317 5.49 32.92 -43.99
C TYR E 317 5.32 34.13 -43.05
N LEU E 318 6.40 34.63 -42.47
CA LEU E 318 6.37 35.81 -41.59
C LEU E 318 7.08 37.00 -42.25
N ASN E 319 6.95 37.11 -43.59
CA ASN E 319 7.56 38.16 -44.38
C ASN E 319 6.48 38.85 -45.23
N ALA F 3 36.20 0.73 61.29
CA ALA F 3 35.94 2.05 60.75
C ALA F 3 34.82 2.74 61.50
N LYS F 4 34.83 4.08 61.50
CA LYS F 4 33.77 4.82 62.19
C LYS F 4 32.47 4.77 61.40
N SER F 5 32.54 4.72 60.06
CA SER F 5 31.39 4.57 59.18
C SER F 5 30.75 3.18 59.34
N ARG F 6 31.57 2.15 59.68
CA ARG F 6 31.17 0.75 59.88
C ARG F 6 31.03 0.36 61.35
N THR F 7 30.92 1.33 62.27
CA THR F 7 30.79 1.07 63.73
C THR F 7 29.34 1.29 64.12
N ILE F 8 28.63 0.23 64.54
CA ILE F 8 27.18 0.29 64.77
C ILE F 8 26.72 0.27 66.25
N GLY F 9 25.58 0.94 66.49
CA GLY F 9 24.88 1.00 67.76
C GLY F 9 23.45 0.50 67.59
N ILE F 10 23.30 -0.82 67.33
CA ILE F 10 22.04 -1.55 67.13
C ILE F 10 21.01 -1.27 68.21
N ILE F 11 19.92 -0.56 67.87
CA ILE F 11 18.79 -0.22 68.73
C ILE F 11 17.55 -1.03 68.27
N GLY F 12 16.80 -1.55 69.21
CA GLY F 12 15.54 -2.22 68.92
C GLY F 12 14.41 -1.35 69.43
N ALA F 13 13.29 -1.28 68.67
CA ALA F 13 12.14 -0.47 69.09
C ALA F 13 10.82 -1.18 68.78
N PRO F 14 10.39 -2.07 69.68
CA PRO F 14 9.14 -2.81 69.43
C PRO F 14 7.90 -1.98 69.72
N PHE F 15 7.50 -1.16 68.74
CA PHE F 15 6.39 -0.23 68.86
C PHE F 15 5.44 -0.26 67.64
N SER F 16 4.10 -0.28 67.89
CA SER F 16 3.14 -0.28 66.78
C SER F 16 1.96 0.69 66.93
N LYS F 17 1.82 1.39 68.08
CA LYS F 17 0.69 2.29 68.34
C LYS F 17 0.63 3.58 67.50
N GLY F 18 1.46 3.70 66.47
CA GLY F 18 1.45 4.85 65.57
C GLY F 18 0.80 4.54 64.22
N GLN F 19 0.42 3.28 64.00
CA GLN F 19 -0.24 2.82 62.78
C GLN F 19 -1.37 1.87 63.17
N PRO F 20 -2.41 1.70 62.34
CA PRO F 20 -3.57 0.90 62.76
C PRO F 20 -3.40 -0.61 62.76
N ARG F 21 -2.64 -1.20 61.83
CA ARG F 21 -2.47 -2.66 61.79
C ARG F 21 -1.64 -3.19 62.99
N GLY F 22 -1.61 -4.49 63.20
CA GLY F 22 -0.87 -5.08 64.31
C GLY F 22 0.24 -5.99 63.84
N GLY F 23 1.36 -5.98 64.57
CA GLY F 23 2.47 -6.85 64.23
C GLY F 23 3.72 -6.17 63.71
N VAL F 24 3.77 -4.83 63.77
CA VAL F 24 4.98 -4.10 63.35
C VAL F 24 6.03 -4.12 64.49
N GLU F 25 5.58 -4.25 65.76
CA GLU F 25 6.42 -4.39 66.95
C GLU F 25 7.24 -5.72 66.96
N GLU F 26 7.02 -6.57 65.96
CA GLU F 26 7.76 -7.79 65.77
C GLU F 26 8.92 -7.62 64.74
N GLY F 27 8.99 -6.47 64.06
CA GLY F 27 10.05 -6.17 63.12
C GLY F 27 11.46 -6.37 63.66
N PRO F 28 11.82 -5.84 64.87
CA PRO F 28 13.18 -6.08 65.39
C PRO F 28 13.38 -7.54 65.81
N THR F 29 12.32 -8.13 66.42
CA THR F 29 12.24 -9.51 66.92
C THR F 29 12.59 -10.52 65.82
N VAL F 30 12.06 -10.28 64.62
CA VAL F 30 12.22 -11.11 63.44
C VAL F 30 13.53 -10.81 62.71
N LEU F 31 13.97 -9.54 62.73
CA LEU F 31 15.19 -9.08 62.07
C LEU F 31 16.45 -9.69 62.62
N ARG F 32 16.50 -9.93 63.94
CA ARG F 32 17.67 -10.52 64.58
C ARG F 32 17.85 -11.99 64.19
N LYS F 33 16.73 -12.70 64.02
CA LYS F 33 16.65 -14.10 63.59
C LYS F 33 17.27 -14.32 62.21
N ALA F 34 17.19 -13.31 61.33
CA ALA F 34 17.80 -13.42 60.00
C ALA F 34 19.32 -13.09 59.99
N GLY F 35 19.92 -13.03 61.18
CA GLY F 35 21.34 -12.78 61.36
C GLY F 35 21.83 -11.42 60.95
N LEU F 36 21.07 -10.34 61.21
CA LEU F 36 21.51 -9.00 60.84
C LEU F 36 22.79 -8.59 61.59
N LEU F 37 22.81 -8.78 62.93
CA LEU F 37 23.98 -8.46 63.75
C LEU F 37 25.16 -9.30 63.33
N GLU F 38 24.92 -10.61 63.14
CA GLU F 38 25.92 -11.61 62.76
C GLU F 38 26.53 -11.29 61.40
N LYS F 39 25.70 -11.16 60.33
CA LYS F 39 26.11 -10.80 58.96
C LYS F 39 26.82 -9.46 58.85
N LEU F 40 26.64 -8.59 59.86
CA LEU F 40 27.35 -7.34 59.93
C LEU F 40 28.74 -7.62 60.51
N LYS F 41 28.86 -8.46 61.56
CA LYS F 41 30.19 -8.80 62.11
C LYS F 41 31.06 -9.54 61.08
N GLU F 42 30.46 -10.33 60.19
CA GLU F 42 31.15 -11.00 59.07
C GLU F 42 31.75 -9.92 58.13
N GLN F 43 30.99 -8.84 57.91
CA GLN F 43 31.26 -7.69 57.06
C GLN F 43 32.22 -6.68 57.75
N GLU F 44 33.12 -7.18 58.61
CA GLU F 44 34.07 -6.38 59.38
C GLU F 44 33.40 -5.19 60.09
N CYS F 45 32.31 -5.44 60.85
CA CYS F 45 31.59 -4.37 61.55
C CYS F 45 31.72 -4.46 63.08
N ASP F 46 31.95 -3.32 63.74
CA ASP F 46 32.01 -3.29 65.20
C ASP F 46 30.56 -3.15 65.63
N VAL F 47 29.95 -4.26 66.10
CA VAL F 47 28.55 -4.22 66.46
C VAL F 47 28.31 -4.28 67.98
N LYS F 48 27.65 -3.25 68.55
CA LYS F 48 27.27 -3.30 69.95
C LYS F 48 25.76 -3.40 70.02
N ASP F 49 25.26 -4.49 70.59
CA ASP F 49 23.83 -4.74 70.72
C ASP F 49 23.23 -4.02 71.95
N TYR F 50 22.60 -2.86 71.74
CA TYR F 50 22.00 -2.09 72.84
C TYR F 50 20.68 -2.64 73.38
N GLY F 51 20.09 -3.62 72.72
CA GLY F 51 18.84 -4.22 73.17
C GLY F 51 17.60 -3.67 72.49
N ASP F 52 16.42 -3.95 73.08
CA ASP F 52 15.11 -3.51 72.58
C ASP F 52 14.42 -2.67 73.67
N LEU F 53 14.20 -1.37 73.40
CA LEU F 53 13.58 -0.42 74.33
C LEU F 53 12.33 -0.93 75.03
N PRO F 54 12.21 -0.71 76.35
CA PRO F 54 11.00 -1.14 77.05
C PRO F 54 9.85 -0.18 76.79
N PHE F 55 8.87 -0.64 76.01
CA PHE F 55 7.71 0.16 75.71
C PHE F 55 6.50 -0.33 76.47
N ALA F 56 6.22 0.29 77.63
CA ALA F 56 5.08 -0.06 78.45
C ALA F 56 3.81 0.57 77.86
N ASP F 57 2.67 -0.14 77.97
CA ASP F 57 1.42 0.37 77.44
C ASP F 57 0.76 1.41 78.34
N ILE F 58 0.25 2.49 77.73
CA ILE F 58 -0.43 3.58 78.43
C ILE F 58 -1.93 3.28 78.45
N PRO F 59 -2.51 3.15 79.66
CA PRO F 59 -3.94 2.79 79.74
C PRO F 59 -4.93 3.89 79.38
N ASN F 60 -5.96 3.51 78.61
CA ASN F 60 -7.07 4.36 78.15
C ASN F 60 -6.61 5.70 77.56
N ASP F 61 -5.60 5.65 76.67
CA ASP F 61 -5.03 6.82 76.00
C ASP F 61 -6.04 7.36 75.00
N SER F 62 -6.92 8.26 75.45
CA SER F 62 -7.95 8.85 74.57
C SER F 62 -7.30 9.65 73.45
N PRO F 63 -7.80 9.49 72.21
CA PRO F 63 -7.14 10.14 71.08
C PRO F 63 -7.29 11.66 71.02
N PHE F 64 -6.44 12.30 70.23
CA PHE F 64 -6.45 13.74 70.02
C PHE F 64 -7.12 14.03 68.68
N GLN F 65 -8.40 14.45 68.72
CA GLN F 65 -9.27 14.68 67.58
C GLN F 65 -9.37 13.38 66.77
N ILE F 66 -8.56 13.17 65.72
CA ILE F 66 -8.54 11.89 65.00
C ILE F 66 -7.26 11.08 65.33
N VAL F 67 -6.16 11.79 65.66
CA VAL F 67 -4.84 11.25 66.01
C VAL F 67 -4.93 10.24 67.15
N LYS F 68 -4.95 8.96 66.82
CA LYS F 68 -5.07 7.88 67.80
C LYS F 68 -3.79 7.72 68.60
N ASN F 69 -3.91 7.20 69.84
CA ASN F 69 -2.80 6.94 70.77
C ASN F 69 -1.67 8.01 70.77
N PRO F 70 -1.94 9.31 71.01
CA PRO F 70 -0.85 10.30 70.96
C PRO F 70 0.14 10.27 72.13
N ARG F 71 -0.30 9.92 73.34
CA ARG F 71 0.60 9.84 74.50
C ARG F 71 1.54 8.63 74.37
N SER F 72 1.02 7.52 73.83
CA SER F 72 1.73 6.28 73.61
C SER F 72 2.81 6.36 72.54
N VAL F 73 2.66 7.27 71.56
CA VAL F 73 3.68 7.43 70.52
C VAL F 73 4.76 8.43 70.94
N GLY F 74 4.36 9.61 71.40
CA GLY F 74 5.28 10.66 71.80
C GLY F 74 6.37 10.28 72.78
N LYS F 75 6.06 9.32 73.69
CA LYS F 75 6.97 8.78 74.70
C LYS F 75 7.82 7.65 74.08
N ALA F 76 7.24 6.87 73.17
CA ALA F 76 7.96 5.83 72.45
C ALA F 76 9.08 6.42 71.61
N SER F 77 8.90 7.66 71.12
CA SER F 77 9.89 8.36 70.33
C SER F 77 10.92 9.02 71.27
N GLU F 78 10.45 9.60 72.37
CA GLU F 78 11.25 10.23 73.43
C GLU F 78 12.25 9.22 74.01
N GLN F 79 11.86 7.94 74.11
CA GLN F 79 12.72 6.85 74.58
C GLN F 79 13.89 6.67 73.63
N LEU F 80 13.58 6.55 72.32
CA LEU F 80 14.53 6.36 71.23
C LEU F 80 15.44 7.55 71.09
N ALA F 81 14.93 8.77 71.31
CA ALA F 81 15.76 9.99 71.24
C ALA F 81 16.85 9.97 72.31
N GLY F 82 16.55 9.42 73.47
CA GLY F 82 17.53 9.33 74.55
C GLY F 82 18.60 8.31 74.24
N LYS F 83 18.17 7.13 73.77
CA LYS F 83 19.08 6.04 73.45
C LYS F 83 19.82 6.24 72.10
N VAL F 84 19.35 7.14 71.23
CA VAL F 84 20.03 7.46 69.98
C VAL F 84 21.14 8.43 70.37
N ALA F 85 20.80 9.52 71.09
CA ALA F 85 21.80 10.46 71.60
C ALA F 85 22.91 9.75 72.41
N GLU F 86 22.59 8.59 73.02
CA GLU F 86 23.52 7.77 73.79
C GLU F 86 24.44 6.96 72.85
N VAL F 87 23.88 6.35 71.78
CA VAL F 87 24.67 5.60 70.81
C VAL F 87 25.61 6.56 70.10
N LYS F 88 25.09 7.74 69.70
CA LYS F 88 25.85 8.81 69.07
C LYS F 88 26.94 9.33 70.02
N LYS F 89 26.65 9.39 71.33
CA LYS F 89 27.62 9.83 72.31
C LYS F 89 28.73 8.80 72.46
N ASN F 90 28.38 7.51 72.39
CA ASN F 90 29.32 6.41 72.48
C ASN F 90 30.03 6.14 71.13
N GLY F 91 30.29 7.20 70.38
CA GLY F 91 31.00 7.13 69.11
C GLY F 91 30.47 6.13 68.10
N ARG F 92 29.15 5.87 68.11
CA ARG F 92 28.57 4.92 67.17
C ARG F 92 27.49 5.57 66.27
N ILE F 93 27.20 4.91 65.13
CA ILE F 93 26.17 5.34 64.17
C ILE F 93 24.96 4.53 64.51
N SER F 94 23.92 5.21 64.99
CA SER F 94 22.68 4.55 65.40
C SER F 94 22.02 3.73 64.30
N LEU F 95 21.46 2.58 64.68
CA LEU F 95 20.75 1.74 63.73
C LEU F 95 19.48 1.31 64.43
N VAL F 96 18.34 1.89 64.01
CA VAL F 96 17.05 1.64 64.63
C VAL F 96 16.19 0.65 63.88
N LEU F 97 15.74 -0.40 64.56
CA LEU F 97 14.87 -1.37 63.95
C LEU F 97 13.46 -1.12 64.44
N GLY F 98 12.59 -0.89 63.48
CA GLY F 98 11.18 -0.70 63.76
C GLY F 98 10.38 -1.97 63.53
N GLY F 99 9.08 -1.92 63.83
CA GLY F 99 8.40 -0.72 64.31
C GLY F 99 7.95 0.16 63.15
N ASP F 100 7.04 1.08 63.44
CA ASP F 100 6.51 1.98 62.44
C ASP F 100 7.30 3.30 62.33
N HIS F 101 7.17 4.00 61.20
CA HIS F 101 7.92 5.22 60.97
C HIS F 101 7.59 6.37 61.92
N SER F 102 6.54 6.27 62.78
CA SER F 102 6.27 7.36 63.75
C SER F 102 7.45 7.55 64.76
N LEU F 103 8.25 6.48 64.94
CA LEU F 103 9.46 6.40 65.75
C LEU F 103 10.59 7.29 65.24
N ALA F 104 10.49 7.79 63.98
CA ALA F 104 11.53 8.67 63.42
C ALA F 104 11.60 10.06 64.08
N ILE F 105 10.65 10.36 64.98
CA ILE F 105 10.70 11.59 65.75
C ILE F 105 11.86 11.47 66.73
N GLY F 106 11.97 10.33 67.40
CA GLY F 106 13.06 10.08 68.33
C GLY F 106 14.36 9.79 67.62
N SER F 107 14.29 9.11 66.49
CA SER F 107 15.47 8.77 65.70
C SER F 107 16.20 10.02 65.22
N ILE F 108 15.47 10.97 64.63
CA ILE F 108 16.08 12.20 64.14
C ILE F 108 16.29 13.23 65.29
N SER F 109 15.35 13.35 66.26
CA SER F 109 15.55 14.28 67.39
C SER F 109 16.79 13.91 68.20
N GLY F 110 16.93 12.62 68.54
CA GLY F 110 18.03 12.09 69.30
C GLY F 110 19.37 12.40 68.67
N HIS F 111 19.50 12.16 67.37
CA HIS F 111 20.72 12.42 66.61
C HIS F 111 21.03 13.93 66.66
N ALA F 112 20.02 14.80 66.39
CA ALA F 112 20.14 16.26 66.35
C ALA F 112 20.78 16.90 67.57
N ARG F 113 20.61 16.27 68.73
CA ARG F 113 21.18 16.73 69.98
C ARG F 113 22.70 16.65 69.92
N VAL F 114 23.24 15.53 69.39
CA VAL F 114 24.68 15.27 69.30
C VAL F 114 25.29 15.78 67.97
N HIS F 115 24.48 15.92 66.92
CA HIS F 115 24.96 16.46 65.65
C HIS F 115 23.87 17.35 65.01
N PRO F 116 23.72 18.62 65.43
CA PRO F 116 22.64 19.47 64.86
C PRO F 116 22.78 19.91 63.40
N ASP F 117 23.80 19.46 62.69
CA ASP F 117 24.00 19.81 61.27
C ASP F 117 23.64 18.68 60.30
N LEU F 118 22.85 17.68 60.75
CA LEU F 118 22.54 16.52 59.93
C LEU F 118 21.55 16.77 58.78
N GLY F 119 21.77 16.03 57.70
CA GLY F 119 20.90 16.05 56.53
C GLY F 119 20.08 14.79 56.53
N VAL F 120 18.77 14.87 56.25
CA VAL F 120 17.89 13.70 56.26
C VAL F 120 17.61 13.13 54.87
N ILE F 121 17.85 11.83 54.70
CA ILE F 121 17.55 11.15 53.45
C ILE F 121 16.41 10.21 53.81
N TRP F 122 15.21 10.52 53.29
CA TRP F 122 13.95 9.84 53.57
C TRP F 122 13.50 8.95 52.40
N VAL F 123 13.73 7.63 52.51
CA VAL F 123 13.35 6.69 51.44
C VAL F 123 12.07 5.95 51.80
N ASP F 124 10.94 6.48 51.30
CA ASP F 124 9.56 6.05 51.60
C ASP F 124 8.63 6.33 50.40
N ALA F 125 7.48 5.65 50.33
CA ALA F 125 6.47 5.92 49.30
C ALA F 125 5.63 7.17 49.67
N HIS F 126 5.65 7.59 50.94
CA HIS F 126 4.87 8.76 51.37
C HIS F 126 5.81 9.83 51.94
N THR F 127 5.34 11.09 51.96
CA THR F 127 6.13 12.19 52.49
C THR F 127 6.12 12.19 54.02
N ASP F 128 5.07 11.62 54.66
CA ASP F 128 4.90 11.57 56.11
C ASP F 128 5.05 12.95 56.74
N ILE F 129 4.40 13.94 56.14
CA ILE F 129 4.50 15.31 56.61
C ILE F 129 3.13 15.92 57.02
N ASN F 130 2.16 15.05 57.34
CA ASN F 130 0.86 15.50 57.81
C ASN F 130 1.00 16.12 59.20
N THR F 131 0.15 17.09 59.47
CA THR F 131 0.06 17.74 60.77
C THR F 131 -1.14 17.07 61.49
N PRO F 132 -1.21 17.09 62.84
CA PRO F 132 -2.38 16.47 63.51
C PRO F 132 -3.74 17.02 63.04
N LEU F 133 -3.75 18.12 62.28
CA LEU F 133 -5.00 18.68 61.74
C LEU F 133 -5.22 18.24 60.30
N THR F 134 -4.18 18.23 59.44
CA THR F 134 -4.34 17.78 58.05
C THR F 134 -4.52 16.27 57.92
N THR F 135 -4.15 15.50 58.95
CA THR F 135 -4.29 14.06 58.89
C THR F 135 -5.76 13.66 58.81
N THR F 136 -6.13 12.98 57.72
CA THR F 136 -7.49 12.47 57.55
C THR F 136 -7.60 11.03 58.14
N SER F 137 -6.49 10.27 58.14
CA SER F 137 -6.36 8.91 58.69
C SER F 137 -6.19 8.91 60.22
N GLY F 138 -5.49 9.92 60.73
CA GLY F 138 -5.26 10.07 62.16
C GLY F 138 -4.20 9.14 62.71
N ASN F 139 -3.24 8.73 61.87
CA ASN F 139 -2.15 7.85 62.26
C ASN F 139 -0.81 8.60 62.34
N LEU F 140 -0.16 8.52 63.50
CA LEU F 140 1.11 9.19 63.76
C LEU F 140 2.30 8.69 62.90
N HIS F 141 2.15 7.55 62.21
CA HIS F 141 3.18 7.08 61.29
C HIS F 141 3.21 7.91 59.98
N GLY F 142 2.16 8.67 59.71
CA GLY F 142 2.09 9.58 58.57
C GLY F 142 2.36 11.04 58.92
N GLN F 143 2.80 11.30 60.15
CA GLN F 143 3.08 12.66 60.60
C GLN F 143 4.55 12.97 61.04
N PRO F 144 5.51 12.00 61.08
CA PRO F 144 6.85 12.26 61.62
C PRO F 144 7.61 13.48 61.14
N VAL F 145 7.65 13.77 59.84
CA VAL F 145 8.43 14.88 59.33
C VAL F 145 7.91 16.23 59.83
N SER F 146 6.58 16.34 60.04
CA SER F 146 5.95 17.59 60.50
C SER F 146 6.42 18.07 61.88
N PHE F 147 6.53 17.15 62.84
CA PHE F 147 7.00 17.49 64.18
C PHE F 147 8.47 17.98 64.21
N LEU F 148 9.26 17.65 63.17
CA LEU F 148 10.68 17.95 63.16
C LEU F 148 11.10 19.20 62.46
N LEU F 149 10.34 19.65 61.44
CA LEU F 149 10.72 20.86 60.71
C LEU F 149 10.51 22.13 61.53
N LYS F 150 11.47 23.06 61.46
CA LYS F 150 11.44 24.37 62.12
C LYS F 150 10.44 25.32 61.42
N GLU F 151 10.23 25.14 60.11
CA GLU F 151 9.28 25.93 59.32
C GLU F 151 7.80 25.66 59.69
N LEU F 152 7.55 24.53 60.35
CA LEU F 152 6.20 24.19 60.80
C LEU F 152 5.98 24.52 62.29
N LYS F 153 6.86 25.32 62.90
CA LYS F 153 6.73 25.70 64.31
C LYS F 153 5.52 26.63 64.41
N GLY F 154 4.64 26.36 65.38
CA GLY F 154 3.41 27.13 65.52
C GLY F 154 2.26 26.52 64.73
N LYS F 155 2.58 25.87 63.60
CA LYS F 155 1.61 25.16 62.77
C LYS F 155 1.21 23.78 63.35
N ILE F 156 1.77 23.41 64.52
CA ILE F 156 1.50 22.15 65.19
C ILE F 156 0.74 22.49 66.47
N PRO F 157 -0.38 21.81 66.73
CA PRO F 157 -1.11 22.08 67.98
C PRO F 157 -0.43 21.39 69.17
N ASP F 158 -0.98 21.58 70.38
CA ASP F 158 -0.43 20.93 71.55
C ASP F 158 -0.92 19.48 71.52
N VAL F 159 -0.02 18.51 71.38
CA VAL F 159 -0.41 17.09 71.30
C VAL F 159 -0.03 16.33 72.60
N PRO F 160 -0.96 15.54 73.19
CA PRO F 160 -0.63 14.86 74.45
C PRO F 160 0.44 13.81 74.22
N GLY F 161 1.49 13.85 75.04
CA GLY F 161 2.62 12.94 74.90
C GLY F 161 3.77 13.53 74.11
N PHE F 162 3.55 14.66 73.44
CA PHE F 162 4.59 15.29 72.62
C PHE F 162 5.07 16.64 73.15
N SER F 163 4.98 16.89 74.47
CA SER F 163 5.43 18.16 75.03
C SER F 163 6.91 18.42 74.83
N TRP F 164 7.73 17.37 75.00
CA TRP F 164 9.21 17.35 74.91
C TRP F 164 9.81 17.74 73.54
N VAL F 165 8.97 17.75 72.48
CA VAL F 165 9.39 17.97 71.09
C VAL F 165 9.73 19.44 70.71
N THR F 166 10.93 19.65 70.17
CA THR F 166 11.43 20.92 69.64
C THR F 166 11.83 20.61 68.16
N PRO F 167 11.50 21.48 67.19
CA PRO F 167 11.88 21.20 65.80
C PRO F 167 13.38 21.32 65.57
N CYS F 168 13.98 20.28 64.99
CA CYS F 168 15.41 20.22 64.77
C CYS F 168 15.86 20.49 63.33
N ILE F 169 15.27 19.78 62.35
CA ILE F 169 15.66 19.98 60.96
C ILE F 169 14.94 21.14 60.34
N SER F 170 15.56 21.74 59.35
CA SER F 170 14.93 22.77 58.54
C SER F 170 14.44 22.01 57.29
N ALA F 171 13.39 22.50 56.63
CA ALA F 171 12.84 21.84 55.44
C ALA F 171 13.87 21.62 54.33
N LYS F 172 14.96 22.38 54.35
CA LYS F 172 16.03 22.22 53.37
C LYS F 172 16.96 21.03 53.71
N ASP F 173 16.95 20.55 54.96
CA ASP F 173 17.77 19.41 55.37
C ASP F 173 17.04 18.07 55.18
N ILE F 174 16.32 17.90 54.05
CA ILE F 174 15.63 16.64 53.78
C ILE F 174 15.45 16.40 52.28
N VAL F 175 15.79 15.17 51.81
CA VAL F 175 15.55 14.78 50.41
C VAL F 175 14.72 13.50 50.36
N TYR F 176 13.59 13.56 49.66
CA TYR F 176 12.68 12.44 49.52
C TYR F 176 12.99 11.70 48.27
N ILE F 177 13.06 10.35 48.35
CA ILE F 177 13.36 9.51 47.19
C ILE F 177 12.44 8.32 47.16
N GLY F 178 11.46 8.30 46.26
CA GLY F 178 10.58 7.12 46.13
C GLY F 178 9.11 7.34 46.47
N LEU F 179 8.69 8.61 46.57
CA LEU F 179 7.33 9.01 46.90
C LEU F 179 6.37 8.70 45.76
N ARG F 180 5.12 8.33 46.09
CA ARG F 180 4.07 8.01 45.12
C ARG F 180 2.65 8.13 45.69
N ASP F 181 2.47 7.92 47.00
CA ASP F 181 1.16 8.07 47.62
C ASP F 181 1.22 9.22 48.62
N VAL F 182 1.01 10.43 48.11
CA VAL F 182 1.10 11.65 48.89
C VAL F 182 -0.23 12.38 48.91
N ASP F 183 -0.76 12.67 50.12
CA ASP F 183 -2.03 13.36 50.36
C ASP F 183 -2.05 14.80 49.87
N PRO F 184 -3.23 15.34 49.53
CA PRO F 184 -3.31 16.76 49.13
C PRO F 184 -2.68 17.75 50.12
N GLY F 185 -2.85 17.48 51.42
CA GLY F 185 -2.33 18.30 52.50
C GLY F 185 -0.84 18.19 52.62
N GLU F 186 -0.31 16.97 52.44
CA GLU F 186 1.12 16.71 52.46
C GLU F 186 1.77 17.46 51.29
N HIS F 187 1.21 17.31 50.07
CA HIS F 187 1.72 17.90 48.83
C HIS F 187 1.70 19.41 48.84
N TYR F 188 0.75 20.03 49.56
CA TYR F 188 0.72 21.50 49.67
C TYR F 188 1.86 21.95 50.59
N ILE F 189 2.20 21.18 51.64
CA ILE F 189 3.32 21.50 52.50
C ILE F 189 4.60 21.35 51.67
N LEU F 190 4.72 20.21 50.99
CA LEU F 190 5.84 19.86 50.11
C LEU F 190 6.23 20.98 49.12
N LYS F 191 5.24 21.56 48.40
CA LYS F 191 5.50 22.58 47.38
C LYS F 191 5.57 24.02 47.85
N THR F 192 5.04 24.33 49.03
CA THR F 192 5.06 25.71 49.52
C THR F 192 6.35 26.00 50.35
N LEU F 193 6.96 24.95 50.93
CA LEU F 193 8.21 25.06 51.69
C LEU F 193 9.49 24.80 50.88
N GLY F 194 9.35 24.46 49.61
CA GLY F 194 10.52 24.25 48.75
C GLY F 194 11.18 22.89 48.69
N ILE F 195 11.17 22.11 49.80
CA ILE F 195 11.80 20.77 49.98
C ILE F 195 12.20 20.05 48.67
N LYS F 196 13.45 19.52 48.60
CA LYS F 196 13.91 18.78 47.43
C LYS F 196 13.30 17.38 47.46
N TYR F 197 12.72 16.96 46.34
CA TYR F 197 12.09 15.66 46.27
C TYR F 197 12.26 15.01 44.92
N PHE F 198 12.31 13.70 44.96
CA PHE F 198 12.40 12.83 43.82
C PHE F 198 11.33 11.75 44.00
N SER F 199 10.12 12.02 43.50
CA SER F 199 9.05 11.04 43.55
C SER F 199 9.35 9.99 42.46
N MET F 200 8.45 9.01 42.25
CA MET F 200 8.69 8.00 41.22
C MET F 200 8.89 8.62 39.82
N THR F 201 8.13 9.68 39.51
CA THR F 201 8.17 10.42 38.24
C THR F 201 9.53 11.03 37.97
N GLU F 202 10.22 11.43 39.04
CA GLU F 202 11.53 12.04 39.02
C GLU F 202 12.60 10.97 38.81
N VAL F 203 12.44 9.80 39.45
CA VAL F 203 13.34 8.66 39.30
C VAL F 203 13.20 8.02 37.90
N ASP F 204 12.00 8.14 37.27
CA ASP F 204 11.77 7.62 35.92
C ASP F 204 12.40 8.49 34.85
N ARG F 205 12.42 9.79 35.08
CA ARG F 205 12.99 10.80 34.18
C ARG F 205 14.51 10.68 34.15
N LEU F 206 15.12 10.56 35.34
CA LEU F 206 16.57 10.56 35.51
C LEU F 206 17.25 9.20 35.56
N GLY F 207 16.68 8.27 36.31
CA GLY F 207 17.31 6.99 36.59
C GLY F 207 17.91 7.06 37.99
N ILE F 208 18.09 5.93 38.68
CA ILE F 208 18.60 5.96 40.07
C ILE F 208 20.08 6.46 40.19
N GLY F 209 20.77 6.61 39.05
CA GLY F 209 22.13 7.12 39.02
C GLY F 209 22.21 8.62 39.23
N LYS F 210 21.46 9.39 38.43
CA LYS F 210 21.41 10.85 38.50
C LYS F 210 20.64 11.34 39.72
N VAL F 211 19.64 10.57 40.18
CA VAL F 211 18.85 10.95 41.36
C VAL F 211 19.76 10.98 42.59
N MET F 212 20.60 9.96 42.73
CA MET F 212 21.54 9.90 43.83
C MET F 212 22.68 10.94 43.73
N GLU F 213 23.01 11.35 42.51
CA GLU F 213 23.99 12.38 42.27
C GLU F 213 23.43 13.76 42.71
N GLU F 214 22.13 14.02 42.46
CA GLU F 214 21.50 15.29 42.88
C GLU F 214 21.14 15.31 44.38
N THR F 215 20.68 14.19 44.94
CA THR F 215 20.34 14.10 46.35
C THR F 215 21.55 14.46 47.25
N LEU F 216 22.69 13.80 47.00
CA LEU F 216 23.89 13.99 47.78
C LEU F 216 24.57 15.32 47.46
N SER F 217 24.42 15.85 46.23
CA SER F 217 25.02 17.14 45.89
C SER F 217 24.28 18.25 46.61
N TYR F 218 22.96 18.22 46.56
CA TYR F 218 22.11 19.23 47.19
C TYR F 218 22.39 19.30 48.70
N LEU F 219 22.50 18.15 49.36
CA LEU F 219 22.71 18.10 50.80
C LEU F 219 24.16 18.34 51.20
N LEU F 220 25.12 17.93 50.34
CA LEU F 220 26.55 18.07 50.57
C LEU F 220 27.21 18.95 49.52
N GLY F 221 27.06 20.26 49.67
CA GLY F 221 27.62 21.22 48.73
C GLY F 221 28.36 22.35 49.41
N ARG F 222 27.96 22.72 50.63
CA ARG F 222 28.62 23.76 51.42
C ARG F 222 29.59 23.11 52.44
N LYS F 223 29.13 22.01 53.08
CA LYS F 223 29.88 21.24 54.07
C LYS F 223 29.51 19.75 54.03
N LYS F 224 30.51 18.86 54.25
CA LYS F 224 30.34 17.40 54.29
C LYS F 224 29.67 17.02 55.63
N ARG F 225 28.36 17.22 55.72
CA ARG F 225 27.56 17.01 56.92
C ARG F 225 27.10 15.56 57.08
N PRO F 226 26.74 15.13 58.31
CA PRO F 226 26.33 13.74 58.49
C PRO F 226 24.96 13.44 57.94
N ILE F 227 24.85 12.36 57.16
CA ILE F 227 23.60 11.89 56.56
C ILE F 227 22.82 11.01 57.56
N HIS F 228 21.48 11.15 57.61
CA HIS F 228 20.60 10.34 58.46
C HIS F 228 19.52 9.69 57.59
N LEU F 229 19.68 8.38 57.30
CA LEU F 229 18.73 7.63 56.46
C LEU F 229 17.53 7.09 57.22
N SER F 230 16.33 7.52 56.84
CA SER F 230 15.08 7.02 57.42
C SER F 230 14.40 6.17 56.34
N PHE F 231 14.68 4.87 56.33
CA PHE F 231 14.18 3.99 55.31
C PHE F 231 12.92 3.29 55.76
N ASP F 232 11.86 3.45 54.98
CA ASP F 232 10.59 2.77 55.20
C ASP F 232 10.56 1.72 54.12
N VAL F 233 10.46 0.43 54.48
CA VAL F 233 10.49 -0.67 53.51
C VAL F 233 9.35 -0.58 52.46
N ASP F 234 8.33 0.26 52.67
CA ASP F 234 7.26 0.41 51.68
C ASP F 234 7.67 1.24 50.46
N GLY F 235 8.79 1.96 50.54
CA GLY F 235 9.34 2.72 49.43
C GLY F 235 9.71 1.83 48.25
N LEU F 236 10.06 0.56 48.54
CA LEU F 236 10.37 -0.44 47.52
C LEU F 236 9.06 -1.15 47.10
N ASP F 237 8.98 -1.57 45.83
CA ASP F 237 7.80 -2.20 45.25
C ASP F 237 7.27 -3.38 46.07
N PRO F 238 5.94 -3.53 46.18
CA PRO F 238 5.40 -4.64 46.97
C PRO F 238 5.76 -6.05 46.48
N SER F 239 6.39 -6.17 45.30
CA SER F 239 6.89 -7.47 44.80
C SER F 239 8.23 -7.90 45.49
N PHE F 240 8.82 -6.99 46.28
CA PHE F 240 10.07 -7.20 47.01
C PHE F 240 9.76 -7.17 48.52
N THR F 241 9.07 -6.13 48.99
CA THR F 241 8.72 -6.00 50.40
C THR F 241 7.21 -6.04 50.61
N PRO F 242 6.58 -7.23 50.48
CA PRO F 242 5.13 -7.31 50.66
C PRO F 242 4.65 -7.26 52.12
N ALA F 243 5.48 -7.67 53.08
CA ALA F 243 5.06 -7.63 54.48
C ALA F 243 5.23 -6.24 55.14
N THR F 244 4.50 -5.25 54.65
CA THR F 244 4.51 -3.90 55.20
C THR F 244 3.08 -3.39 55.34
N GLY F 245 2.86 -2.53 56.33
CA GLY F 245 1.55 -1.97 56.63
C GLY F 245 0.85 -1.25 55.50
N THR F 246 1.59 -0.46 54.67
CA THR F 246 0.98 0.28 53.54
C THR F 246 1.68 0.01 52.18
N PRO F 247 1.36 -1.09 51.48
CA PRO F 247 1.99 -1.35 50.18
C PRO F 247 1.41 -0.51 49.03
N VAL F 248 2.27 0.24 48.29
CA VAL F 248 1.85 1.05 47.15
C VAL F 248 2.66 0.60 45.94
N VAL F 249 1.97 0.19 44.86
CA VAL F 249 2.66 -0.33 43.68
C VAL F 249 3.34 0.78 42.84
N GLY F 250 4.30 0.37 42.02
CA GLY F 250 5.01 1.28 41.12
C GLY F 250 6.17 2.01 41.76
N GLY F 251 6.85 1.34 42.69
CA GLY F 251 7.99 1.89 43.42
C GLY F 251 9.34 1.30 43.10
N LEU F 252 10.37 1.77 43.83
CA LEU F 252 11.77 1.38 43.66
C LEU F 252 12.01 -0.12 43.71
N THR F 253 12.86 -0.57 42.82
CA THR F 253 13.19 -1.98 42.70
C THR F 253 14.24 -2.39 43.78
N TYR F 254 14.67 -3.66 43.76
CA TYR F 254 15.67 -4.19 44.66
C TYR F 254 17.00 -3.46 44.36
N ARG F 255 17.36 -3.32 43.08
CA ARG F 255 18.59 -2.67 42.61
C ARG F 255 18.61 -1.17 42.86
N GLU F 256 17.48 -0.48 42.66
CA GLU F 256 17.41 0.95 42.96
C GLU F 256 17.53 1.15 44.48
N GLY F 257 16.89 0.30 45.26
CA GLY F 257 17.00 0.36 46.71
C GLY F 257 18.41 0.20 47.22
N LEU F 258 19.20 -0.64 46.51
CA LEU F 258 20.60 -0.92 46.82
C LEU F 258 21.52 0.15 46.30
N TYR F 259 21.22 0.73 45.15
CA TYR F 259 22.04 1.79 44.60
C TYR F 259 22.09 3.02 45.51
N ILE F 260 20.95 3.36 46.13
CA ILE F 260 20.86 4.48 47.05
C ILE F 260 21.88 4.27 48.21
N THR F 261 21.81 3.13 48.88
CA THR F 261 22.61 2.80 50.06
C THR F 261 24.08 2.50 49.74
N GLU F 262 24.41 1.95 48.56
CA GLU F 262 25.81 1.74 48.18
C GLU F 262 26.52 3.13 48.03
N GLU F 263 25.81 4.10 47.47
CA GLU F 263 26.32 5.43 47.28
C GLU F 263 26.43 6.21 48.58
N ILE F 264 25.44 6.03 49.48
CA ILE F 264 25.44 6.68 50.79
C ILE F 264 26.62 6.18 51.63
N TYR F 265 26.97 4.88 51.48
CA TYR F 265 28.12 4.32 52.18
C TYR F 265 29.40 5.01 51.72
N LYS F 266 29.58 5.18 50.39
CA LYS F 266 30.73 5.84 49.77
C LYS F 266 30.96 7.27 50.26
N THR F 267 29.92 7.93 50.82
CA THR F 267 30.08 9.26 51.41
C THR F 267 30.90 9.19 52.72
N GLY F 268 30.62 8.14 53.50
CA GLY F 268 31.21 7.92 54.81
C GLY F 268 30.46 8.64 55.93
N LEU F 269 29.61 9.61 55.57
CA LEU F 269 28.91 10.49 56.49
C LEU F 269 27.61 9.96 57.06
N LEU F 270 27.11 8.78 56.68
CA LEU F 270 25.87 8.24 57.28
C LEU F 270 26.11 8.01 58.78
N SER F 271 25.59 8.88 59.66
CA SER F 271 25.74 8.77 61.12
C SER F 271 24.50 8.23 61.85
N GLY F 272 23.41 7.99 61.14
CA GLY F 272 22.19 7.48 61.73
C GLY F 272 21.36 6.77 60.69
N LEU F 273 20.81 5.60 61.05
CA LEU F 273 20.06 4.76 60.14
C LEU F 273 18.70 4.25 60.74
N ASP F 274 17.68 4.05 59.88
CA ASP F 274 16.33 3.61 60.25
C ASP F 274 15.90 2.46 59.33
N ILE F 275 15.31 1.37 59.88
CA ILE F 275 14.77 0.22 59.14
C ILE F 275 13.33 0.10 59.62
N MET F 276 12.38 0.71 58.89
CA MET F 276 11.00 0.83 59.35
C MET F 276 9.89 0.15 58.52
N GLU F 277 8.79 -0.20 59.20
CA GLU F 277 7.57 -0.78 58.64
C GLU F 277 7.69 -2.24 58.21
N VAL F 278 8.38 -3.05 59.00
CA VAL F 278 8.47 -4.49 58.76
C VAL F 278 7.36 -5.13 59.61
N ASN F 279 6.36 -5.77 58.98
CA ASN F 279 5.25 -6.39 59.70
C ASN F 279 5.08 -7.87 59.29
N PRO F 280 5.68 -8.81 60.05
CA PRO F 280 5.56 -10.23 59.68
C PRO F 280 4.15 -10.83 59.75
N SER F 281 3.23 -10.14 60.44
CA SER F 281 1.84 -10.62 60.51
C SER F 281 0.99 -10.21 59.28
N LEU F 282 1.61 -9.59 58.25
CA LEU F 282 0.85 -9.16 57.08
C LEU F 282 1.23 -9.85 55.78
N GLY F 283 2.20 -10.74 55.81
CA GLY F 283 2.58 -11.48 54.61
C GLY F 283 1.48 -12.44 54.21
N LYS F 284 1.21 -12.55 52.91
CA LYS F 284 0.16 -13.44 52.43
C LYS F 284 0.61 -14.91 52.45
N THR F 285 1.91 -15.12 52.23
CA THR F 285 2.54 -16.43 52.25
C THR F 285 3.72 -16.39 53.26
N PRO F 286 4.13 -17.53 53.84
CA PRO F 286 5.32 -17.51 54.73
C PRO F 286 6.59 -17.05 53.99
N GLU F 287 6.62 -17.25 52.67
CA GLU F 287 7.71 -16.86 51.79
C GLU F 287 7.77 -15.32 51.63
N GLU F 288 6.61 -14.63 51.65
CA GLU F 288 6.55 -13.18 51.54
C GLU F 288 7.24 -12.48 52.68
N VAL F 289 7.18 -13.07 53.88
CA VAL F 289 7.88 -12.54 55.03
C VAL F 289 9.38 -12.71 54.81
N THR F 290 9.83 -13.94 54.46
CA THR F 290 11.22 -14.29 54.11
C THR F 290 11.82 -13.27 53.12
N ARG F 291 11.06 -12.99 52.04
CA ARG F 291 11.42 -12.08 50.97
C ARG F 291 11.60 -10.64 51.47
N THR F 292 10.67 -10.19 52.32
CA THR F 292 10.62 -8.83 52.87
C THR F 292 11.88 -8.58 53.70
N VAL F 293 12.10 -9.40 54.76
CA VAL F 293 13.23 -9.36 55.68
C VAL F 293 14.57 -9.38 54.92
N ASN F 294 14.67 -10.18 53.86
CA ASN F 294 15.89 -10.29 53.04
C ASN F 294 16.20 -9.06 52.23
N THR F 295 15.19 -8.24 51.94
CA THR F 295 15.37 -6.98 51.21
C THR F 295 15.88 -5.95 52.23
N ALA F 296 15.14 -5.78 53.33
CA ALA F 296 15.47 -4.87 54.42
C ALA F 296 16.83 -5.18 55.10
N VAL F 297 17.33 -6.43 54.98
CA VAL F 297 18.64 -6.82 55.52
C VAL F 297 19.69 -6.34 54.52
N ALA F 298 19.48 -6.63 53.22
CA ALA F 298 20.38 -6.20 52.15
C ALA F 298 20.58 -4.70 52.13
N ILE F 299 19.50 -3.89 52.39
CA ILE F 299 19.56 -2.41 52.47
C ILE F 299 20.64 -2.00 53.48
N THR F 300 20.62 -2.67 54.66
CA THR F 300 21.49 -2.43 55.80
C THR F 300 22.89 -2.85 55.53
N LEU F 301 23.09 -4.03 54.95
CA LEU F 301 24.44 -4.53 54.70
C LEU F 301 25.14 -3.67 53.67
N ALA F 302 24.44 -3.21 52.64
CA ALA F 302 25.05 -2.29 51.65
C ALA F 302 25.29 -0.88 52.23
N CYS F 303 24.53 -0.53 53.29
CA CYS F 303 24.66 0.70 54.06
C CYS F 303 26.02 0.70 54.79
N PHE F 304 26.47 -0.47 55.26
CA PHE F 304 27.71 -0.58 56.00
C PHE F 304 28.86 -1.24 55.21
N GLY F 305 28.80 -1.17 53.87
CA GLY F 305 29.89 -1.61 53.01
C GLY F 305 29.73 -2.79 52.07
N LEU F 306 28.65 -3.59 52.16
CA LEU F 306 28.49 -4.76 51.28
C LEU F 306 28.23 -4.36 49.83
N ALA F 307 29.27 -4.48 49.00
CA ALA F 307 29.25 -4.09 47.60
C ALA F 307 28.93 -5.21 46.62
N ARG F 308 28.23 -4.88 45.52
CA ARG F 308 27.83 -5.86 44.51
C ARG F 308 29.02 -6.32 43.65
N GLU F 309 29.98 -5.41 43.42
CA GLU F 309 31.21 -5.67 42.69
C GLU F 309 32.18 -6.61 43.43
N GLY F 310 31.98 -6.84 44.73
CA GLY F 310 32.84 -7.67 45.55
C GLY F 310 33.50 -6.90 46.67
N ASN F 311 33.98 -7.59 47.71
CA ASN F 311 34.68 -6.98 48.85
C ASN F 311 35.90 -7.82 49.20
N HIS F 312 36.99 -7.19 49.65
CA HIS F 312 38.21 -7.91 50.05
C HIS F 312 38.97 -7.23 51.18
N LYS F 313 39.81 -7.99 51.90
CA LYS F 313 40.61 -7.47 53.01
C LYS F 313 41.96 -6.88 52.52
N PRO F 314 42.57 -5.91 53.24
CA PRO F 314 43.84 -5.32 52.76
C PRO F 314 45.04 -6.22 53.04
N ILE F 315 45.09 -7.33 52.30
CA ILE F 315 46.04 -8.42 52.30
C ILE F 315 46.27 -8.88 50.83
N ASP F 316 47.30 -9.71 50.61
CA ASP F 316 47.54 -10.26 49.26
C ASP F 316 46.95 -11.66 49.18
N TYR F 317 45.75 -11.77 48.59
CA TYR F 317 45.04 -13.05 48.44
C TYR F 317 45.78 -14.04 47.56
N LEU F 318 46.59 -13.55 46.62
CA LEU F 318 47.36 -14.39 45.70
C LEU F 318 48.71 -14.87 46.26
N ASN F 319 49.10 -14.41 47.44
CA ASN F 319 50.35 -14.82 48.08
C ASN F 319 50.10 -15.23 49.54
#